data_1DTP
# 
_entry.id   1DTP 
# 
_audit_conform.dict_name       mmcif_pdbx.dic 
_audit_conform.dict_version    5.385 
_audit_conform.dict_location   http://mmcif.pdb.org/dictionaries/ascii/mmcif_pdbx.dic 
# 
loop_
_database_2.database_id 
_database_2.database_code 
_database_2.pdbx_database_accession 
_database_2.pdbx_DOI 
PDB   1DTP         pdb_00001dtp 10.2210/pdb1dtp/pdb 
WWPDB D_1000172935 ?            ?                   
# 
loop_
_pdbx_audit_revision_history.ordinal 
_pdbx_audit_revision_history.data_content_type 
_pdbx_audit_revision_history.major_revision 
_pdbx_audit_revision_history.minor_revision 
_pdbx_audit_revision_history.revision_date 
1 'Structure model' 1 0 1994-11-01 
2 'Structure model' 1 1 2008-03-03 
3 'Structure model' 1 2 2011-07-13 
4 'Structure model' 1 3 2024-02-07 
# 
_pdbx_audit_revision_details.ordinal             1 
_pdbx_audit_revision_details.revision_ordinal    1 
_pdbx_audit_revision_details.data_content_type   'Structure model' 
_pdbx_audit_revision_details.provider            repository 
_pdbx_audit_revision_details.type                'Initial release' 
_pdbx_audit_revision_details.description         ? 
_pdbx_audit_revision_details.details             ? 
# 
loop_
_pdbx_audit_revision_group.ordinal 
_pdbx_audit_revision_group.revision_ordinal 
_pdbx_audit_revision_group.data_content_type 
_pdbx_audit_revision_group.group 
1 2 'Structure model' 'Version format compliance' 
2 3 'Structure model' 'Version format compliance' 
3 4 'Structure model' 'Data collection'           
4 4 'Structure model' 'Database references'       
5 4 'Structure model' 'Derived calculations'      
6 4 'Structure model' Other                       
# 
loop_
_pdbx_audit_revision_category.ordinal 
_pdbx_audit_revision_category.revision_ordinal 
_pdbx_audit_revision_category.data_content_type 
_pdbx_audit_revision_category.category 
1 4 'Structure model' chem_comp_atom       
2 4 'Structure model' chem_comp_bond       
3 4 'Structure model' database_2           
4 4 'Structure model' pdbx_database_status 
5 4 'Structure model' struct_site          
# 
loop_
_pdbx_audit_revision_item.ordinal 
_pdbx_audit_revision_item.revision_ordinal 
_pdbx_audit_revision_item.data_content_type 
_pdbx_audit_revision_item.item 
1 4 'Structure model' '_database_2.pdbx_DOI'                
2 4 'Structure model' '_database_2.pdbx_database_accession' 
3 4 'Structure model' '_pdbx_database_status.process_site'  
4 4 'Structure model' '_struct_site.pdbx_auth_asym_id'      
5 4 'Structure model' '_struct_site.pdbx_auth_comp_id'      
6 4 'Structure model' '_struct_site.pdbx_auth_seq_id'       
# 
_pdbx_database_status.status_code                     REL 
_pdbx_database_status.entry_id                        1DTP 
_pdbx_database_status.recvd_initial_deposition_date   1994-09-08 
_pdbx_database_status.deposit_site                    ? 
_pdbx_database_status.process_site                    BNL 
_pdbx_database_status.status_code_sf                  REL 
_pdbx_database_status.status_code_mr                  ? 
_pdbx_database_status.SG_entry                        ? 
_pdbx_database_status.pdb_format_compatible           Y 
_pdbx_database_status.status_code_cs                  ? 
_pdbx_database_status.status_code_nmr_data            ? 
_pdbx_database_status.methods_development_category    ? 
# 
loop_
_audit_author.name 
_audit_author.pdbx_ordinal 
'Weiss, M.S.'   1 
'Eisenberg, D.' 2 
# 
loop_
_citation.id 
_citation.title 
_citation.journal_abbrev 
_citation.journal_volume 
_citation.page_first 
_citation.page_last 
_citation.year 
_citation.journal_id_ASTM 
_citation.country 
_citation.journal_id_ISSN 
_citation.journal_id_CSD 
_citation.book_publisher 
_citation.pdbx_database_id_PubMed 
_citation.pdbx_database_id_DOI 
primary 'Structure of the isolated catalytic domain of diphtheria toxin.'               Biochemistry           34  773   781 1995 
BICHAW US 0006-2960 0033 ? 7827036 10.1021/bi00003a010 
1       'The Refined Structure of Dimeric Diphtheria Toxin at 2.0 Angstroms Resolution' 'To be Published'      ?   ?     ?   ?    
?      ?  ?         0353 ? ?       ?                   
2       'The Refined Structure of Monomeric Diphtheria Toxin'                           'To be Published'      ?   ?     ?   ?    
?      ?  ?         0353 ? ?       ?                   
3       'Domain Swapping: Entangling Alliances between Proteins'                        Proc.Natl.Acad.Sci.USA 91  3127  ?   1994 
PNASA6 US 0027-8424 0040 ? ?       ?                   
4       'Three Domains for Three Functions: The Crystal Structure of Diphtheria Toxin'  Nature                 357 216   ?   1992 
NATUAS UK 0028-0836 0006 ? ?       ?                   
5       'X-Ray Grade Crystals of the Enzymatic Fragment of Diphtheria Toxin'            J.Biol.Chem.           264 10402 ?   1989 
JBCHA3 US 0021-9258 0071 ? ?       ?                   
# 
loop_
_citation_author.citation_id 
_citation_author.name 
_citation_author.ordinal 
_citation_author.identifier_ORCID 
primary 'Weiss, M.S.'       1  ? 
primary 'Blanke, S.R.'      2  ? 
primary 'Collier, R.J.'     3  ? 
primary 'Eisenberg, D.'     4  ? 
1       'Bennett, M.J.'     5  ? 
1       'Choe, S.'          6  ? 
1       'Eisenberg, D.'     7  ? 
2       'Bennett, M.J.'     8  ? 
2       'Eisenberg, D.'     9  ? 
3       'Bennett, M.J.'     10 ? 
3       'Choe, S.'          11 ? 
3       'Eisenberg, D.'     12 ? 
4       'Choe, S.'          13 ? 
4       'Bennett, M.J.'     14 ? 
4       'Fujii, G.'         15 ? 
4       'Curmi, P.M.G.'     16 ? 
4       'Kantardjeff, K.A.' 17 ? 
4       'Collier, R.J.'     18 ? 
4       'Eisenberg, D.'     19 ? 
5       'Kantardjeff, K.'   20 ? 
5       'Collier, R.J.'     21 ? 
5       'Eisenberg, D.'     22 ? 
# 
loop_
_entity.id 
_entity.type 
_entity.src_method 
_entity.pdbx_description 
_entity.formula_weight 
_entity.pdbx_number_of_molecules 
_entity.pdbx_ec 
_entity.pdbx_mutation 
_entity.pdbx_fragment 
_entity.details 
1 polymer     man 'DIPHTHERIA TOXIN'                                20774.979 1 ? ? ? ? 
2 non-polymer syn "ADENYLYL-3'-5'-PHOSPHO-URIDINE-3'-MONOPHOSPHATE" 653.387   1 ? ? ? ? 
3 water       nat water                                             18.015    8 ? ? ? ? 
# 
_entity_poly.entity_id                      1 
_entity_poly.type                           'polypeptide(L)' 
_entity_poly.nstd_linkage                   no 
_entity_poly.nstd_monomer                   no 
_entity_poly.pdbx_seq_one_letter_code       
;GADDVVDSSKSFVMENFSSYHGTKPGYVDSIQKGIQKPKSGTQGNYDDDWKGFYSTDNKYDAAGYSVDNENPLSGKAGGV
VKVTYPGLTKVLALKVDNAETIKKELGLSLTEPLMEQVGTEEFIKRFGDGASRVVLSLPFAEGSSSVEYINNWEQAKALS
VELEINFETRGKRGQDAMYEYMAQACAGNR
;
_entity_poly.pdbx_seq_one_letter_code_can   
;GADDVVDSSKSFVMENFSSYHGTKPGYVDSIQKGIQKPKSGTQGNYDDDWKGFYSTDNKYDAAGYSVDNENPLSGKAGGV
VKVTYPGLTKVLALKVDNAETIKKELGLSLTEPLMEQVGTEEFIKRFGDGASRVVLSLPFAEGSSSVEYINNWEQAKALS
VELEINFETRGKRGQDAMYEYMAQACAGNR
;
_entity_poly.pdbx_strand_id                 A 
_entity_poly.pdbx_target_identifier         ? 
# 
loop_
_pdbx_entity_nonpoly.entity_id 
_pdbx_entity_nonpoly.name 
_pdbx_entity_nonpoly.comp_id 
2 "ADENYLYL-3'-5'-PHOSPHO-URIDINE-3'-MONOPHOSPHATE" APU 
3 water                                             HOH 
# 
loop_
_entity_poly_seq.entity_id 
_entity_poly_seq.num 
_entity_poly_seq.mon_id 
_entity_poly_seq.hetero 
1 1   GLY n 
1 2   ALA n 
1 3   ASP n 
1 4   ASP n 
1 5   VAL n 
1 6   VAL n 
1 7   ASP n 
1 8   SER n 
1 9   SER n 
1 10  LYS n 
1 11  SER n 
1 12  PHE n 
1 13  VAL n 
1 14  MET n 
1 15  GLU n 
1 16  ASN n 
1 17  PHE n 
1 18  SER n 
1 19  SER n 
1 20  TYR n 
1 21  HIS n 
1 22  GLY n 
1 23  THR n 
1 24  LYS n 
1 25  PRO n 
1 26  GLY n 
1 27  TYR n 
1 28  VAL n 
1 29  ASP n 
1 30  SER n 
1 31  ILE n 
1 32  GLN n 
1 33  LYS n 
1 34  GLY n 
1 35  ILE n 
1 36  GLN n 
1 37  LYS n 
1 38  PRO n 
1 39  LYS n 
1 40  SER n 
1 41  GLY n 
1 42  THR n 
1 43  GLN n 
1 44  GLY n 
1 45  ASN n 
1 46  TYR n 
1 47  ASP n 
1 48  ASP n 
1 49  ASP n 
1 50  TRP n 
1 51  LYS n 
1 52  GLY n 
1 53  PHE n 
1 54  TYR n 
1 55  SER n 
1 56  THR n 
1 57  ASP n 
1 58  ASN n 
1 59  LYS n 
1 60  TYR n 
1 61  ASP n 
1 62  ALA n 
1 63  ALA n 
1 64  GLY n 
1 65  TYR n 
1 66  SER n 
1 67  VAL n 
1 68  ASP n 
1 69  ASN n 
1 70  GLU n 
1 71  ASN n 
1 72  PRO n 
1 73  LEU n 
1 74  SER n 
1 75  GLY n 
1 76  LYS n 
1 77  ALA n 
1 78  GLY n 
1 79  GLY n 
1 80  VAL n 
1 81  VAL n 
1 82  LYS n 
1 83  VAL n 
1 84  THR n 
1 85  TYR n 
1 86  PRO n 
1 87  GLY n 
1 88  LEU n 
1 89  THR n 
1 90  LYS n 
1 91  VAL n 
1 92  LEU n 
1 93  ALA n 
1 94  LEU n 
1 95  LYS n 
1 96  VAL n 
1 97  ASP n 
1 98  ASN n 
1 99  ALA n 
1 100 GLU n 
1 101 THR n 
1 102 ILE n 
1 103 LYS n 
1 104 LYS n 
1 105 GLU n 
1 106 LEU n 
1 107 GLY n 
1 108 LEU n 
1 109 SER n 
1 110 LEU n 
1 111 THR n 
1 112 GLU n 
1 113 PRO n 
1 114 LEU n 
1 115 MET n 
1 116 GLU n 
1 117 GLN n 
1 118 VAL n 
1 119 GLY n 
1 120 THR n 
1 121 GLU n 
1 122 GLU n 
1 123 PHE n 
1 124 ILE n 
1 125 LYS n 
1 126 ARG n 
1 127 PHE n 
1 128 GLY n 
1 129 ASP n 
1 130 GLY n 
1 131 ALA n 
1 132 SER n 
1 133 ARG n 
1 134 VAL n 
1 135 VAL n 
1 136 LEU n 
1 137 SER n 
1 138 LEU n 
1 139 PRO n 
1 140 PHE n 
1 141 ALA n 
1 142 GLU n 
1 143 GLY n 
1 144 SER n 
1 145 SER n 
1 146 SER n 
1 147 VAL n 
1 148 GLU n 
1 149 TYR n 
1 150 ILE n 
1 151 ASN n 
1 152 ASN n 
1 153 TRP n 
1 154 GLU n 
1 155 GLN n 
1 156 ALA n 
1 157 LYS n 
1 158 ALA n 
1 159 LEU n 
1 160 SER n 
1 161 VAL n 
1 162 GLU n 
1 163 LEU n 
1 164 GLU n 
1 165 ILE n 
1 166 ASN n 
1 167 PHE n 
1 168 GLU n 
1 169 THR n 
1 170 ARG n 
1 171 GLY n 
1 172 LYS n 
1 173 ARG n 
1 174 GLY n 
1 175 GLN n 
1 176 ASP n 
1 177 ALA n 
1 178 MET n 
1 179 TYR n 
1 180 GLU n 
1 181 TYR n 
1 182 MET n 
1 183 ALA n 
1 184 GLN n 
1 185 ALA n 
1 186 CYS n 
1 187 ALA n 
1 188 GLY n 
1 189 ASN n 
1 190 ARG n 
# 
_entity_src_gen.entity_id                          1 
_entity_src_gen.pdbx_src_id                        1 
_entity_src_gen.pdbx_alt_source_flag               sample 
_entity_src_gen.pdbx_seq_type                      ? 
_entity_src_gen.pdbx_beg_seq_num                   ? 
_entity_src_gen.pdbx_end_seq_num                   ? 
_entity_src_gen.gene_src_common_name               ? 
_entity_src_gen.gene_src_genus                     'Lambda-like viruses' 
_entity_src_gen.pdbx_gene_src_gene                 ? 
_entity_src_gen.gene_src_species                   ? 
_entity_src_gen.gene_src_strain                    ? 
_entity_src_gen.gene_src_tissue                    ? 
_entity_src_gen.gene_src_tissue_fraction           ? 
_entity_src_gen.gene_src_details                   ? 
_entity_src_gen.pdbx_gene_src_fragment             ? 
_entity_src_gen.pdbx_gene_src_scientific_name      'Corynephage beta' 
_entity_src_gen.pdbx_gene_src_ncbi_taxonomy_id     10703 
_entity_src_gen.pdbx_gene_src_variant              ? 
_entity_src_gen.pdbx_gene_src_cell_line            ? 
_entity_src_gen.pdbx_gene_src_atcc                 ? 
_entity_src_gen.pdbx_gene_src_organ                ? 
_entity_src_gen.pdbx_gene_src_organelle            ? 
_entity_src_gen.pdbx_gene_src_cell                 ? 
_entity_src_gen.pdbx_gene_src_cellular_location    ? 
_entity_src_gen.host_org_common_name               ? 
_entity_src_gen.pdbx_host_org_scientific_name      ? 
_entity_src_gen.pdbx_host_org_ncbi_taxonomy_id     ? 
_entity_src_gen.host_org_genus                     ? 
_entity_src_gen.pdbx_host_org_gene                 ? 
_entity_src_gen.pdbx_host_org_organ                ? 
_entity_src_gen.host_org_species                   ? 
_entity_src_gen.pdbx_host_org_tissue               ? 
_entity_src_gen.pdbx_host_org_tissue_fraction      ? 
_entity_src_gen.pdbx_host_org_strain               ? 
_entity_src_gen.pdbx_host_org_variant              ? 
_entity_src_gen.pdbx_host_org_cell_line            ? 
_entity_src_gen.pdbx_host_org_atcc                 ? 
_entity_src_gen.pdbx_host_org_culture_collection   ? 
_entity_src_gen.pdbx_host_org_cell                 ? 
_entity_src_gen.pdbx_host_org_organelle            ? 
_entity_src_gen.pdbx_host_org_cellular_location    ? 
_entity_src_gen.pdbx_host_org_vector_type          ? 
_entity_src_gen.pdbx_host_org_vector               ? 
_entity_src_gen.host_org_details                   ? 
_entity_src_gen.expression_system_id               ? 
_entity_src_gen.plasmid_name                       ? 
_entity_src_gen.plasmid_details                    ? 
_entity_src_gen.pdbx_description                   ? 
# 
loop_
_chem_comp.id 
_chem_comp.type 
_chem_comp.mon_nstd_flag 
_chem_comp.name 
_chem_comp.pdbx_synonyms 
_chem_comp.formula 
_chem_comp.formula_weight 
ALA 'L-peptide linking' y ALANINE                                           ? 'C3 H7 N O2'        89.093  
APU non-polymer         . "ADENYLYL-3'-5'-PHOSPHO-URIDINE-3'-MONOPHOSPHATE" ? 'C19 H25 N7 O15 P2' 653.387 
ARG 'L-peptide linking' y ARGININE                                          ? 'C6 H15 N4 O2 1'    175.209 
ASN 'L-peptide linking' y ASPARAGINE                                        ? 'C4 H8 N2 O3'       132.118 
ASP 'L-peptide linking' y 'ASPARTIC ACID'                                   ? 'C4 H7 N O4'        133.103 
CYS 'L-peptide linking' y CYSTEINE                                          ? 'C3 H7 N O2 S'      121.158 
GLN 'L-peptide linking' y GLUTAMINE                                         ? 'C5 H10 N2 O3'      146.144 
GLU 'L-peptide linking' y 'GLUTAMIC ACID'                                   ? 'C5 H9 N O4'        147.129 
GLY 'peptide linking'   y GLYCINE                                           ? 'C2 H5 N O2'        75.067  
HIS 'L-peptide linking' y HISTIDINE                                         ? 'C6 H10 N3 O2 1'    156.162 
HOH non-polymer         . WATER                                             ? 'H2 O'              18.015  
ILE 'L-peptide linking' y ISOLEUCINE                                        ? 'C6 H13 N O2'       131.173 
LEU 'L-peptide linking' y LEUCINE                                           ? 'C6 H13 N O2'       131.173 
LYS 'L-peptide linking' y LYSINE                                            ? 'C6 H15 N2 O2 1'    147.195 
MET 'L-peptide linking' y METHIONINE                                        ? 'C5 H11 N O2 S'     149.211 
PHE 'L-peptide linking' y PHENYLALANINE                                     ? 'C9 H11 N O2'       165.189 
PRO 'L-peptide linking' y PROLINE                                           ? 'C5 H9 N O2'        115.130 
SER 'L-peptide linking' y SERINE                                            ? 'C3 H7 N O3'        105.093 
THR 'L-peptide linking' y THREONINE                                         ? 'C4 H9 N O3'        119.119 
TRP 'L-peptide linking' y TRYPTOPHAN                                        ? 'C11 H12 N2 O2'     204.225 
TYR 'L-peptide linking' y TYROSINE                                          ? 'C9 H11 N O3'       181.189 
VAL 'L-peptide linking' y VALINE                                            ? 'C5 H11 N O2'       117.146 
# 
loop_
_pdbx_poly_seq_scheme.asym_id 
_pdbx_poly_seq_scheme.entity_id 
_pdbx_poly_seq_scheme.seq_id 
_pdbx_poly_seq_scheme.mon_id 
_pdbx_poly_seq_scheme.ndb_seq_num 
_pdbx_poly_seq_scheme.pdb_seq_num 
_pdbx_poly_seq_scheme.auth_seq_num 
_pdbx_poly_seq_scheme.pdb_mon_id 
_pdbx_poly_seq_scheme.auth_mon_id 
_pdbx_poly_seq_scheme.pdb_strand_id 
_pdbx_poly_seq_scheme.pdb_ins_code 
_pdbx_poly_seq_scheme.hetero 
A 1 1   GLY 1   1   1   GLY GLY A . n 
A 1 2   ALA 2   2   2   ALA ALA A . n 
A 1 3   ASP 3   3   3   ASP ASP A . n 
A 1 4   ASP 4   4   4   ASP ASP A . n 
A 1 5   VAL 5   5   5   VAL VAL A . n 
A 1 6   VAL 6   6   6   VAL VAL A . n 
A 1 7   ASP 7   7   7   ASP ASP A . n 
A 1 8   SER 8   8   8   SER SER A . n 
A 1 9   SER 9   9   9   SER SER A . n 
A 1 10  LYS 10  10  10  LYS LYS A . n 
A 1 11  SER 11  11  11  SER SER A . n 
A 1 12  PHE 12  12  12  PHE PHE A . n 
A 1 13  VAL 13  13  13  VAL VAL A . n 
A 1 14  MET 14  14  14  MET MET A . n 
A 1 15  GLU 15  15  15  GLU GLU A . n 
A 1 16  ASN 16  16  16  ASN ASN A . n 
A 1 17  PHE 17  17  17  PHE PHE A . n 
A 1 18  SER 18  18  18  SER SER A . n 
A 1 19  SER 19  19  19  SER SER A . n 
A 1 20  TYR 20  20  20  TYR TYR A . n 
A 1 21  HIS 21  21  21  HIS HIS A . n 
A 1 22  GLY 22  22  22  GLY GLY A . n 
A 1 23  THR 23  23  23  THR THR A . n 
A 1 24  LYS 24  24  24  LYS LYS A . n 
A 1 25  PRO 25  25  25  PRO PRO A . n 
A 1 26  GLY 26  26  26  GLY GLY A . n 
A 1 27  TYR 27  27  27  TYR TYR A . n 
A 1 28  VAL 28  28  28  VAL VAL A . n 
A 1 29  ASP 29  29  29  ASP ASP A . n 
A 1 30  SER 30  30  30  SER SER A . n 
A 1 31  ILE 31  31  31  ILE ILE A . n 
A 1 32  GLN 32  32  32  GLN GLN A . n 
A 1 33  LYS 33  33  33  LYS LYS A . n 
A 1 34  GLY 34  34  34  GLY GLY A . n 
A 1 35  ILE 35  35  35  ILE ILE A . n 
A 1 36  GLN 36  36  36  GLN GLN A . n 
A 1 37  LYS 37  37  37  LYS LYS A . n 
A 1 38  PRO 38  38  38  PRO PRO A . n 
A 1 39  LYS 39  39  39  LYS LYS A . n 
A 1 40  SER 40  40  40  SER SER A . n 
A 1 41  GLY 41  41  41  GLY GLY A . n 
A 1 42  THR 42  42  42  THR THR A . n 
A 1 43  GLN 43  43  43  GLN GLN A . n 
A 1 44  GLY 44  44  44  GLY GLY A . n 
A 1 45  ASN 45  45  45  ASN ASN A . n 
A 1 46  TYR 46  46  46  TYR TYR A . n 
A 1 47  ASP 47  47  47  ASP ASP A . n 
A 1 48  ASP 48  48  48  ASP ASP A . n 
A 1 49  ASP 49  49  49  ASP ASP A . n 
A 1 50  TRP 50  50  50  TRP TRP A . n 
A 1 51  LYS 51  51  51  LYS LYS A . n 
A 1 52  GLY 52  52  52  GLY GLY A . n 
A 1 53  PHE 53  53  53  PHE PHE A . n 
A 1 54  TYR 54  54  54  TYR TYR A . n 
A 1 55  SER 55  55  55  SER SER A . n 
A 1 56  THR 56  56  56  THR THR A . n 
A 1 57  ASP 57  57  57  ASP ASP A . n 
A 1 58  ASN 58  58  58  ASN ASN A . n 
A 1 59  LYS 59  59  59  LYS LYS A . n 
A 1 60  TYR 60  60  60  TYR TYR A . n 
A 1 61  ASP 61  61  61  ASP ASP A . n 
A 1 62  ALA 62  62  62  ALA ALA A . n 
A 1 63  ALA 63  63  63  ALA ALA A . n 
A 1 64  GLY 64  64  64  GLY GLY A . n 
A 1 65  TYR 65  65  65  TYR TYR A . n 
A 1 66  SER 66  66  66  SER SER A . n 
A 1 67  VAL 67  67  67  VAL VAL A . n 
A 1 68  ASP 68  68  68  ASP ASP A . n 
A 1 69  ASN 69  69  69  ASN ASN A . n 
A 1 70  GLU 70  70  70  GLU GLU A . n 
A 1 71  ASN 71  71  71  ASN ASN A . n 
A 1 72  PRO 72  72  72  PRO PRO A . n 
A 1 73  LEU 73  73  73  LEU LEU A . n 
A 1 74  SER 74  74  74  SER SER A . n 
A 1 75  GLY 75  75  75  GLY GLY A . n 
A 1 76  LYS 76  76  76  LYS LYS A . n 
A 1 77  ALA 77  77  77  ALA ALA A . n 
A 1 78  GLY 78  78  78  GLY GLY A . n 
A 1 79  GLY 79  79  79  GLY GLY A . n 
A 1 80  VAL 80  80  80  VAL VAL A . n 
A 1 81  VAL 81  81  81  VAL VAL A . n 
A 1 82  LYS 82  82  82  LYS LYS A . n 
A 1 83  VAL 83  83  83  VAL VAL A . n 
A 1 84  THR 84  84  84  THR THR A . n 
A 1 85  TYR 85  85  85  TYR TYR A . n 
A 1 86  PRO 86  86  86  PRO PRO A . n 
A 1 87  GLY 87  87  87  GLY GLY A . n 
A 1 88  LEU 88  88  88  LEU LEU A . n 
A 1 89  THR 89  89  89  THR THR A . n 
A 1 90  LYS 90  90  90  LYS LYS A . n 
A 1 91  VAL 91  91  91  VAL VAL A . n 
A 1 92  LEU 92  92  92  LEU LEU A . n 
A 1 93  ALA 93  93  93  ALA ALA A . n 
A 1 94  LEU 94  94  94  LEU LEU A . n 
A 1 95  LYS 95  95  95  LYS LYS A . n 
A 1 96  VAL 96  96  96  VAL VAL A . n 
A 1 97  ASP 97  97  97  ASP ASP A . n 
A 1 98  ASN 98  98  98  ASN ASN A . n 
A 1 99  ALA 99  99  99  ALA ALA A . n 
A 1 100 GLU 100 100 100 GLU GLU A . n 
A 1 101 THR 101 101 101 THR THR A . n 
A 1 102 ILE 102 102 102 ILE ILE A . n 
A 1 103 LYS 103 103 103 LYS LYS A . n 
A 1 104 LYS 104 104 104 LYS LYS A . n 
A 1 105 GLU 105 105 105 GLU GLU A . n 
A 1 106 LEU 106 106 106 LEU LEU A . n 
A 1 107 GLY 107 107 107 GLY GLY A . n 
A 1 108 LEU 108 108 108 LEU LEU A . n 
A 1 109 SER 109 109 109 SER SER A . n 
A 1 110 LEU 110 110 110 LEU LEU A . n 
A 1 111 THR 111 111 111 THR THR A . n 
A 1 112 GLU 112 112 112 GLU GLU A . n 
A 1 113 PRO 113 113 113 PRO PRO A . n 
A 1 114 LEU 114 114 114 LEU LEU A . n 
A 1 115 MET 115 115 115 MET MET A . n 
A 1 116 GLU 116 116 116 GLU GLU A . n 
A 1 117 GLN 117 117 117 GLN GLN A . n 
A 1 118 VAL 118 118 118 VAL VAL A . n 
A 1 119 GLY 119 119 119 GLY GLY A . n 
A 1 120 THR 120 120 120 THR THR A . n 
A 1 121 GLU 121 121 121 GLU GLU A . n 
A 1 122 GLU 122 122 122 GLU GLU A . n 
A 1 123 PHE 123 123 123 PHE PHE A . n 
A 1 124 ILE 124 124 124 ILE ILE A . n 
A 1 125 LYS 125 125 125 LYS LYS A . n 
A 1 126 ARG 126 126 126 ARG ARG A . n 
A 1 127 PHE 127 127 127 PHE PHE A . n 
A 1 128 GLY 128 128 128 GLY GLY A . n 
A 1 129 ASP 129 129 129 ASP ASP A . n 
A 1 130 GLY 130 130 130 GLY GLY A . n 
A 1 131 ALA 131 131 131 ALA ALA A . n 
A 1 132 SER 132 132 132 SER SER A . n 
A 1 133 ARG 133 133 133 ARG ARG A . n 
A 1 134 VAL 134 134 134 VAL VAL A . n 
A 1 135 VAL 135 135 135 VAL VAL A . n 
A 1 136 LEU 136 136 136 LEU LEU A . n 
A 1 137 SER 137 137 137 SER SER A . n 
A 1 138 LEU 138 138 138 LEU LEU A . n 
A 1 139 PRO 139 139 139 PRO PRO A . n 
A 1 140 PHE 140 140 140 PHE PHE A . n 
A 1 141 ALA 141 141 141 ALA ALA A . n 
A 1 142 GLU 142 142 142 GLU GLU A . n 
A 1 143 GLY 143 143 143 GLY GLY A . n 
A 1 144 SER 144 144 144 SER SER A . n 
A 1 145 SER 145 145 145 SER SER A . n 
A 1 146 SER 146 146 146 SER SER A . n 
A 1 147 VAL 147 147 147 VAL VAL A . n 
A 1 148 GLU 148 148 148 GLU GLU A . n 
A 1 149 TYR 149 149 149 TYR TYR A . n 
A 1 150 ILE 150 150 150 ILE ILE A . n 
A 1 151 ASN 151 151 151 ASN ASN A . n 
A 1 152 ASN 152 152 152 ASN ASN A . n 
A 1 153 TRP 153 153 153 TRP TRP A . n 
A 1 154 GLU 154 154 154 GLU GLU A . n 
A 1 155 GLN 155 155 155 GLN GLN A . n 
A 1 156 ALA 156 156 156 ALA ALA A . n 
A 1 157 LYS 157 157 157 LYS LYS A . n 
A 1 158 ALA 158 158 158 ALA ALA A . n 
A 1 159 LEU 159 159 159 LEU LEU A . n 
A 1 160 SER 160 160 160 SER SER A . n 
A 1 161 VAL 161 161 161 VAL VAL A . n 
A 1 162 GLU 162 162 162 GLU GLU A . n 
A 1 163 LEU 163 163 163 LEU LEU A . n 
A 1 164 GLU 164 164 164 GLU GLU A . n 
A 1 165 ILE 165 165 165 ILE ILE A . n 
A 1 166 ASN 166 166 166 ASN ASN A . n 
A 1 167 PHE 167 167 167 PHE PHE A . n 
A 1 168 GLU 168 168 168 GLU GLU A . n 
A 1 169 THR 169 169 169 THR THR A . n 
A 1 170 ARG 170 170 170 ARG ARG A . n 
A 1 171 GLY 171 171 171 GLY GLY A . n 
A 1 172 LYS 172 172 172 LYS LYS A . n 
A 1 173 ARG 173 173 173 ARG ARG A . n 
A 1 174 GLY 174 174 174 GLY GLY A . n 
A 1 175 GLN 175 175 175 GLN GLN A . n 
A 1 176 ASP 176 176 176 ASP ASP A . n 
A 1 177 ALA 177 177 177 ALA ALA A . n 
A 1 178 MET 178 178 178 MET MET A . n 
A 1 179 TYR 179 179 179 TYR TYR A . n 
A 1 180 GLU 180 180 180 GLU GLU A . n 
A 1 181 TYR 181 181 181 TYR TYR A . n 
A 1 182 MET 182 182 182 MET MET A . n 
A 1 183 ALA 183 183 183 ALA ALA A . n 
A 1 184 GLN 184 184 184 GLN GLN A . n 
A 1 185 ALA 185 185 185 ALA ALA A . n 
A 1 186 CYS 186 186 186 CYS CYS A . n 
A 1 187 ALA 187 187 187 ALA ALA A . n 
A 1 188 GLY 188 188 188 GLY GLY A . n 
A 1 189 ASN 189 189 189 ASN ASN A . n 
A 1 190 ARG 190 190 190 ARG ARG A . n 
# 
loop_
_pdbx_nonpoly_scheme.asym_id 
_pdbx_nonpoly_scheme.entity_id 
_pdbx_nonpoly_scheme.mon_id 
_pdbx_nonpoly_scheme.ndb_seq_num 
_pdbx_nonpoly_scheme.pdb_seq_num 
_pdbx_nonpoly_scheme.auth_seq_num 
_pdbx_nonpoly_scheme.pdb_mon_id 
_pdbx_nonpoly_scheme.auth_mon_id 
_pdbx_nonpoly_scheme.pdb_strand_id 
_pdbx_nonpoly_scheme.pdb_ins_code 
B 2 APU 1 200 200 APU APU A . 
C 3 HOH 1 201 201 HOH HOH A . 
C 3 HOH 2 202 202 HOH HOH A . 
C 3 HOH 3 203 203 HOH HOH A . 
C 3 HOH 4 204 204 HOH HOH A . 
C 3 HOH 5 205 205 HOH HOH A . 
C 3 HOH 6 206 206 HOH HOH A . 
C 3 HOH 7 207 207 HOH HOH A . 
C 3 HOH 8 208 208 HOH HOH A . 
# 
loop_
_pdbx_unobs_or_zero_occ_atoms.id 
_pdbx_unobs_or_zero_occ_atoms.PDB_model_num 
_pdbx_unobs_or_zero_occ_atoms.polymer_flag 
_pdbx_unobs_or_zero_occ_atoms.occupancy_flag 
_pdbx_unobs_or_zero_occ_atoms.auth_asym_id 
_pdbx_unobs_or_zero_occ_atoms.auth_comp_id 
_pdbx_unobs_or_zero_occ_atoms.auth_seq_id 
_pdbx_unobs_or_zero_occ_atoms.PDB_ins_code 
_pdbx_unobs_or_zero_occ_atoms.auth_atom_id 
_pdbx_unobs_or_zero_occ_atoms.label_alt_id 
_pdbx_unobs_or_zero_occ_atoms.label_asym_id 
_pdbx_unobs_or_zero_occ_atoms.label_comp_id 
_pdbx_unobs_or_zero_occ_atoms.label_seq_id 
_pdbx_unobs_or_zero_occ_atoms.label_atom_id 
1 1 Y 1 A LYS 172 ? CG  ? A LYS 172 CG  
2 1 Y 1 A LYS 172 ? CD  ? A LYS 172 CD  
3 1 Y 1 A LYS 172 ? CE  ? A LYS 172 CE  
4 1 Y 1 A LYS 172 ? NZ  ? A LYS 172 NZ  
5 1 Y 1 A ASN 189 ? CG  ? A ASN 189 CG  
6 1 Y 1 A ASN 189 ? OD1 ? A ASN 189 OD1 
7 1 Y 1 A ASN 189 ? ND2 ? A ASN 189 ND2 
# 
loop_
_software.name 
_software.classification 
_software.version 
_software.citation_id 
_software.pdbx_ordinal 
X-PLOR 'model building' . ? 1 
X-PLOR refinement       . ? 2 
X-PLOR phasing          . ? 3 
# 
_cell.entry_id           1DTP 
_cell.length_a           55.700 
_cell.length_b           43.900 
_cell.length_c           73.900 
_cell.angle_alpha        90.00 
_cell.angle_beta         101.50 
_cell.angle_gamma        90.00 
_cell.Z_PDB              4 
_cell.pdbx_unique_axis   ? 
# 
_symmetry.entry_id                         1DTP 
_symmetry.space_group_name_H-M             'C 1 2 1' 
_symmetry.pdbx_full_space_group_name_H-M   ? 
_symmetry.cell_setting                     ? 
_symmetry.Int_Tables_number                5 
# 
_exptl.entry_id          1DTP 
_exptl.method            'X-RAY DIFFRACTION' 
_exptl.crystals_number   ? 
# 
_exptl_crystal.id                    1 
_exptl_crystal.density_meas          ? 
_exptl_crystal.density_Matthews      2.13 
_exptl_crystal.density_percent_sol   42.26 
_exptl_crystal.description           ? 
# 
_diffrn.id                     1 
_diffrn.ambient_temp           ? 
_diffrn.ambient_temp_details   ? 
_diffrn.crystal_id             1 
# 
_diffrn_radiation.diffrn_id                        1 
_diffrn_radiation.wavelength_id                    1 
_diffrn_radiation.pdbx_monochromatic_or_laue_m_l   ? 
_diffrn_radiation.monochromator                    ? 
_diffrn_radiation.pdbx_diffrn_protocol             ? 
_diffrn_radiation.pdbx_scattering_type             x-ray 
# 
_diffrn_radiation_wavelength.id           1 
_diffrn_radiation_wavelength.wavelength   . 
_diffrn_radiation_wavelength.wt           1.0 
# 
_refine.entry_id                                 1DTP 
_refine.ls_number_reflns_obs                     5228 
_refine.ls_number_reflns_all                     ? 
_refine.pdbx_ls_sigma_I                          ? 
_refine.pdbx_ls_sigma_F                          0.0 
_refine.pdbx_data_cutoff_high_absF               ? 
_refine.pdbx_data_cutoff_low_absF                ? 
_refine.pdbx_data_cutoff_high_rms_absF           ? 
_refine.ls_d_res_low                             10.0 
_refine.ls_d_res_high                            2.5 
_refine.ls_percent_reflns_obs                    ? 
_refine.ls_R_factor_obs                          0.1970000 
_refine.ls_R_factor_all                          ? 
_refine.ls_R_factor_R_work                       0.1970000 
_refine.ls_R_factor_R_free                       ? 
_refine.ls_R_factor_R_free_error                 ? 
_refine.ls_R_factor_R_free_error_details         ? 
_refine.ls_percent_reflns_R_free                 ? 
_refine.ls_number_reflns_R_free                  ? 
_refine.ls_number_parameters                     ? 
_refine.ls_number_restraints                     ? 
_refine.occupancy_min                            ? 
_refine.occupancy_max                            ? 
_refine.B_iso_mean                               ? 
_refine.aniso_B[1][1]                            ? 
_refine.aniso_B[2][2]                            ? 
_refine.aniso_B[3][3]                            ? 
_refine.aniso_B[1][2]                            ? 
_refine.aniso_B[1][3]                            ? 
_refine.aniso_B[2][3]                            ? 
_refine.solvent_model_details                    ? 
_refine.solvent_model_param_ksol                 ? 
_refine.solvent_model_param_bsol                 ? 
_refine.pdbx_ls_cross_valid_method               ? 
_refine.details                                  ? 
_refine.pdbx_starting_model                      ? 
_refine.pdbx_method_to_determine_struct          ? 
_refine.pdbx_isotropic_thermal_model             ? 
_refine.pdbx_stereochemistry_target_values       ? 
_refine.pdbx_stereochem_target_val_spec_case     ? 
_refine.pdbx_R_Free_selection_details            ? 
_refine.pdbx_overall_ESU_R                       ? 
_refine.pdbx_overall_ESU_R_Free                  ? 
_refine.overall_SU_ML                            ? 
_refine.overall_SU_B                             ? 
_refine.pdbx_refine_id                           'X-RAY DIFFRACTION' 
_refine.pdbx_diffrn_id                           1 
_refine.pdbx_TLS_residual_ADP_flag               ? 
_refine.correlation_coeff_Fo_to_Fc               ? 
_refine.correlation_coeff_Fo_to_Fc_free          ? 
_refine.pdbx_solvent_vdw_probe_radii             ? 
_refine.pdbx_solvent_ion_probe_radii             ? 
_refine.pdbx_solvent_shrinkage_radii             ? 
_refine.pdbx_overall_phase_error                 ? 
_refine.overall_SU_R_Cruickshank_DPI             ? 
_refine.pdbx_overall_SU_R_free_Cruickshank_DPI   ? 
_refine.pdbx_overall_SU_R_Blow_DPI               ? 
_refine.pdbx_overall_SU_R_free_Blow_DPI          ? 
# 
_refine_hist.pdbx_refine_id                   'X-RAY DIFFRACTION' 
_refine_hist.cycle_id                         LAST 
_refine_hist.pdbx_number_atoms_protein        1454 
_refine_hist.pdbx_number_atoms_nucleic_acid   0 
_refine_hist.pdbx_number_atoms_ligand         43 
_refine_hist.number_atoms_solvent             8 
_refine_hist.number_atoms_total               1505 
_refine_hist.d_res_high                       2.5 
_refine_hist.d_res_low                        10.0 
# 
loop_
_refine_ls_restr.type 
_refine_ls_restr.dev_ideal 
_refine_ls_restr.dev_ideal_target 
_refine_ls_restr.weight 
_refine_ls_restr.number 
_refine_ls_restr.pdbx_refine_id 
_refine_ls_restr.pdbx_restraint_function 
x_bond_d                0.023 ? ? ? 'X-RAY DIFFRACTION' ? 
x_bond_d_na             ?     ? ? ? 'X-RAY DIFFRACTION' ? 
x_bond_d_prot           ?     ? ? ? 'X-RAY DIFFRACTION' ? 
x_angle_d               ?     ? ? ? 'X-RAY DIFFRACTION' ? 
x_angle_d_na            ?     ? ? ? 'X-RAY DIFFRACTION' ? 
x_angle_d_prot          ?     ? ? ? 'X-RAY DIFFRACTION' ? 
x_angle_deg             4.4   ? ? ? 'X-RAY DIFFRACTION' ? 
x_angle_deg_na          ?     ? ? ? 'X-RAY DIFFRACTION' ? 
x_angle_deg_prot        ?     ? ? ? 'X-RAY DIFFRACTION' ? 
x_dihedral_angle_d      ?     ? ? ? 'X-RAY DIFFRACTION' ? 
x_dihedral_angle_d_na   ?     ? ? ? 'X-RAY DIFFRACTION' ? 
x_dihedral_angle_d_prot ?     ? ? ? 'X-RAY DIFFRACTION' ? 
x_improper_angle_d      ?     ? ? ? 'X-RAY DIFFRACTION' ? 
x_improper_angle_d_na   ?     ? ? ? 'X-RAY DIFFRACTION' ? 
x_improper_angle_d_prot ?     ? ? ? 'X-RAY DIFFRACTION' ? 
x_mcbond_it             ?     ? ? ? 'X-RAY DIFFRACTION' ? 
x_mcangle_it            ?     ? ? ? 'X-RAY DIFFRACTION' ? 
x_scbond_it             ?     ? ? ? 'X-RAY DIFFRACTION' ? 
x_scangle_it            ?     ? ? ? 'X-RAY DIFFRACTION' ? 
# 
_struct.entry_id                  1DTP 
_struct.title                     'THE STRUCTURE OF THE ISOLATED CATALYTIC DOMAIN OF DIPHTHERIA TOXIN' 
_struct.pdbx_model_details        ? 
_struct.pdbx_CASP_flag            ? 
_struct.pdbx_model_type_details   ? 
# 
_struct_keywords.entry_id        1DTP 
_struct_keywords.pdbx_keywords   TOXIN 
_struct_keywords.text            TOXIN 
# 
loop_
_struct_asym.id 
_struct_asym.pdbx_blank_PDB_chainid_flag 
_struct_asym.pdbx_modified 
_struct_asym.entity_id 
_struct_asym.details 
A N N 1 ? 
B N N 2 ? 
C N N 3 ? 
# 
_struct_ref.id                         1 
_struct_ref.db_name                    UNP 
_struct_ref.db_code                    DTX_CORBE 
_struct_ref.entity_id                  1 
_struct_ref.pdbx_db_accession          P00588 
_struct_ref.pdbx_align_begin           1 
_struct_ref.pdbx_seq_one_letter_code   
;MLVRGYVVSRKLFASILIGALLGIGAPPSAHAGADDVVDSSKSFVMENFSSYHGTKPGYVDSIQKGIQKPKSGTQGNYDD
DWKGFYSTDNKYDAAGYSVDNENPLSGKAGGVVKVTYPGLTKVLALKVDNAETIKKELGLSLTEPLMEQVGTEEFIKRFG
DGASRVVLSLPFAEGSSSVEYINNWEQAKALSVELEINFETRGKRGQDAMYEYMAQACAGNRVRRSVGSSLSCINLDWDV
IRDKTKTKIESLKEHGPIKNKMSESPNKTVSEEKAKQYLEEFHQTALEHPELSELKTVTGTNPVFAGANYAAWAVNVAQV
IDSETADNLEKTTAALSILPGIGSVMGIADGAVHHNTEEIVAQSIALSSLMVAQAIPLVGELVDIGFAAYNFVESIINLF
QVVHNSYNRPAYSPGHKTQPFLHDGYAVSWNTVEDSIIRTGFQGESGHDIKITAENTPLPIAGVLLPTIPGKLDVNKSKT
HISVNGRKIRMRCRAIDGDVTFCRPKSPVYVGNGVHANLHVAFHRSSSEKIHSNEISSDSIGVLGYQKTVDHTKVNSKLS
LFFEIKS
;
_struct_ref.pdbx_db_isoform            ? 
# 
_struct_ref_seq.align_id                      1 
_struct_ref_seq.ref_id                        1 
_struct_ref_seq.pdbx_PDB_id_code              1DTP 
_struct_ref_seq.pdbx_strand_id                A 
_struct_ref_seq.seq_align_beg                 1 
_struct_ref_seq.pdbx_seq_align_beg_ins_code   ? 
_struct_ref_seq.seq_align_end                 190 
_struct_ref_seq.pdbx_seq_align_end_ins_code   ? 
_struct_ref_seq.pdbx_db_accession             P00588 
_struct_ref_seq.db_align_beg                  33 
_struct_ref_seq.pdbx_db_align_beg_ins_code    ? 
_struct_ref_seq.db_align_end                  222 
_struct_ref_seq.pdbx_db_align_end_ins_code    ? 
_struct_ref_seq.pdbx_auth_seq_align_beg       1 
_struct_ref_seq.pdbx_auth_seq_align_end       190 
# 
_pdbx_struct_assembly.id                   1 
_pdbx_struct_assembly.details              author_defined_assembly 
_pdbx_struct_assembly.method_details       ? 
_pdbx_struct_assembly.oligomeric_details   monomeric 
_pdbx_struct_assembly.oligomeric_count     1 
# 
_pdbx_struct_assembly_gen.assembly_id       1 
_pdbx_struct_assembly_gen.oper_expression   1 
_pdbx_struct_assembly_gen.asym_id_list      A,B,C 
# 
_pdbx_struct_oper_list.id                   1 
_pdbx_struct_oper_list.type                 'identity operation' 
_pdbx_struct_oper_list.name                 1_555 
_pdbx_struct_oper_list.symmetry_operation   x,y,z 
_pdbx_struct_oper_list.matrix[1][1]         1.0000000000 
_pdbx_struct_oper_list.matrix[1][2]         0.0000000000 
_pdbx_struct_oper_list.matrix[1][3]         0.0000000000 
_pdbx_struct_oper_list.vector[1]            0.0000000000 
_pdbx_struct_oper_list.matrix[2][1]         0.0000000000 
_pdbx_struct_oper_list.matrix[2][2]         1.0000000000 
_pdbx_struct_oper_list.matrix[2][3]         0.0000000000 
_pdbx_struct_oper_list.vector[2]            0.0000000000 
_pdbx_struct_oper_list.matrix[3][1]         0.0000000000 
_pdbx_struct_oper_list.matrix[3][2]         0.0000000000 
_pdbx_struct_oper_list.matrix[3][3]         1.0000000000 
_pdbx_struct_oper_list.vector[3]            0.0000000000 
# 
_struct_biol.id   1 
# 
loop_
_struct_conf.conf_type_id 
_struct_conf.id 
_struct_conf.pdbx_PDB_helix_id 
_struct_conf.beg_label_comp_id 
_struct_conf.beg_label_asym_id 
_struct_conf.beg_label_seq_id 
_struct_conf.pdbx_beg_PDB_ins_code 
_struct_conf.end_label_comp_id 
_struct_conf.end_label_asym_id 
_struct_conf.end_label_seq_id 
_struct_conf.pdbx_end_PDB_ins_code 
_struct_conf.beg_auth_comp_id 
_struct_conf.beg_auth_asym_id 
_struct_conf.beg_auth_seq_id 
_struct_conf.end_auth_comp_id 
_struct_conf.end_auth_asym_id 
_struct_conf.end_auth_seq_id 
_struct_conf.pdbx_PDB_helix_class 
_struct_conf.details 
_struct_conf.pdbx_PDB_helix_length 
HELX_P HELX_P1 H1 TYR A 27  ? LYS A 33  ? TYR A 27  LYS A 33  1 ? 7  
HELX_P HELX_P2 H2 LYS A 59  ? TYR A 65  ? LYS A 59  TYR A 65  1 ? 7  
HELX_P HELX_P3 H3 ALA A 99  ? LEU A 106 ? ALA A 99  LEU A 106 1 ? 8  
HELX_P HELX_P4 H4 LEU A 114 ? VAL A 118 ? LEU A 114 VAL A 118 1 ? 5  
HELX_P HELX_P5 H5 GLU A 121 ? GLY A 128 ? GLU A 121 GLY A 128 1 ? 8  
HELX_P HELX_P6 H6 GLY A 174 ? CYS A 186 ? GLY A 174 CYS A 186 1 ? 13 
# 
_struct_conf_type.id          HELX_P 
_struct_conf_type.criteria    ? 
_struct_conf_type.reference   ? 
# 
loop_
_struct_sheet.id 
_struct_sheet.type 
_struct_sheet.number_strands 
_struct_sheet.details 
S1 ? 5 ? 
S2 ? 3 ? 
# 
loop_
_struct_sheet_order.sheet_id 
_struct_sheet_order.range_id_1 
_struct_sheet_order.range_id_2 
_struct_sheet_order.offset 
_struct_sheet_order.sense 
S1 1 2 ? anti-parallel 
S1 2 3 ? parallel      
S1 3 4 ? anti-parallel 
S1 4 5 ? anti-parallel 
S2 1 2 ? anti-parallel 
S2 2 3 ? anti-parallel 
# 
loop_
_struct_sheet_range.sheet_id 
_struct_sheet_range.id 
_struct_sheet_range.beg_label_comp_id 
_struct_sheet_range.beg_label_asym_id 
_struct_sheet_range.beg_label_seq_id 
_struct_sheet_range.pdbx_beg_PDB_ins_code 
_struct_sheet_range.end_label_comp_id 
_struct_sheet_range.end_label_asym_id 
_struct_sheet_range.end_label_seq_id 
_struct_sheet_range.pdbx_end_PDB_ins_code 
_struct_sheet_range.beg_auth_comp_id 
_struct_sheet_range.beg_auth_asym_id 
_struct_sheet_range.beg_auth_seq_id 
_struct_sheet_range.end_auth_comp_id 
_struct_sheet_range.end_auth_asym_id 
_struct_sheet_range.end_auth_seq_id 
S1 1 PHE A 12  ? GLU A 15  ? PHE A 12  GLU A 15  
S1 2 THR A 89  ? LYS A 95  ? THR A 89  LYS A 95  
S1 3 ARG A 133 ? PRO A 139 ? ARG A 133 PRO A 139 
S1 4 SER A 146 ? ASN A 152 ? SER A 146 ASN A 152 
S1 5 PHE A 53  ? THR A 56  ? PHE A 53  THR A 56  
S2 1 PHE A 17  ? THR A 23  ? PHE A 17  THR A 23  
S2 2 GLY A 79  ? TYR A 85  ? GLY A 79  TYR A 85  
S2 3 SER A 160 ? ASN A 166 ? SER A 160 ASN A 166 
# 
loop_
_struct_site.id 
_struct_site.pdbx_evidence_code 
_struct_site.pdbx_auth_asym_id 
_struct_site.pdbx_auth_comp_id 
_struct_site.pdbx_auth_seq_id 
_struct_site.pdbx_auth_ins_code 
_struct_site.pdbx_num_residues 
_struct_site.details 
CAT Unknown  ? ?   ?   ? 11 ?                                    
AC1 Software A APU 200 ? 16 'BINDING SITE FOR RESIDUE APU A 200' 
# 
loop_
_struct_site_gen.id 
_struct_site_gen.site_id 
_struct_site_gen.pdbx_num_res 
_struct_site_gen.label_comp_id 
_struct_site_gen.label_asym_id 
_struct_site_gen.label_seq_id 
_struct_site_gen.pdbx_auth_ins_code 
_struct_site_gen.auth_comp_id 
_struct_site_gen.auth_asym_id 
_struct_site_gen.auth_seq_id 
_struct_site_gen.label_atom_id 
_struct_site_gen.label_alt_id 
_struct_site_gen.symmetry 
_struct_site_gen.details 
1  CAT 11 HIS A 21 ? HIS A 21 . ? 1_555 ? 
2  CAT 11 GLY A 22 ? GLY A 22 . ? 1_555 ? 
3  CAT 11 LYS A 24 ? LYS A 24 . ? 1_555 ? 
4  CAT 11 ILE A 31 ? ILE A 31 . ? 1_555 ? 
5  CAT 11 GLY A 34 ? GLY A 34 . ? 1_555 ? 
6  CAT 11 THR A 42 ? THR A 42 . ? 1_555 ? 
7  CAT 11 GLY A 44 ? GLY A 44 . ? 1_555 ? 
8  CAT 11 ASN A 45 ? ASN A 45 . ? 1_555 ? 
9  CAT 11 TYR A 54 ? TYR A 54 . ? 1_555 ? 
10 CAT 11 TYR A 65 ? TYR A 65 . ? 1_555 ? 
11 CAT 11 ASN A 69 ? ASN A 69 . ? 1_555 ? 
12 AC1 16 HIS A 21 ? HIS A 21 . ? 1_555 ? 
13 AC1 16 GLY A 22 ? GLY A 22 . ? 1_555 ? 
14 AC1 16 LYS A 24 ? LYS A 24 . ? 1_555 ? 
15 AC1 16 TYR A 27 ? TYR A 27 . ? 1_555 ? 
16 AC1 16 ILE A 31 ? ILE A 31 . ? 1_555 ? 
17 AC1 16 GLY A 34 ? GLY A 34 . ? 1_555 ? 
18 AC1 16 ILE A 35 ? ILE A 35 . ? 1_555 ? 
19 AC1 16 GLN A 36 ? GLN A 36 . ? 1_555 ? 
20 AC1 16 PRO A 38 ? PRO A 38 . ? 1_555 ? 
21 AC1 16 THR A 42 ? THR A 42 . ? 1_555 ? 
22 AC1 16 GLY A 44 ? GLY A 44 . ? 1_555 ? 
23 AC1 16 ASN A 45 ? ASN A 45 . ? 1_555 ? 
24 AC1 16 PHE A 53 ? PHE A 53 . ? 1_555 ? 
25 AC1 16 TYR A 54 ? TYR A 54 . ? 1_555 ? 
26 AC1 16 TYR A 65 ? TYR A 65 . ? 1_555 ? 
27 AC1 16 ASN A 69 ? ASN A 69 . ? 1_555 ? 
# 
_pdbx_validate_rmsd_bond.id                        1 
_pdbx_validate_rmsd_bond.PDB_model_num             1 
_pdbx_validate_rmsd_bond.auth_atom_id_1            NE2 
_pdbx_validate_rmsd_bond.auth_asym_id_1            A 
_pdbx_validate_rmsd_bond.auth_comp_id_1            HIS 
_pdbx_validate_rmsd_bond.auth_seq_id_1             21 
_pdbx_validate_rmsd_bond.PDB_ins_code_1            ? 
_pdbx_validate_rmsd_bond.label_alt_id_1            ? 
_pdbx_validate_rmsd_bond.auth_atom_id_2            CD2 
_pdbx_validate_rmsd_bond.auth_asym_id_2            A 
_pdbx_validate_rmsd_bond.auth_comp_id_2            HIS 
_pdbx_validate_rmsd_bond.auth_seq_id_2             21 
_pdbx_validate_rmsd_bond.PDB_ins_code_2            ? 
_pdbx_validate_rmsd_bond.label_alt_id_2            ? 
_pdbx_validate_rmsd_bond.bond_value                1.298 
_pdbx_validate_rmsd_bond.bond_target_value         1.373 
_pdbx_validate_rmsd_bond.bond_deviation            -0.075 
_pdbx_validate_rmsd_bond.bond_standard_deviation   0.011 
_pdbx_validate_rmsd_bond.linker_flag               N 
# 
loop_
_pdbx_validate_rmsd_angle.id 
_pdbx_validate_rmsd_angle.PDB_model_num 
_pdbx_validate_rmsd_angle.auth_atom_id_1 
_pdbx_validate_rmsd_angle.auth_asym_id_1 
_pdbx_validate_rmsd_angle.auth_comp_id_1 
_pdbx_validate_rmsd_angle.auth_seq_id_1 
_pdbx_validate_rmsd_angle.PDB_ins_code_1 
_pdbx_validate_rmsd_angle.label_alt_id_1 
_pdbx_validate_rmsd_angle.auth_atom_id_2 
_pdbx_validate_rmsd_angle.auth_asym_id_2 
_pdbx_validate_rmsd_angle.auth_comp_id_2 
_pdbx_validate_rmsd_angle.auth_seq_id_2 
_pdbx_validate_rmsd_angle.PDB_ins_code_2 
_pdbx_validate_rmsd_angle.label_alt_id_2 
_pdbx_validate_rmsd_angle.auth_atom_id_3 
_pdbx_validate_rmsd_angle.auth_asym_id_3 
_pdbx_validate_rmsd_angle.auth_comp_id_3 
_pdbx_validate_rmsd_angle.auth_seq_id_3 
_pdbx_validate_rmsd_angle.PDB_ins_code_3 
_pdbx_validate_rmsd_angle.label_alt_id_3 
_pdbx_validate_rmsd_angle.angle_value 
_pdbx_validate_rmsd_angle.angle_target_value 
_pdbx_validate_rmsd_angle.angle_deviation 
_pdbx_validate_rmsd_angle.angle_standard_deviation 
_pdbx_validate_rmsd_angle.linker_flag 
1  1 CA  A LYS 10  ? ? CB  A LYS 10  ? ? CG  A LYS 10  ? ? 126.95 113.40 13.55  2.20 N 
2  1 CG1 A VAL 13  ? ? CB  A VAL 13  ? ? CG2 A VAL 13  ? ? 92.72  110.90 -18.18 1.60 N 
3  1 CA  A VAL 13  ? ? CB  A VAL 13  ? ? CG1 A VAL 13  ? ? 122.30 110.90 11.40  1.50 N 
4  1 CB  A TYR 20  ? ? CG  A TYR 20  ? ? CD1 A TYR 20  ? ? 116.26 121.00 -4.74  0.60 N 
5  1 CA  A THR 23  ? ? CB  A THR 23  ? ? CG2 A THR 23  ? ? 103.47 112.40 -8.93  1.40 N 
6  1 CA  A GLY 26  ? ? C   A GLY 26  ? ? N   A TYR 27  ? ? 98.12  117.20 -19.08 2.20 Y 
7  1 CG1 A VAL 28  ? ? CB  A VAL 28  ? ? CG2 A VAL 28  ? ? 99.50  110.90 -11.40 1.60 N 
8  1 CB  A TYR 46  ? ? CG  A TYR 46  ? ? CD2 A TYR 46  ? ? 125.47 121.00 4.47   0.60 N 
9  1 CB  A TYR 46  ? ? CG  A TYR 46  ? ? CD1 A TYR 46  ? ? 116.43 121.00 -4.57  0.60 N 
10 1 CD1 A TRP 50  ? ? CG  A TRP 50  ? ? CD2 A TRP 50  ? ? 112.07 106.30 5.77   0.80 N 
11 1 CE2 A TRP 50  ? ? CD2 A TRP 50  ? ? CG  A TRP 50  ? ? 101.46 107.30 -5.84  0.80 N 
12 1 CA  A ASP 68  ? ? CB  A ASP 68  ? ? CG  A ASP 68  ? ? 132.79 113.40 19.39  2.20 N 
13 1 CB  A TYR 85  ? ? CG  A TYR 85  ? ? CD2 A TYR 85  ? ? 117.37 121.00 -3.63  0.60 N 
14 1 CB  A LEU 88  ? ? CG  A LEU 88  ? ? CD2 A LEU 88  ? ? 99.09  111.00 -11.91 1.70 N 
15 1 N   A VAL 91  ? ? CA  A VAL 91  ? ? C   A VAL 91  ? ? 94.28  111.00 -16.72 2.70 N 
16 1 N   A LEU 92  ? ? CA  A LEU 92  ? ? C   A LEU 92  ? ? 93.80  111.00 -17.20 2.70 N 
17 1 CA  A SER 109 ? ? C   A SER 109 ? ? N   A LEU 110 ? ? 102.89 117.20 -14.31 2.20 Y 
18 1 CG1 A VAL 118 ? ? CB  A VAL 118 ? ? CG2 A VAL 118 ? ? 99.51  110.90 -11.39 1.60 N 
19 1 NE  A ARG 126 ? ? CZ  A ARG 126 ? ? NH1 A ARG 126 ? ? 125.13 120.30 4.83   0.50 N 
20 1 CB  A ASP 129 ? ? CG  A ASP 129 ? ? OD1 A ASP 129 ? ? 123.88 118.30 5.58   0.90 N 
21 1 NE  A ARG 133 ? ? CZ  A ARG 133 ? ? NH2 A ARG 133 ? ? 117.09 120.30 -3.21  0.50 N 
22 1 CG1 A VAL 135 ? ? CB  A VAL 135 ? ? CG2 A VAL 135 ? ? 100.28 110.90 -10.62 1.60 N 
23 1 CB  A LEU 136 ? ? CG  A LEU 136 ? ? CD2 A LEU 136 ? ? 100.58 111.00 -10.42 1.70 N 
24 1 CD1 A TRP 153 ? ? CG  A TRP 153 ? ? CD2 A TRP 153 ? ? 111.63 106.30 5.33   0.80 N 
25 1 CE2 A TRP 153 ? ? CD2 A TRP 153 ? ? CG  A TRP 153 ? ? 101.48 107.30 -5.82  0.80 N 
26 1 CA  A LEU 159 ? ? CB  A LEU 159 ? ? CG  A LEU 159 ? ? 131.53 115.30 16.23  2.30 N 
27 1 CA  A THR 169 ? ? CB  A THR 169 ? ? CG2 A THR 169 ? ? 103.78 112.40 -8.62  1.40 N 
28 1 NE  A ARG 170 ? ? CZ  A ARG 170 ? ? NH1 A ARG 170 ? ? 125.30 120.30 5.00   0.50 N 
29 1 NE  A ARG 173 ? ? CZ  A ARG 173 ? ? NH1 A ARG 173 ? ? 123.55 120.30 3.25   0.50 N 
30 1 NE  A ARG 173 ? ? CZ  A ARG 173 ? ? NH2 A ARG 173 ? ? 116.40 120.30 -3.90  0.50 N 
31 1 CG  A MET 178 ? ? SD  A MET 178 ? ? CE  A MET 178 ? ? 90.50  100.20 -9.70  1.60 N 
32 1 CA  A GLY 188 ? ? C   A GLY 188 ? ? N   A ASN 189 ? ? 99.79  117.20 -17.41 2.20 Y 
# 
loop_
_pdbx_validate_torsion.id 
_pdbx_validate_torsion.PDB_model_num 
_pdbx_validate_torsion.auth_comp_id 
_pdbx_validate_torsion.auth_asym_id 
_pdbx_validate_torsion.auth_seq_id 
_pdbx_validate_torsion.PDB_ins_code 
_pdbx_validate_torsion.label_alt_id 
_pdbx_validate_torsion.phi 
_pdbx_validate_torsion.psi 
1  1 TYR A 27  ? ? -63.34  0.58    
2  1 SER A 40  ? ? -67.90  79.73   
3  1 ASP A 68  ? ? 45.37   -139.52 
4  1 ASN A 69  ? ? 85.73   88.11   
5  1 GLU A 70  ? ? 56.28   89.32   
6  1 ASN A 71  ? ? 94.39   87.30   
7  1 ALA A 77  ? ? 177.74  148.72  
8  1 ASP A 97  ? ? -91.50  59.60   
9  1 THR A 111 ? ? -167.11 32.57   
10 1 LYS A 125 ? ? -65.19  -75.72  
11 1 ALA A 158 ? ? -71.48  42.95   
12 1 ASP A 176 ? ? -76.64  -74.11  
# 
_pdbx_validate_planes.id              1 
_pdbx_validate_planes.PDB_model_num   1 
_pdbx_validate_planes.auth_comp_id    TYR 
_pdbx_validate_planes.auth_asym_id    A 
_pdbx_validate_planes.auth_seq_id     27 
_pdbx_validate_planes.PDB_ins_code    ? 
_pdbx_validate_planes.label_alt_id    ? 
_pdbx_validate_planes.rmsd            0.067 
_pdbx_validate_planes.type            'SIDE CHAIN' 
# 
loop_
_chem_comp_atom.comp_id 
_chem_comp_atom.atom_id 
_chem_comp_atom.type_symbol 
_chem_comp_atom.pdbx_aromatic_flag 
_chem_comp_atom.pdbx_stereo_config 
_chem_comp_atom.pdbx_ordinal 
ALA N      N N N 1   
ALA CA     C N S 2   
ALA C      C N N 3   
ALA O      O N N 4   
ALA CB     C N N 5   
ALA OXT    O N N 6   
ALA H      H N N 7   
ALA H2     H N N 8   
ALA HA     H N N 9   
ALA HB1    H N N 10  
ALA HB2    H N N 11  
ALA HB3    H N N 12  
ALA HXT    H N N 13  
APU PA     P N R 14  
APU O1A    O N N 15  
APU O2A    O N N 16  
APU O5B    O N N 17  
APU C5B    C N N 18  
APU C4B    C N R 19  
APU O4B    O N N 20  
APU C3B    C N S 21  
APU O3B    O N N 22  
APU C2B    C N R 23  
APU O2B    O N N 24  
APU C1B    C N R 25  
APU N9A    N Y N 26  
APU C8A    C Y N 27  
APU N7A    N Y N 28  
APU C5A    C Y N 29  
APU C6A    C Y N 30  
APU N6A    N N N 31  
APU N1A    N Y N 32  
APU C2A    C Y N 33  
APU N3A    N Y N 34  
APU C4A    C Y N 35  
APU N1U    N N N 36  
APU C2U    C N N 37  
APU O2U    O N N 38  
APU N3U    N N N 39  
APU C4U    C N N 40  
APU O4U    O N N 41  
APU C5U    C N N 42  
APU C6U    C N N 43  
APU C1D    C N R 44  
APU C2D    C N R 45  
APU O2D    O N N 46  
APU C3D    C N S 47  
APU O3D    O N N 48  
APU C4D    C N R 49  
APU O4D    O N N 50  
APU O5D    O N N 51  
APU C5D    C N N 52  
APU PU     P N N 53  
APU O1X    O N N 54  
APU O2X    O N N 55  
APU O3X    O N N 56  
APU HOA2   H N N 57  
APU HO5A   H N N 58  
APU H51A   H N N 59  
APU H52A   H N N 60  
APU H4B    H N N 61  
APU H3B    H N N 62  
APU H2B    H N N 63  
APU HO2A   H N N 64  
APU H1B    H N N 65  
APU H8A    H N N 66  
APU H61A   H N N 67  
APU H62A   H N N 68  
APU H2A    H N N 69  
APU H3U    H N N 70  
APU H5U    H N N 71  
APU H6U    H N N 72  
APU H1D    H N N 73  
APU H2D    H N N 74  
APU "HO2'" H N N 75  
APU H3D    H N N 76  
APU H4D    H N N 77  
APU H51U   H N N 78  
APU H52U   H N N 79  
APU HO2U   H N N 80  
APU HO3U   H N N 81  
ARG N      N N N 82  
ARG CA     C N S 83  
ARG C      C N N 84  
ARG O      O N N 85  
ARG CB     C N N 86  
ARG CG     C N N 87  
ARG CD     C N N 88  
ARG NE     N N N 89  
ARG CZ     C N N 90  
ARG NH1    N N N 91  
ARG NH2    N N N 92  
ARG OXT    O N N 93  
ARG H      H N N 94  
ARG H2     H N N 95  
ARG HA     H N N 96  
ARG HB2    H N N 97  
ARG HB3    H N N 98  
ARG HG2    H N N 99  
ARG HG3    H N N 100 
ARG HD2    H N N 101 
ARG HD3    H N N 102 
ARG HE     H N N 103 
ARG HH11   H N N 104 
ARG HH12   H N N 105 
ARG HH21   H N N 106 
ARG HH22   H N N 107 
ARG HXT    H N N 108 
ASN N      N N N 109 
ASN CA     C N S 110 
ASN C      C N N 111 
ASN O      O N N 112 
ASN CB     C N N 113 
ASN CG     C N N 114 
ASN OD1    O N N 115 
ASN ND2    N N N 116 
ASN OXT    O N N 117 
ASN H      H N N 118 
ASN H2     H N N 119 
ASN HA     H N N 120 
ASN HB2    H N N 121 
ASN HB3    H N N 122 
ASN HD21   H N N 123 
ASN HD22   H N N 124 
ASN HXT    H N N 125 
ASP N      N N N 126 
ASP CA     C N S 127 
ASP C      C N N 128 
ASP O      O N N 129 
ASP CB     C N N 130 
ASP CG     C N N 131 
ASP OD1    O N N 132 
ASP OD2    O N N 133 
ASP OXT    O N N 134 
ASP H      H N N 135 
ASP H2     H N N 136 
ASP HA     H N N 137 
ASP HB2    H N N 138 
ASP HB3    H N N 139 
ASP HD2    H N N 140 
ASP HXT    H N N 141 
CYS N      N N N 142 
CYS CA     C N R 143 
CYS C      C N N 144 
CYS O      O N N 145 
CYS CB     C N N 146 
CYS SG     S N N 147 
CYS OXT    O N N 148 
CYS H      H N N 149 
CYS H2     H N N 150 
CYS HA     H N N 151 
CYS HB2    H N N 152 
CYS HB3    H N N 153 
CYS HG     H N N 154 
CYS HXT    H N N 155 
GLN N      N N N 156 
GLN CA     C N S 157 
GLN C      C N N 158 
GLN O      O N N 159 
GLN CB     C N N 160 
GLN CG     C N N 161 
GLN CD     C N N 162 
GLN OE1    O N N 163 
GLN NE2    N N N 164 
GLN OXT    O N N 165 
GLN H      H N N 166 
GLN H2     H N N 167 
GLN HA     H N N 168 
GLN HB2    H N N 169 
GLN HB3    H N N 170 
GLN HG2    H N N 171 
GLN HG3    H N N 172 
GLN HE21   H N N 173 
GLN HE22   H N N 174 
GLN HXT    H N N 175 
GLU N      N N N 176 
GLU CA     C N S 177 
GLU C      C N N 178 
GLU O      O N N 179 
GLU CB     C N N 180 
GLU CG     C N N 181 
GLU CD     C N N 182 
GLU OE1    O N N 183 
GLU OE2    O N N 184 
GLU OXT    O N N 185 
GLU H      H N N 186 
GLU H2     H N N 187 
GLU HA     H N N 188 
GLU HB2    H N N 189 
GLU HB3    H N N 190 
GLU HG2    H N N 191 
GLU HG3    H N N 192 
GLU HE2    H N N 193 
GLU HXT    H N N 194 
GLY N      N N N 195 
GLY CA     C N N 196 
GLY C      C N N 197 
GLY O      O N N 198 
GLY OXT    O N N 199 
GLY H      H N N 200 
GLY H2     H N N 201 
GLY HA2    H N N 202 
GLY HA3    H N N 203 
GLY HXT    H N N 204 
HIS N      N N N 205 
HIS CA     C N S 206 
HIS C      C N N 207 
HIS O      O N N 208 
HIS CB     C N N 209 
HIS CG     C Y N 210 
HIS ND1    N Y N 211 
HIS CD2    C Y N 212 
HIS CE1    C Y N 213 
HIS NE2    N Y N 214 
HIS OXT    O N N 215 
HIS H      H N N 216 
HIS H2     H N N 217 
HIS HA     H N N 218 
HIS HB2    H N N 219 
HIS HB3    H N N 220 
HIS HD1    H N N 221 
HIS HD2    H N N 222 
HIS HE1    H N N 223 
HIS HE2    H N N 224 
HIS HXT    H N N 225 
HOH O      O N N 226 
HOH H1     H N N 227 
HOH H2     H N N 228 
ILE N      N N N 229 
ILE CA     C N S 230 
ILE C      C N N 231 
ILE O      O N N 232 
ILE CB     C N S 233 
ILE CG1    C N N 234 
ILE CG2    C N N 235 
ILE CD1    C N N 236 
ILE OXT    O N N 237 
ILE H      H N N 238 
ILE H2     H N N 239 
ILE HA     H N N 240 
ILE HB     H N N 241 
ILE HG12   H N N 242 
ILE HG13   H N N 243 
ILE HG21   H N N 244 
ILE HG22   H N N 245 
ILE HG23   H N N 246 
ILE HD11   H N N 247 
ILE HD12   H N N 248 
ILE HD13   H N N 249 
ILE HXT    H N N 250 
LEU N      N N N 251 
LEU CA     C N S 252 
LEU C      C N N 253 
LEU O      O N N 254 
LEU CB     C N N 255 
LEU CG     C N N 256 
LEU CD1    C N N 257 
LEU CD2    C N N 258 
LEU OXT    O N N 259 
LEU H      H N N 260 
LEU H2     H N N 261 
LEU HA     H N N 262 
LEU HB2    H N N 263 
LEU HB3    H N N 264 
LEU HG     H N N 265 
LEU HD11   H N N 266 
LEU HD12   H N N 267 
LEU HD13   H N N 268 
LEU HD21   H N N 269 
LEU HD22   H N N 270 
LEU HD23   H N N 271 
LEU HXT    H N N 272 
LYS N      N N N 273 
LYS CA     C N S 274 
LYS C      C N N 275 
LYS O      O N N 276 
LYS CB     C N N 277 
LYS CG     C N N 278 
LYS CD     C N N 279 
LYS CE     C N N 280 
LYS NZ     N N N 281 
LYS OXT    O N N 282 
LYS H      H N N 283 
LYS H2     H N N 284 
LYS HA     H N N 285 
LYS HB2    H N N 286 
LYS HB3    H N N 287 
LYS HG2    H N N 288 
LYS HG3    H N N 289 
LYS HD2    H N N 290 
LYS HD3    H N N 291 
LYS HE2    H N N 292 
LYS HE3    H N N 293 
LYS HZ1    H N N 294 
LYS HZ2    H N N 295 
LYS HZ3    H N N 296 
LYS HXT    H N N 297 
MET N      N N N 298 
MET CA     C N S 299 
MET C      C N N 300 
MET O      O N N 301 
MET CB     C N N 302 
MET CG     C N N 303 
MET SD     S N N 304 
MET CE     C N N 305 
MET OXT    O N N 306 
MET H      H N N 307 
MET H2     H N N 308 
MET HA     H N N 309 
MET HB2    H N N 310 
MET HB3    H N N 311 
MET HG2    H N N 312 
MET HG3    H N N 313 
MET HE1    H N N 314 
MET HE2    H N N 315 
MET HE3    H N N 316 
MET HXT    H N N 317 
PHE N      N N N 318 
PHE CA     C N S 319 
PHE C      C N N 320 
PHE O      O N N 321 
PHE CB     C N N 322 
PHE CG     C Y N 323 
PHE CD1    C Y N 324 
PHE CD2    C Y N 325 
PHE CE1    C Y N 326 
PHE CE2    C Y N 327 
PHE CZ     C Y N 328 
PHE OXT    O N N 329 
PHE H      H N N 330 
PHE H2     H N N 331 
PHE HA     H N N 332 
PHE HB2    H N N 333 
PHE HB3    H N N 334 
PHE HD1    H N N 335 
PHE HD2    H N N 336 
PHE HE1    H N N 337 
PHE HE2    H N N 338 
PHE HZ     H N N 339 
PHE HXT    H N N 340 
PRO N      N N N 341 
PRO CA     C N S 342 
PRO C      C N N 343 
PRO O      O N N 344 
PRO CB     C N N 345 
PRO CG     C N N 346 
PRO CD     C N N 347 
PRO OXT    O N N 348 
PRO H      H N N 349 
PRO HA     H N N 350 
PRO HB2    H N N 351 
PRO HB3    H N N 352 
PRO HG2    H N N 353 
PRO HG3    H N N 354 
PRO HD2    H N N 355 
PRO HD3    H N N 356 
PRO HXT    H N N 357 
SER N      N N N 358 
SER CA     C N S 359 
SER C      C N N 360 
SER O      O N N 361 
SER CB     C N N 362 
SER OG     O N N 363 
SER OXT    O N N 364 
SER H      H N N 365 
SER H2     H N N 366 
SER HA     H N N 367 
SER HB2    H N N 368 
SER HB3    H N N 369 
SER HG     H N N 370 
SER HXT    H N N 371 
THR N      N N N 372 
THR CA     C N S 373 
THR C      C N N 374 
THR O      O N N 375 
THR CB     C N R 376 
THR OG1    O N N 377 
THR CG2    C N N 378 
THR OXT    O N N 379 
THR H      H N N 380 
THR H2     H N N 381 
THR HA     H N N 382 
THR HB     H N N 383 
THR HG1    H N N 384 
THR HG21   H N N 385 
THR HG22   H N N 386 
THR HG23   H N N 387 
THR HXT    H N N 388 
TRP N      N N N 389 
TRP CA     C N S 390 
TRP C      C N N 391 
TRP O      O N N 392 
TRP CB     C N N 393 
TRP CG     C Y N 394 
TRP CD1    C Y N 395 
TRP CD2    C Y N 396 
TRP NE1    N Y N 397 
TRP CE2    C Y N 398 
TRP CE3    C Y N 399 
TRP CZ2    C Y N 400 
TRP CZ3    C Y N 401 
TRP CH2    C Y N 402 
TRP OXT    O N N 403 
TRP H      H N N 404 
TRP H2     H N N 405 
TRP HA     H N N 406 
TRP HB2    H N N 407 
TRP HB3    H N N 408 
TRP HD1    H N N 409 
TRP HE1    H N N 410 
TRP HE3    H N N 411 
TRP HZ2    H N N 412 
TRP HZ3    H N N 413 
TRP HH2    H N N 414 
TRP HXT    H N N 415 
TYR N      N N N 416 
TYR CA     C N S 417 
TYR C      C N N 418 
TYR O      O N N 419 
TYR CB     C N N 420 
TYR CG     C Y N 421 
TYR CD1    C Y N 422 
TYR CD2    C Y N 423 
TYR CE1    C Y N 424 
TYR CE2    C Y N 425 
TYR CZ     C Y N 426 
TYR OH     O N N 427 
TYR OXT    O N N 428 
TYR H      H N N 429 
TYR H2     H N N 430 
TYR HA     H N N 431 
TYR HB2    H N N 432 
TYR HB3    H N N 433 
TYR HD1    H N N 434 
TYR HD2    H N N 435 
TYR HE1    H N N 436 
TYR HE2    H N N 437 
TYR HH     H N N 438 
TYR HXT    H N N 439 
VAL N      N N N 440 
VAL CA     C N S 441 
VAL C      C N N 442 
VAL O      O N N 443 
VAL CB     C N N 444 
VAL CG1    C N N 445 
VAL CG2    C N N 446 
VAL OXT    O N N 447 
VAL H      H N N 448 
VAL H2     H N N 449 
VAL HA     H N N 450 
VAL HB     H N N 451 
VAL HG11   H N N 452 
VAL HG12   H N N 453 
VAL HG13   H N N 454 
VAL HG21   H N N 455 
VAL HG22   H N N 456 
VAL HG23   H N N 457 
VAL HXT    H N N 458 
# 
loop_
_chem_comp_bond.comp_id 
_chem_comp_bond.atom_id_1 
_chem_comp_bond.atom_id_2 
_chem_comp_bond.value_order 
_chem_comp_bond.pdbx_aromatic_flag 
_chem_comp_bond.pdbx_stereo_config 
_chem_comp_bond.pdbx_ordinal 
ALA N   CA     sing N N 1   
ALA N   H      sing N N 2   
ALA N   H2     sing N N 3   
ALA CA  C      sing N N 4   
ALA CA  CB     sing N N 5   
ALA CA  HA     sing N N 6   
ALA C   O      doub N N 7   
ALA C   OXT    sing N N 8   
ALA CB  HB1    sing N N 9   
ALA CB  HB2    sing N N 10  
ALA CB  HB3    sing N N 11  
ALA OXT HXT    sing N N 12  
APU PA  O1A    doub N N 13  
APU PA  O2A    sing N N 14  
APU PA  O3B    sing N N 15  
APU PA  O5D    sing N N 16  
APU O2A HOA2   sing N N 17  
APU O5B C5B    sing N N 18  
APU O5B HO5A   sing N N 19  
APU C5B C4B    sing N N 20  
APU C5B H51A   sing N N 21  
APU C5B H52A   sing N N 22  
APU C4B O4B    sing N N 23  
APU C4B C3B    sing N N 24  
APU C4B H4B    sing N N 25  
APU O4B C1B    sing N N 26  
APU C3B O3B    sing N N 27  
APU C3B C2B    sing N N 28  
APU C3B H3B    sing N N 29  
APU C2B O2B    sing N N 30  
APU C2B C1B    sing N N 31  
APU C2B H2B    sing N N 32  
APU O2B HO2A   sing N N 33  
APU C1B N9A    sing N N 34  
APU C1B H1B    sing N N 35  
APU N9A C8A    sing Y N 36  
APU N9A C4A    sing Y N 37  
APU C8A N7A    doub Y N 38  
APU C8A H8A    sing N N 39  
APU N7A C5A    sing Y N 40  
APU C5A C6A    sing Y N 41  
APU C5A C4A    doub Y N 42  
APU C6A N6A    sing N N 43  
APU C6A N1A    doub Y N 44  
APU N6A H61A   sing N N 45  
APU N6A H62A   sing N N 46  
APU N1A C2A    sing Y N 47  
APU C2A N3A    doub Y N 48  
APU C2A H2A    sing N N 49  
APU N3A C4A    sing Y N 50  
APU N1U C2U    sing N N 51  
APU N1U C6U    sing N N 52  
APU N1U C1D    sing N N 53  
APU C2U O2U    doub N N 54  
APU C2U N3U    sing N N 55  
APU N3U C4U    sing N N 56  
APU N3U H3U    sing N N 57  
APU C4U O4U    doub N N 58  
APU C4U C5U    sing N N 59  
APU C5U C6U    doub N N 60  
APU C5U H5U    sing N N 61  
APU C6U H6U    sing N N 62  
APU C1D C2D    sing N N 63  
APU C1D O4D    sing N N 64  
APU C1D H1D    sing N N 65  
APU C2D O2D    sing N N 66  
APU C2D C3D    sing N N 67  
APU C2D H2D    sing N N 68  
APU O2D "HO2'" sing N N 69  
APU C3D O3D    sing N N 70  
APU C3D C4D    sing N N 71  
APU C3D H3D    sing N N 72  
APU O3D PU     sing N N 73  
APU C4D O4D    sing N N 74  
APU C4D C5D    sing N N 75  
APU C4D H4D    sing N N 76  
APU O5D C5D    sing N N 77  
APU C5D H51U   sing N N 78  
APU C5D H52U   sing N N 79  
APU PU  O1X    doub N N 80  
APU PU  O2X    sing N N 81  
APU PU  O3X    sing N N 82  
APU O2X HO2U   sing N N 83  
APU O3X HO3U   sing N N 84  
ARG N   CA     sing N N 85  
ARG N   H      sing N N 86  
ARG N   H2     sing N N 87  
ARG CA  C      sing N N 88  
ARG CA  CB     sing N N 89  
ARG CA  HA     sing N N 90  
ARG C   O      doub N N 91  
ARG C   OXT    sing N N 92  
ARG CB  CG     sing N N 93  
ARG CB  HB2    sing N N 94  
ARG CB  HB3    sing N N 95  
ARG CG  CD     sing N N 96  
ARG CG  HG2    sing N N 97  
ARG CG  HG3    sing N N 98  
ARG CD  NE     sing N N 99  
ARG CD  HD2    sing N N 100 
ARG CD  HD3    sing N N 101 
ARG NE  CZ     sing N N 102 
ARG NE  HE     sing N N 103 
ARG CZ  NH1    sing N N 104 
ARG CZ  NH2    doub N N 105 
ARG NH1 HH11   sing N N 106 
ARG NH1 HH12   sing N N 107 
ARG NH2 HH21   sing N N 108 
ARG NH2 HH22   sing N N 109 
ARG OXT HXT    sing N N 110 
ASN N   CA     sing N N 111 
ASN N   H      sing N N 112 
ASN N   H2     sing N N 113 
ASN CA  C      sing N N 114 
ASN CA  CB     sing N N 115 
ASN CA  HA     sing N N 116 
ASN C   O      doub N N 117 
ASN C   OXT    sing N N 118 
ASN CB  CG     sing N N 119 
ASN CB  HB2    sing N N 120 
ASN CB  HB3    sing N N 121 
ASN CG  OD1    doub N N 122 
ASN CG  ND2    sing N N 123 
ASN ND2 HD21   sing N N 124 
ASN ND2 HD22   sing N N 125 
ASN OXT HXT    sing N N 126 
ASP N   CA     sing N N 127 
ASP N   H      sing N N 128 
ASP N   H2     sing N N 129 
ASP CA  C      sing N N 130 
ASP CA  CB     sing N N 131 
ASP CA  HA     sing N N 132 
ASP C   O      doub N N 133 
ASP C   OXT    sing N N 134 
ASP CB  CG     sing N N 135 
ASP CB  HB2    sing N N 136 
ASP CB  HB3    sing N N 137 
ASP CG  OD1    doub N N 138 
ASP CG  OD2    sing N N 139 
ASP OD2 HD2    sing N N 140 
ASP OXT HXT    sing N N 141 
CYS N   CA     sing N N 142 
CYS N   H      sing N N 143 
CYS N   H2     sing N N 144 
CYS CA  C      sing N N 145 
CYS CA  CB     sing N N 146 
CYS CA  HA     sing N N 147 
CYS C   O      doub N N 148 
CYS C   OXT    sing N N 149 
CYS CB  SG     sing N N 150 
CYS CB  HB2    sing N N 151 
CYS CB  HB3    sing N N 152 
CYS SG  HG     sing N N 153 
CYS OXT HXT    sing N N 154 
GLN N   CA     sing N N 155 
GLN N   H      sing N N 156 
GLN N   H2     sing N N 157 
GLN CA  C      sing N N 158 
GLN CA  CB     sing N N 159 
GLN CA  HA     sing N N 160 
GLN C   O      doub N N 161 
GLN C   OXT    sing N N 162 
GLN CB  CG     sing N N 163 
GLN CB  HB2    sing N N 164 
GLN CB  HB3    sing N N 165 
GLN CG  CD     sing N N 166 
GLN CG  HG2    sing N N 167 
GLN CG  HG3    sing N N 168 
GLN CD  OE1    doub N N 169 
GLN CD  NE2    sing N N 170 
GLN NE2 HE21   sing N N 171 
GLN NE2 HE22   sing N N 172 
GLN OXT HXT    sing N N 173 
GLU N   CA     sing N N 174 
GLU N   H      sing N N 175 
GLU N   H2     sing N N 176 
GLU CA  C      sing N N 177 
GLU CA  CB     sing N N 178 
GLU CA  HA     sing N N 179 
GLU C   O      doub N N 180 
GLU C   OXT    sing N N 181 
GLU CB  CG     sing N N 182 
GLU CB  HB2    sing N N 183 
GLU CB  HB3    sing N N 184 
GLU CG  CD     sing N N 185 
GLU CG  HG2    sing N N 186 
GLU CG  HG3    sing N N 187 
GLU CD  OE1    doub N N 188 
GLU CD  OE2    sing N N 189 
GLU OE2 HE2    sing N N 190 
GLU OXT HXT    sing N N 191 
GLY N   CA     sing N N 192 
GLY N   H      sing N N 193 
GLY N   H2     sing N N 194 
GLY CA  C      sing N N 195 
GLY CA  HA2    sing N N 196 
GLY CA  HA3    sing N N 197 
GLY C   O      doub N N 198 
GLY C   OXT    sing N N 199 
GLY OXT HXT    sing N N 200 
HIS N   CA     sing N N 201 
HIS N   H      sing N N 202 
HIS N   H2     sing N N 203 
HIS CA  C      sing N N 204 
HIS CA  CB     sing N N 205 
HIS CA  HA     sing N N 206 
HIS C   O      doub N N 207 
HIS C   OXT    sing N N 208 
HIS CB  CG     sing N N 209 
HIS CB  HB2    sing N N 210 
HIS CB  HB3    sing N N 211 
HIS CG  ND1    sing Y N 212 
HIS CG  CD2    doub Y N 213 
HIS ND1 CE1    doub Y N 214 
HIS ND1 HD1    sing N N 215 
HIS CD2 NE2    sing Y N 216 
HIS CD2 HD2    sing N N 217 
HIS CE1 NE2    sing Y N 218 
HIS CE1 HE1    sing N N 219 
HIS NE2 HE2    sing N N 220 
HIS OXT HXT    sing N N 221 
HOH O   H1     sing N N 222 
HOH O   H2     sing N N 223 
ILE N   CA     sing N N 224 
ILE N   H      sing N N 225 
ILE N   H2     sing N N 226 
ILE CA  C      sing N N 227 
ILE CA  CB     sing N N 228 
ILE CA  HA     sing N N 229 
ILE C   O      doub N N 230 
ILE C   OXT    sing N N 231 
ILE CB  CG1    sing N N 232 
ILE CB  CG2    sing N N 233 
ILE CB  HB     sing N N 234 
ILE CG1 CD1    sing N N 235 
ILE CG1 HG12   sing N N 236 
ILE CG1 HG13   sing N N 237 
ILE CG2 HG21   sing N N 238 
ILE CG2 HG22   sing N N 239 
ILE CG2 HG23   sing N N 240 
ILE CD1 HD11   sing N N 241 
ILE CD1 HD12   sing N N 242 
ILE CD1 HD13   sing N N 243 
ILE OXT HXT    sing N N 244 
LEU N   CA     sing N N 245 
LEU N   H      sing N N 246 
LEU N   H2     sing N N 247 
LEU CA  C      sing N N 248 
LEU CA  CB     sing N N 249 
LEU CA  HA     sing N N 250 
LEU C   O      doub N N 251 
LEU C   OXT    sing N N 252 
LEU CB  CG     sing N N 253 
LEU CB  HB2    sing N N 254 
LEU CB  HB3    sing N N 255 
LEU CG  CD1    sing N N 256 
LEU CG  CD2    sing N N 257 
LEU CG  HG     sing N N 258 
LEU CD1 HD11   sing N N 259 
LEU CD1 HD12   sing N N 260 
LEU CD1 HD13   sing N N 261 
LEU CD2 HD21   sing N N 262 
LEU CD2 HD22   sing N N 263 
LEU CD2 HD23   sing N N 264 
LEU OXT HXT    sing N N 265 
LYS N   CA     sing N N 266 
LYS N   H      sing N N 267 
LYS N   H2     sing N N 268 
LYS CA  C      sing N N 269 
LYS CA  CB     sing N N 270 
LYS CA  HA     sing N N 271 
LYS C   O      doub N N 272 
LYS C   OXT    sing N N 273 
LYS CB  CG     sing N N 274 
LYS CB  HB2    sing N N 275 
LYS CB  HB3    sing N N 276 
LYS CG  CD     sing N N 277 
LYS CG  HG2    sing N N 278 
LYS CG  HG3    sing N N 279 
LYS CD  CE     sing N N 280 
LYS CD  HD2    sing N N 281 
LYS CD  HD3    sing N N 282 
LYS CE  NZ     sing N N 283 
LYS CE  HE2    sing N N 284 
LYS CE  HE3    sing N N 285 
LYS NZ  HZ1    sing N N 286 
LYS NZ  HZ2    sing N N 287 
LYS NZ  HZ3    sing N N 288 
LYS OXT HXT    sing N N 289 
MET N   CA     sing N N 290 
MET N   H      sing N N 291 
MET N   H2     sing N N 292 
MET CA  C      sing N N 293 
MET CA  CB     sing N N 294 
MET CA  HA     sing N N 295 
MET C   O      doub N N 296 
MET C   OXT    sing N N 297 
MET CB  CG     sing N N 298 
MET CB  HB2    sing N N 299 
MET CB  HB3    sing N N 300 
MET CG  SD     sing N N 301 
MET CG  HG2    sing N N 302 
MET CG  HG3    sing N N 303 
MET SD  CE     sing N N 304 
MET CE  HE1    sing N N 305 
MET CE  HE2    sing N N 306 
MET CE  HE3    sing N N 307 
MET OXT HXT    sing N N 308 
PHE N   CA     sing N N 309 
PHE N   H      sing N N 310 
PHE N   H2     sing N N 311 
PHE CA  C      sing N N 312 
PHE CA  CB     sing N N 313 
PHE CA  HA     sing N N 314 
PHE C   O      doub N N 315 
PHE C   OXT    sing N N 316 
PHE CB  CG     sing N N 317 
PHE CB  HB2    sing N N 318 
PHE CB  HB3    sing N N 319 
PHE CG  CD1    doub Y N 320 
PHE CG  CD2    sing Y N 321 
PHE CD1 CE1    sing Y N 322 
PHE CD1 HD1    sing N N 323 
PHE CD2 CE2    doub Y N 324 
PHE CD2 HD2    sing N N 325 
PHE CE1 CZ     doub Y N 326 
PHE CE1 HE1    sing N N 327 
PHE CE2 CZ     sing Y N 328 
PHE CE2 HE2    sing N N 329 
PHE CZ  HZ     sing N N 330 
PHE OXT HXT    sing N N 331 
PRO N   CA     sing N N 332 
PRO N   CD     sing N N 333 
PRO N   H      sing N N 334 
PRO CA  C      sing N N 335 
PRO CA  CB     sing N N 336 
PRO CA  HA     sing N N 337 
PRO C   O      doub N N 338 
PRO C   OXT    sing N N 339 
PRO CB  CG     sing N N 340 
PRO CB  HB2    sing N N 341 
PRO CB  HB3    sing N N 342 
PRO CG  CD     sing N N 343 
PRO CG  HG2    sing N N 344 
PRO CG  HG3    sing N N 345 
PRO CD  HD2    sing N N 346 
PRO CD  HD3    sing N N 347 
PRO OXT HXT    sing N N 348 
SER N   CA     sing N N 349 
SER N   H      sing N N 350 
SER N   H2     sing N N 351 
SER CA  C      sing N N 352 
SER CA  CB     sing N N 353 
SER CA  HA     sing N N 354 
SER C   O      doub N N 355 
SER C   OXT    sing N N 356 
SER CB  OG     sing N N 357 
SER CB  HB2    sing N N 358 
SER CB  HB3    sing N N 359 
SER OG  HG     sing N N 360 
SER OXT HXT    sing N N 361 
THR N   CA     sing N N 362 
THR N   H      sing N N 363 
THR N   H2     sing N N 364 
THR CA  C      sing N N 365 
THR CA  CB     sing N N 366 
THR CA  HA     sing N N 367 
THR C   O      doub N N 368 
THR C   OXT    sing N N 369 
THR CB  OG1    sing N N 370 
THR CB  CG2    sing N N 371 
THR CB  HB     sing N N 372 
THR OG1 HG1    sing N N 373 
THR CG2 HG21   sing N N 374 
THR CG2 HG22   sing N N 375 
THR CG2 HG23   sing N N 376 
THR OXT HXT    sing N N 377 
TRP N   CA     sing N N 378 
TRP N   H      sing N N 379 
TRP N   H2     sing N N 380 
TRP CA  C      sing N N 381 
TRP CA  CB     sing N N 382 
TRP CA  HA     sing N N 383 
TRP C   O      doub N N 384 
TRP C   OXT    sing N N 385 
TRP CB  CG     sing N N 386 
TRP CB  HB2    sing N N 387 
TRP CB  HB3    sing N N 388 
TRP CG  CD1    doub Y N 389 
TRP CG  CD2    sing Y N 390 
TRP CD1 NE1    sing Y N 391 
TRP CD1 HD1    sing N N 392 
TRP CD2 CE2    doub Y N 393 
TRP CD2 CE3    sing Y N 394 
TRP NE1 CE2    sing Y N 395 
TRP NE1 HE1    sing N N 396 
TRP CE2 CZ2    sing Y N 397 
TRP CE3 CZ3    doub Y N 398 
TRP CE3 HE3    sing N N 399 
TRP CZ2 CH2    doub Y N 400 
TRP CZ2 HZ2    sing N N 401 
TRP CZ3 CH2    sing Y N 402 
TRP CZ3 HZ3    sing N N 403 
TRP CH2 HH2    sing N N 404 
TRP OXT HXT    sing N N 405 
TYR N   CA     sing N N 406 
TYR N   H      sing N N 407 
TYR N   H2     sing N N 408 
TYR CA  C      sing N N 409 
TYR CA  CB     sing N N 410 
TYR CA  HA     sing N N 411 
TYR C   O      doub N N 412 
TYR C   OXT    sing N N 413 
TYR CB  CG     sing N N 414 
TYR CB  HB2    sing N N 415 
TYR CB  HB3    sing N N 416 
TYR CG  CD1    doub Y N 417 
TYR CG  CD2    sing Y N 418 
TYR CD1 CE1    sing Y N 419 
TYR CD1 HD1    sing N N 420 
TYR CD2 CE2    doub Y N 421 
TYR CD2 HD2    sing N N 422 
TYR CE1 CZ     doub Y N 423 
TYR CE1 HE1    sing N N 424 
TYR CE2 CZ     sing Y N 425 
TYR CE2 HE2    sing N N 426 
TYR CZ  OH     sing N N 427 
TYR OH  HH     sing N N 428 
TYR OXT HXT    sing N N 429 
VAL N   CA     sing N N 430 
VAL N   H      sing N N 431 
VAL N   H2     sing N N 432 
VAL CA  C      sing N N 433 
VAL CA  CB     sing N N 434 
VAL CA  HA     sing N N 435 
VAL C   O      doub N N 436 
VAL C   OXT    sing N N 437 
VAL CB  CG1    sing N N 438 
VAL CB  CG2    sing N N 439 
VAL CB  HB     sing N N 440 
VAL CG1 HG11   sing N N 441 
VAL CG1 HG12   sing N N 442 
VAL CG1 HG13   sing N N 443 
VAL CG2 HG21   sing N N 444 
VAL CG2 HG22   sing N N 445 
VAL CG2 HG23   sing N N 446 
VAL OXT HXT    sing N N 447 
# 
_atom_sites.entry_id                    1DTP 
_atom_sites.fract_transf_matrix[1][1]   0.01502305 
_atom_sites.fract_transf_matrix[1][2]   -0.00694833 
_atom_sites.fract_transf_matrix[1][3]   -0.00785387 
_atom_sites.fract_transf_matrix[2][1]   -0.00394373 
_atom_sites.fract_transf_matrix[2][2]   0.01251778 
_atom_sites.fract_transf_matrix[2][3]   -0.01861814 
_atom_sites.fract_transf_matrix[3][1]   0.00964008 
_atom_sites.fract_transf_matrix[3][2]   0.00902920 
_atom_sites.fract_transf_matrix[3][3]   0.00402875 
_atom_sites.fract_transf_vector[1]      0.302120 
_atom_sites.fract_transf_vector[2]      0.067619 
_atom_sites.fract_transf_vector[3]      0.744067 
# 
loop_
_atom_type.symbol 
C 
N 
O 
P 
S 
# 
loop_
_atom_site.group_PDB 
_atom_site.id 
_atom_site.type_symbol 
_atom_site.label_atom_id 
_atom_site.label_alt_id 
_atom_site.label_comp_id 
_atom_site.label_asym_id 
_atom_site.label_entity_id 
_atom_site.label_seq_id 
_atom_site.pdbx_PDB_ins_code 
_atom_site.Cartn_x 
_atom_site.Cartn_y 
_atom_site.Cartn_z 
_atom_site.occupancy 
_atom_site.B_iso_or_equiv 
_atom_site.pdbx_formal_charge 
_atom_site.auth_seq_id 
_atom_site.auth_comp_id 
_atom_site.auth_asym_id 
_atom_site.auth_atom_id 
_atom_site.pdbx_PDB_model_num 
ATOM   1    N N   . GLY A 1 1   ? 14.834  -3.053  20.947  1.00 53.08 ? 1   GLY A N   1 
ATOM   2    C CA  . GLY A 1 1   ? 15.991  -3.030  20.090  1.00 52.00 ? 1   GLY A CA  1 
ATOM   3    C C   . GLY A 1 1   ? 15.387  -2.890  18.740  1.00 51.67 ? 1   GLY A C   1 
ATOM   4    O O   . GLY A 1 1   ? 14.464  -3.642  18.459  1.00 51.20 ? 1   GLY A O   1 
ATOM   5    N N   . ALA A 1 2   ? 15.795  -1.944  17.930  1.00 51.79 ? 2   ALA A N   1 
ATOM   6    C CA  . ALA A 1 2   ? 15.135  -1.785  16.643  1.00 52.29 ? 2   ALA A CA  1 
ATOM   7    C C   . ALA A 1 2   ? 15.423  -2.946  15.679  1.00 52.27 ? 2   ALA A C   1 
ATOM   8    O O   . ALA A 1 2   ? 14.629  -3.500  14.903  1.00 51.78 ? 2   ALA A O   1 
ATOM   9    C CB  . ALA A 1 2   ? 15.622  -0.442  16.090  1.00 53.15 ? 2   ALA A CB  1 
ATOM   10   N N   . ASP A 1 3   ? 16.654  -3.389  15.861  1.00 53.13 ? 3   ASP A N   1 
ATOM   11   C CA  . ASP A 1 3   ? 17.231  -4.432  15.033  1.00 54.34 ? 3   ASP A CA  1 
ATOM   12   C C   . ASP A 1 3   ? 16.513  -5.767  14.829  1.00 52.17 ? 3   ASP A C   1 
ATOM   13   O O   . ASP A 1 3   ? 16.809  -6.460  13.873  1.00 52.21 ? 3   ASP A O   1 
ATOM   14   C CB  . ASP A 1 3   ? 18.644  -4.693  15.576  1.00 58.40 ? 3   ASP A CB  1 
ATOM   15   C CG  . ASP A 1 3   ? 19.659  -4.726  14.437  1.00 62.16 ? 3   ASP A CG  1 
ATOM   16   O OD1 . ASP A 1 3   ? 20.015  -3.640  13.940  1.00 62.16 ? 3   ASP A OD1 1 
ATOM   17   O OD2 . ASP A 1 3   ? 20.059  -5.837  14.048  1.00 64.98 ? 3   ASP A OD2 1 
ATOM   18   N N   . ASP A 1 4   ? 15.546  -6.135  15.663  1.00 51.21 ? 4   ASP A N   1 
ATOM   19   C CA  . ASP A 1 4   ? 14.970  -7.472  15.671  1.00 49.72 ? 4   ASP A CA  1 
ATOM   20   C C   . ASP A 1 4   ? 13.505  -7.417  15.346  1.00 46.47 ? 4   ASP A C   1 
ATOM   21   O O   . ASP A 1 4   ? 12.727  -8.324  15.654  1.00 47.87 ? 4   ASP A O   1 
ATOM   22   C CB  . ASP A 1 4   ? 15.169  -8.072  17.062  1.00 55.29 ? 4   ASP A CB  1 
ATOM   23   C CG  . ASP A 1 4   ? 15.955  -9.389  17.148  1.00 59.70 ? 4   ASP A CG  1 
ATOM   24   O OD1 . ASP A 1 4   ? 15.371  -10.404 16.713  1.00 62.04 ? 4   ASP A OD1 1 
ATOM   25   O OD2 . ASP A 1 4   ? 17.102  -9.388  17.667  1.00 58.87 ? 4   ASP A OD2 1 
ATOM   26   N N   . VAL A 1 5   ? 13.142  -6.275  14.780  1.00 42.90 ? 5   VAL A N   1 
ATOM   27   C CA  . VAL A 1 5   ? 11.784  -5.952  14.387  1.00 38.86 ? 5   VAL A CA  1 
ATOM   28   C C   . VAL A 1 5   ? 11.915  -5.345  13.010  1.00 37.29 ? 5   VAL A C   1 
ATOM   29   O O   . VAL A 1 5   ? 10.968  -5.334  12.255  1.00 37.11 ? 5   VAL A O   1 
ATOM   30   C CB  . VAL A 1 5   ? 11.163  -4.958  15.452  1.00 35.51 ? 5   VAL A CB  1 
ATOM   31   C CG1 . VAL A 1 5   ? 10.274  -3.900  14.824  1.00 33.17 ? 5   VAL A CG1 1 
ATOM   32   C CG2 . VAL A 1 5   ? 10.342  -5.787  16.445  1.00 32.69 ? 5   VAL A CG2 1 
ATOM   33   N N   . VAL A 1 6   ? 13.054  -4.846  12.599  1.00 37.45 ? 6   VAL A N   1 
ATOM   34   C CA  . VAL A 1 6   ? 13.216  -4.260  11.292  1.00 37.15 ? 6   VAL A CA  1 
ATOM   35   C C   . VAL A 1 6   ? 14.380  -4.870  10.553  1.00 37.12 ? 6   VAL A C   1 
ATOM   36   O O   . VAL A 1 6   ? 15.527  -4.908  11.037  1.00 36.57 ? 6   VAL A O   1 
ATOM   37   C CB  . VAL A 1 6   ? 13.473  -2.821  11.470  1.00 36.95 ? 6   VAL A CB  1 
ATOM   38   C CG1 . VAL A 1 6   ? 13.725  -2.255  10.102  1.00 40.28 ? 6   VAL A CG1 1 
ATOM   39   C CG2 . VAL A 1 6   ? 12.325  -2.152  12.195  1.00 38.42 ? 6   VAL A CG2 1 
ATOM   40   N N   . ASP A 1 7   ? 14.089  -5.204  9.311   1.00 36.16 ? 7   ASP A N   1 
ATOM   41   C CA  . ASP A 1 7   ? 15.134  -5.723  8.497   1.00 36.22 ? 7   ASP A CA  1 
ATOM   42   C C   . ASP A 1 7   ? 15.815  -4.548  7.877   1.00 37.19 ? 7   ASP A C   1 
ATOM   43   O O   . ASP A 1 7   ? 15.337  -3.952  6.891   1.00 40.15 ? 7   ASP A O   1 
ATOM   44   C CB  . ASP A 1 7   ? 14.648  -6.598  7.362   1.00 37.39 ? 7   ASP A CB  1 
ATOM   45   C CG  . ASP A 1 7   ? 15.786  -7.417  6.746   1.00 42.80 ? 7   ASP A CG  1 
ATOM   46   O OD1 . ASP A 1 7   ? 16.934  -6.957  6.800   1.00 48.00 ? 7   ASP A OD1 1 
ATOM   47   O OD2 . ASP A 1 7   ? 15.570  -8.529  6.233   1.00 41.48 ? 7   ASP A OD2 1 
ATOM   48   N N   . SER A 1 8   ? 17.020  -4.275  8.340   1.00 36.45 ? 8   SER A N   1 
ATOM   49   C CA  . SER A 1 8   ? 17.733  -3.197  7.692   1.00 35.05 ? 8   SER A CA  1 
ATOM   50   C C   . SER A 1 8   ? 18.176  -3.613  6.331   1.00 34.69 ? 8   SER A C   1 
ATOM   51   O O   . SER A 1 8   ? 18.340  -2.695  5.557   1.00 37.57 ? 8   SER A O   1 
ATOM   52   C CB  . SER A 1 8   ? 18.992  -2.736  8.420   1.00 37.17 ? 8   SER A CB  1 
ATOM   53   O OG  . SER A 1 8   ? 20.013  -3.714  8.599   1.00 42.21 ? 8   SER A OG  1 
ATOM   54   N N   . SER A 1 9   ? 18.345  -4.871  5.903   1.00 33.22 ? 9   SER A N   1 
ATOM   55   C CA  . SER A 1 9   ? 18.855  -5.068  4.570   1.00 32.48 ? 9   SER A CA  1 
ATOM   56   C C   . SER A 1 9   ? 17.828  -5.030  3.509   1.00 31.58 ? 9   SER A C   1 
ATOM   57   O O   . SER A 1 9   ? 18.105  -5.467  2.389   1.00 30.82 ? 9   SER A O   1 
ATOM   58   C CB  . SER A 1 9   ? 19.597  -6.380  4.442   1.00 35.80 ? 9   SER A CB  1 
ATOM   59   O OG  . SER A 1 9   ? 18.785  -7.512  4.148   1.00 39.00 ? 9   SER A OG  1 
ATOM   60   N N   . LYS A 1 10  ? 16.627  -4.594  3.884   1.00 31.71 ? 10  LYS A N   1 
ATOM   61   C CA  . LYS A 1 10  ? 15.608  -4.425  2.884   1.00 30.53 ? 10  LYS A CA  1 
ATOM   62   C C   . LYS A 1 10  ? 14.992  -3.070  3.154   1.00 27.99 ? 10  LYS A C   1 
ATOM   63   O O   . LYS A 1 10  ? 13.837  -2.930  2.797   1.00 28.42 ? 10  LYS A O   1 
ATOM   64   C CB  . LYS A 1 10  ? 14.517  -5.563  2.939   1.00 35.72 ? 10  LYS A CB  1 
ATOM   65   C CG  . LYS A 1 10  ? 14.767  -7.145  3.238   1.00 44.21 ? 10  LYS A CG  1 
ATOM   66   C CD  . LYS A 1 10  ? 15.867  -8.034  2.498   1.00 48.92 ? 10  LYS A CD  1 
ATOM   67   C CE  . LYS A 1 10  ? 16.262  -9.362  3.237   1.00 50.57 ? 10  LYS A CE  1 
ATOM   68   N NZ  . LYS A 1 10  ? 17.612  -9.837  2.915   1.00 52.42 ? 10  LYS A NZ  1 
ATOM   69   N N   . SER A 1 11  ? 15.655  -2.050  3.724   1.00 24.97 ? 11  SER A N   1 
ATOM   70   C CA  . SER A 1 11  ? 15.091  -0.708  3.840   1.00 23.37 ? 11  SER A CA  1 
ATOM   71   C C   . SER A 1 11  ? 16.063  0.183   3.094   1.00 24.08 ? 11  SER A C   1 
ATOM   72   O O   . SER A 1 11  ? 17.260  -0.130  2.956   1.00 23.82 ? 11  SER A O   1 
ATOM   73   C CB  . SER A 1 11  ? 15.031  -0.164  5.242   1.00 22.83 ? 11  SER A CB  1 
ATOM   74   O OG  . SER A 1 11  ? 14.397  -1.091  6.135   1.00 25.20 ? 11  SER A OG  1 
ATOM   75   N N   . PHE A 1 12  ? 15.497  1.281   2.581   1.00 21.78 ? 12  PHE A N   1 
ATOM   76   C CA  . PHE A 1 12  ? 16.211  2.204   1.762   1.00 19.73 ? 12  PHE A CA  1 
ATOM   77   C C   . PHE A 1 12  ? 15.409  3.520   1.702   1.00 21.41 ? 12  PHE A C   1 
ATOM   78   O O   . PHE A 1 12  ? 14.274  3.543   2.157   1.00 20.93 ? 12  PHE A O   1 
ATOM   79   C CB  . PHE A 1 12  ? 16.339  1.567   0.412   1.00 19.90 ? 12  PHE A CB  1 
ATOM   80   C CG  . PHE A 1 12  ? 14.983  1.391   -0.254  1.00 21.63 ? 12  PHE A CG  1 
ATOM   81   C CD1 . PHE A 1 12  ? 14.416  2.423   -0.992  1.00 23.29 ? 12  PHE A CD1 1 
ATOM   82   C CD2 . PHE A 1 12  ? 14.290  0.202   -0.104  1.00 22.80 ? 12  PHE A CD2 1 
ATOM   83   C CE1 . PHE A 1 12  ? 13.161  2.256   -1.566  1.00 24.36 ? 12  PHE A CE1 1 
ATOM   84   C CE2 . PHE A 1 12  ? 13.042  0.055   -0.687  1.00 22.71 ? 12  PHE A CE2 1 
ATOM   85   C CZ  . PHE A 1 12  ? 12.476  1.080   -1.412  1.00 23.77 ? 12  PHE A CZ  1 
ATOM   86   N N   . VAL A 1 13  ? 15.915  4.603   1.136   1.00 23.38 ? 13  VAL A N   1 
ATOM   87   C CA  . VAL A 1 13  ? 15.319  5.948   1.042   1.00 23.33 ? 13  VAL A CA  1 
ATOM   88   C C   . VAL A 1 13  ? 15.316  6.028   -0.454  1.00 27.04 ? 13  VAL A C   1 
ATOM   89   O O   . VAL A 1 13  ? 16.205  5.462   -1.109  1.00 27.05 ? 13  VAL A O   1 
ATOM   90   C CB  . VAL A 1 13  ? 16.273  7.085   1.676   1.00 22.30 ? 13  VAL A CB  1 
ATOM   91   C CG1 . VAL A 1 13  ? 15.927  8.558   1.614   1.00 16.31 ? 13  VAL A CG1 1 
ATOM   92   C CG2 . VAL A 1 13  ? 15.972  7.003   3.117   1.00 23.76 ? 13  VAL A CG2 1 
ATOM   93   N N   . MET A 1 14  ? 14.375  6.729   -1.026  1.00 26.27 ? 14  MET A N   1 
ATOM   94   C CA  . MET A 1 14  ? 14.357  6.738   -2.448  1.00 28.97 ? 14  MET A CA  1 
ATOM   95   C C   . MET A 1 14  ? 13.762  8.005   -3.000  1.00 32.21 ? 14  MET A C   1 
ATOM   96   O O   . MET A 1 14  ? 12.906  8.619   -2.369  1.00 30.77 ? 14  MET A O   1 
ATOM   97   C CB  . MET A 1 14  ? 13.589  5.507   -2.858  1.00 30.69 ? 14  MET A CB  1 
ATOM   98   C CG  . MET A 1 14  ? 13.269  5.409   -4.345  1.00 34.36 ? 14  MET A CG  1 
ATOM   99   S SD  . MET A 1 14  ? 12.703  3.767   -4.853  1.00 39.27 ? 14  MET A SD  1 
ATOM   100  C CE  . MET A 1 14  ? 12.033  4.246   -6.414  1.00 36.71 ? 14  MET A CE  1 
ATOM   101  N N   . GLU A 1 15  ? 14.239  8.370   -4.177  1.00 34.69 ? 15  GLU A N   1 
ATOM   102  C CA  . GLU A 1 15  ? 13.759  9.513   -4.893  1.00 38.31 ? 15  GLU A CA  1 
ATOM   103  C C   . GLU A 1 15  ? 12.464  9.113   -5.589  1.00 38.93 ? 15  GLU A C   1 
ATOM   104  O O   . GLU A 1 15  ? 12.509  8.152   -6.345  1.00 41.24 ? 15  GLU A O   1 
ATOM   105  C CB  . GLU A 1 15  ? 14.822  9.935   -5.929  1.00 45.38 ? 15  GLU A CB  1 
ATOM   106  C CG  . GLU A 1 15  ? 15.221  9.003   -7.151  1.00 50.92 ? 15  GLU A CG  1 
ATOM   107  C CD  . GLU A 1 15  ? 14.779  9.384   -8.600  1.00 55.13 ? 15  GLU A CD  1 
ATOM   108  O OE1 . GLU A 1 15  ? 13.694  9.964   -8.798  1.00 56.71 ? 15  GLU A OE1 1 
ATOM   109  O OE2 . GLU A 1 15  ? 15.535  9.075   -9.547  1.00 56.35 ? 15  GLU A OE2 1 
ATOM   110  N N   . ASN A 1 16  ? 11.276  9.688   -5.432  1.00 38.63 ? 16  ASN A N   1 
ATOM   111  C CA  . ASN A 1 16  ? 10.095  9.313   -6.205  1.00 37.59 ? 16  ASN A CA  1 
ATOM   112  C C   . ASN A 1 16  ? 9.643   7.819   -6.246  1.00 37.32 ? 16  ASN A C   1 
ATOM   113  O O   . ASN A 1 16  ? 9.481   7.156   -7.303  1.00 39.88 ? 16  ASN A O   1 
ATOM   114  C CB  . ASN A 1 16  ? 10.375  9.880   -7.557  1.00 38.27 ? 16  ASN A CB  1 
ATOM   115  C CG  . ASN A 1 16  ? 10.073  11.355  -7.499  1.00 40.62 ? 16  ASN A CG  1 
ATOM   116  O OD1 . ASN A 1 16  ? 10.667  12.159  -6.776  1.00 40.72 ? 16  ASN A OD1 1 
ATOM   117  N ND2 . ASN A 1 16  ? 9.059   11.757  -8.248  1.00 44.02 ? 16  ASN A ND2 1 
ATOM   118  N N   . PHE A 1 17  ? 9.347   7.317   -5.008  1.00 32.31 ? 17  PHE A N   1 
ATOM   119  C CA  . PHE A 1 17  ? 9.014   5.946   -4.690  1.00 25.63 ? 17  PHE A CA  1 
ATOM   120  C C   . PHE A 1 17  ? 7.616   5.878   -5.056  1.00 26.22 ? 17  PHE A C   1 
ATOM   121  O O   . PHE A 1 17  ? 6.815   6.623   -4.485  1.00 27.66 ? 17  PHE A O   1 
ATOM   122  C CB  . PHE A 1 17  ? 9.175   5.772   -3.266  1.00 21.05 ? 17  PHE A CB  1 
ATOM   123  C CG  . PHE A 1 17  ? 8.578   4.568   -2.677  1.00 18.48 ? 17  PHE A CG  1 
ATOM   124  C CD1 . PHE A 1 17  ? 9.027   3.334   -3.042  1.00 19.50 ? 17  PHE A CD1 1 
ATOM   125  C CD2 . PHE A 1 17  ? 7.611   4.742   -1.721  1.00 20.75 ? 17  PHE A CD2 1 
ATOM   126  C CE1 . PHE A 1 17  ? 8.511   2.243   -2.436  1.00 18.71 ? 17  PHE A CE1 1 
ATOM   127  C CE2 . PHE A 1 17  ? 7.065   3.653   -1.089  1.00 18.91 ? 17  PHE A CE2 1 
ATOM   128  C CZ  . PHE A 1 17  ? 7.529   2.411   -1.462  1.00 20.89 ? 17  PHE A CZ  1 
ATOM   129  N N   . SER A 1 18  ? 7.470   5.010   -6.044  1.00 28.68 ? 18  SER A N   1 
ATOM   130  C CA  . SER A 1 18  ? 6.194   4.631   -6.646  1.00 29.75 ? 18  SER A CA  1 
ATOM   131  C C   . SER A 1 18  ? 5.719   3.236   -6.164  1.00 29.93 ? 18  SER A C   1 
ATOM   132  O O   . SER A 1 18  ? 6.509   2.363   -5.802  1.00 30.71 ? 18  SER A O   1 
ATOM   133  C CB  . SER A 1 18  ? 6.347   4.629   -8.155  1.00 28.56 ? 18  SER A CB  1 
ATOM   134  O OG  . SER A 1 18  ? 7.159   3.537   -8.607  1.00 29.70 ? 18  SER A OG  1 
ATOM   135  N N   . SER A 1 19  ? 4.432   2.986   -6.044  1.00 29.89 ? 19  SER A N   1 
ATOM   136  C CA  . SER A 1 19  ? 3.930   1.674   -5.708  1.00 29.17 ? 19  SER A CA  1 
ATOM   137  C C   . SER A 1 19  ? 2.567   1.664   -6.359  1.00 30.67 ? 19  SER A C   1 
ATOM   138  O O   . SER A 1 19  ? 2.088   2.747   -6.734  1.00 32.15 ? 19  SER A O   1 
ATOM   139  C CB  . SER A 1 19  ? 3.839   1.566   -4.236  1.00 26.28 ? 19  SER A CB  1 
ATOM   140  O OG  . SER A 1 19  ? 3.119   2.659   -3.654  1.00 27.83 ? 19  SER A OG  1 
ATOM   141  N N   . TYR A 1 20  ? 1.907   0.513   -6.538  1.00 32.15 ? 20  TYR A N   1 
ATOM   142  C CA  . TYR A 1 20  ? 0.566   0.393   -7.139  1.00 30.88 ? 20  TYR A CA  1 
ATOM   143  C C   . TYR A 1 20  ? -0.604  0.047   -6.210  1.00 31.94 ? 20  TYR A C   1 
ATOM   144  O O   . TYR A 1 20  ? -0.438  -0.875  -5.402  1.00 33.18 ? 20  TYR A O   1 
ATOM   145  C CB  . TYR A 1 20  ? 0.619   -0.649  -8.156  1.00 28.65 ? 20  TYR A CB  1 
ATOM   146  C CG  . TYR A 1 20  ? 1.770   -0.438  -9.062  1.00 28.05 ? 20  TYR A CG  1 
ATOM   147  C CD1 . TYR A 1 20  ? 1.672   0.607   -9.924  1.00 26.26 ? 20  TYR A CD1 1 
ATOM   148  C CD2 . TYR A 1 20  ? 2.900   -1.244  -8.986  1.00 30.77 ? 20  TYR A CD2 1 
ATOM   149  C CE1 . TYR A 1 20  ? 2.736   0.867   -10.738 1.00 29.08 ? 20  TYR A CE1 1 
ATOM   150  C CE2 . TYR A 1 20  ? 3.987   -0.997  -9.818  1.00 31.33 ? 20  TYR A CE2 1 
ATOM   151  C CZ  . TYR A 1 20  ? 3.875   0.080   -10.695 1.00 32.96 ? 20  TYR A CZ  1 
ATOM   152  O OH  . TYR A 1 20  ? 4.872   0.391   -11.598 1.00 37.20 ? 20  TYR A OH  1 
ATOM   153  N N   . HIS A 1 21  ? -1.795  0.675   -6.321  1.00 32.26 ? 21  HIS A N   1 
ATOM   154  C CA  . HIS A 1 21  ? -2.997  0.375   -5.521  1.00 31.53 ? 21  HIS A CA  1 
ATOM   155  C C   . HIS A 1 21  ? -4.056  -0.137  -6.491  1.00 31.07 ? 21  HIS A C   1 
ATOM   156  O O   . HIS A 1 21  ? -4.022  0.321   -7.632  1.00 30.54 ? 21  HIS A O   1 
ATOM   157  C CB  . HIS A 1 21  ? -3.562  1.625   -4.852  1.00 33.80 ? 21  HIS A CB  1 
ATOM   158  C CG  . HIS A 1 21  ? -4.691  1.449   -3.833  1.00 38.57 ? 21  HIS A CG  1 
ATOM   159  N ND1 . HIS A 1 21  ? -4.646  1.460   -2.502  1.00 41.97 ? 21  HIS A ND1 1 
ATOM   160  C CD2 . HIS A 1 21  ? -5.992  1.163   -4.169  1.00 41.62 ? 21  HIS A CD2 1 
ATOM   161  C CE1 . HIS A 1 21  ? -5.844  1.176   -2.035  1.00 43.50 ? 21  HIS A CE1 1 
ATOM   162  N NE2 . HIS A 1 21  ? -6.657  0.992   -3.067  1.00 43.30 ? 21  HIS A NE2 1 
ATOM   163  N N   . GLY A 1 22  ? -5.001  -1.020  -6.067  1.00 32.56 ? 22  GLY A N   1 
ATOM   164  C CA  . GLY A 1 22  ? -6.107  -1.633  -6.825  1.00 30.08 ? 22  GLY A CA  1 
ATOM   165  C C   . GLY A 1 22  ? -7.365  -0.889  -6.462  1.00 29.54 ? 22  GLY A C   1 
ATOM   166  O O   . GLY A 1 22  ? -7.678  -0.690  -5.267  1.00 29.00 ? 22  GLY A O   1 
ATOM   167  N N   . THR A 1 23  ? -8.016  -0.357  -7.501  1.00 29.69 ? 23  THR A N   1 
ATOM   168  C CA  . THR A 1 23  ? -9.243  0.404   -7.250  1.00 28.97 ? 23  THR A CA  1 
ATOM   169  C C   . THR A 1 23  ? -10.528 -0.208  -7.822  1.00 28.87 ? 23  THR A C   1 
ATOM   170  O O   . THR A 1 23  ? -10.591 -0.621  -8.984  1.00 26.73 ? 23  THR A O   1 
ATOM   171  C CB  . THR A 1 23  ? -9.081  1.762   -7.781  1.00 27.24 ? 23  THR A CB  1 
ATOM   172  O OG1 . THR A 1 23  ? -7.742  2.156   -7.914  1.00 27.31 ? 23  THR A OG1 1 
ATOM   173  C CG2 . THR A 1 23  ? -9.706  2.621   -6.735  1.00 27.50 ? 23  THR A CG2 1 
ATOM   174  N N   . LYS A 1 24  ? -11.519 -0.276  -6.926  1.00 29.34 ? 24  LYS A N   1 
ATOM   175  C CA  . LYS A 1 24  ? -12.779 -0.980  -7.123  1.00 30.50 ? 24  LYS A CA  1 
ATOM   176  C C   . LYS A 1 24  ? -13.611 -0.341  -8.205  1.00 33.63 ? 24  LYS A C   1 
ATOM   177  O O   . LYS A 1 24  ? -13.138 0.670   -8.711  1.00 34.24 ? 24  LYS A O   1 
ATOM   178  C CB  . LYS A 1 24  ? -13.529 -0.961  -5.815  1.00 28.20 ? 24  LYS A CB  1 
ATOM   179  C CG  . LYS A 1 24  ? -13.764 -2.325  -5.211  1.00 29.59 ? 24  LYS A CG  1 
ATOM   180  C CD  . LYS A 1 24  ? -12.531 -3.245  -5.244  1.00 29.83 ? 24  LYS A CD  1 
ATOM   181  C CE  . LYS A 1 24  ? -12.638 -4.065  -3.968  1.00 34.22 ? 24  LYS A CE  1 
ATOM   182  N NZ  . LYS A 1 24  ? -11.421 -4.819  -3.645  1.00 37.75 ? 24  LYS A NZ  1 
ATOM   183  N N   . PRO A 1 25  ? -14.791 -0.771  -8.678  1.00 34.45 ? 25  PRO A N   1 
ATOM   184  C CA  . PRO A 1 25  ? -15.512 -0.040  -9.715  1.00 35.07 ? 25  PRO A CA  1 
ATOM   185  C C   . PRO A 1 25  ? -16.118 1.176   -9.021  1.00 36.72 ? 25  PRO A C   1 
ATOM   186  O O   . PRO A 1 25  ? -16.380 1.107   -7.808  1.00 37.73 ? 25  PRO A O   1 
ATOM   187  C CB  . PRO A 1 25  ? -16.469 -1.078  -10.198 1.00 34.31 ? 25  PRO A CB  1 
ATOM   188  C CG  . PRO A 1 25  ? -15.813 -2.408  -9.901  1.00 34.24 ? 25  PRO A CG  1 
ATOM   189  C CD  . PRO A 1 25  ? -15.362 -2.111  -8.486  1.00 34.83 ? 25  PRO A CD  1 
ATOM   190  N N   . GLY A 1 26  ? -16.258 2.319   -9.738  1.00 38.17 ? 26  GLY A N   1 
ATOM   191  C CA  . GLY A 1 26  ? -16.806 3.605   -9.223  1.00 38.08 ? 26  GLY A CA  1 
ATOM   192  C C   . GLY A 1 26  ? -15.720 4.690   -9.149  1.00 38.73 ? 26  GLY A C   1 
ATOM   193  O O   . GLY A 1 26  ? -15.335 5.457   -10.058 1.00 37.80 ? 26  GLY A O   1 
ATOM   194  N N   . TYR A 1 27  ? -15.065 4.227   -8.089  1.00 38.81 ? 27  TYR A N   1 
ATOM   195  C CA  . TYR A 1 27  ? -13.956 4.824   -7.417  1.00 37.71 ? 27  TYR A CA  1 
ATOM   196  C C   . TYR A 1 27  ? -12.688 5.000   -8.141  1.00 38.54 ? 27  TYR A C   1 
ATOM   197  O O   . TYR A 1 27  ? -11.758 5.503   -7.514  1.00 38.68 ? 27  TYR A O   1 
ATOM   198  C CB  . TYR A 1 27  ? -13.648 4.054   -6.154  1.00 38.77 ? 27  TYR A CB  1 
ATOM   199  C CG  . TYR A 1 27  ? -14.749 4.322   -5.157  1.00 40.05 ? 27  TYR A CG  1 
ATOM   200  C CD1 . TYR A 1 27  ? -14.662 5.458   -4.341  1.00 41.62 ? 27  TYR A CD1 1 
ATOM   201  C CD2 . TYR A 1 27  ? -15.878 3.508   -5.171  1.00 38.72 ? 27  TYR A CD2 1 
ATOM   202  C CE1 . TYR A 1 27  ? -15.742 5.799   -3.533  1.00 42.12 ? 27  TYR A CE1 1 
ATOM   203  C CE2 . TYR A 1 27  ? -16.958 3.849   -4.375  1.00 40.21 ? 27  TYR A CE2 1 
ATOM   204  C CZ  . TYR A 1 27  ? -16.889 4.992   -3.568  1.00 42.92 ? 27  TYR A CZ  1 
ATOM   205  O OH  . TYR A 1 27  ? -18.019 5.380   -2.859  1.00 46.90 ? 27  TYR A OH  1 
ATOM   206  N N   . VAL A 1 28  ? -12.574 4.621   -9.407  1.00 39.49 ? 28  VAL A N   1 
ATOM   207  C CA  . VAL A 1 28  ? -11.352 4.939   -10.120 1.00 39.64 ? 28  VAL A CA  1 
ATOM   208  C C   . VAL A 1 28  ? -11.295 6.456   -10.211 1.00 41.29 ? 28  VAL A C   1 
ATOM   209  O O   . VAL A 1 28  ? -10.527 7.080   -9.471  1.00 44.52 ? 28  VAL A O   1 
ATOM   210  C CB  . VAL A 1 28  ? -11.291 4.357   -11.566 1.00 38.50 ? 28  VAL A CB  1 
ATOM   211  C CG1 . VAL A 1 28  ? -10.392 5.141   -12.502 1.00 36.78 ? 28  VAL A CG1 1 
ATOM   212  C CG2 . VAL A 1 28  ? -10.527 3.044   -11.525 1.00 40.11 ? 28  VAL A CG2 1 
ATOM   213  N N   . ASP A 1 29  ? -12.143 7.130   -10.961 1.00 40.61 ? 29  ASP A N   1 
ATOM   214  C CA  . ASP A 1 29  ? -11.881 8.530   -11.239 1.00 40.44 ? 29  ASP A CA  1 
ATOM   215  C C   . ASP A 1 29  ? -11.718 9.481   -10.019 1.00 38.79 ? 29  ASP A C   1 
ATOM   216  O O   . ASP A 1 29  ? -10.895 10.395  -10.025 1.00 38.67 ? 29  ASP A O   1 
ATOM   217  C CB  . ASP A 1 29  ? -13.017 8.827   -12.275 1.00 42.47 ? 29  ASP A CB  1 
ATOM   218  C CG  . ASP A 1 29  ? -13.082 7.847   -13.496 1.00 43.80 ? 29  ASP A CG  1 
ATOM   219  O OD1 . ASP A 1 29  ? -13.667 6.763   -13.350 1.00 45.10 ? 29  ASP A OD1 1 
ATOM   220  O OD2 . ASP A 1 29  ? -12.565 8.158   -14.574 1.00 41.98 ? 29  ASP A OD2 1 
ATOM   221  N N   . SER A 1 30  ? -12.324 9.209   -8.868  1.00 38.83 ? 30  SER A N   1 
ATOM   222  C CA  . SER A 1 30  ? -12.121 10.070  -7.722  1.00 38.68 ? 30  SER A CA  1 
ATOM   223  C C   . SER A 1 30  ? -10.783 9.742   -7.054  1.00 39.96 ? 30  SER A C   1 
ATOM   224  O O   . SER A 1 30  ? -10.176 10.647  -6.448  1.00 41.69 ? 30  SER A O   1 
ATOM   225  C CB  . SER A 1 30  ? -13.301 9.926   -6.689  1.00 35.48 ? 30  SER A CB  1 
ATOM   226  O OG  . SER A 1 30  ? -13.664 8.700   -6.077  1.00 32.03 ? 30  SER A OG  1 
ATOM   227  N N   . ILE A 1 31  ? -10.252 8.507   -7.141  1.00 38.03 ? 31  ILE A N   1 
ATOM   228  C CA  . ILE A 1 31  ? -8.974  8.215   -6.518  1.00 35.49 ? 31  ILE A CA  1 
ATOM   229  C C   . ILE A 1 31  ? -7.889  8.938   -7.311  1.00 38.33 ? 31  ILE A C   1 
ATOM   230  O O   . ILE A 1 31  ? -6.888  9.343   -6.710  1.00 38.95 ? 31  ILE A O   1 
ATOM   231  C CB  . ILE A 1 31  ? -8.695  6.712   -6.477  1.00 30.67 ? 31  ILE A CB  1 
ATOM   232  C CG1 . ILE A 1 31  ? -7.740  6.477   -5.360  1.00 29.39 ? 31  ILE A CG1 1 
ATOM   233  C CG2 . ILE A 1 31  ? -8.031  6.188   -7.728  1.00 29.41 ? 31  ILE A CG2 1 
ATOM   234  C CD1 . ILE A 1 31  ? -7.387  5.043   -4.937  1.00 29.03 ? 31  ILE A CD1 1 
ATOM   235  N N   . GLN A 1 32  ? -8.056  9.163   -8.641  1.00 38.13 ? 32  GLN A N   1 
ATOM   236  C CA  . GLN A 1 32  ? -7.079  9.921   -9.436  1.00 36.31 ? 32  GLN A CA  1 
ATOM   237  C C   . GLN A 1 32  ? -7.196  11.382  -9.086  1.00 38.27 ? 32  GLN A C   1 
ATOM   238  O O   . GLN A 1 32  ? -6.352  12.219  -9.393  1.00 39.12 ? 32  GLN A O   1 
ATOM   239  C CB  . GLN A 1 32  ? -7.328  9.742   -10.891 1.00 33.22 ? 32  GLN A CB  1 
ATOM   240  C CG  . GLN A 1 32  ? -7.129  8.303   -11.258 1.00 31.04 ? 32  GLN A CG  1 
ATOM   241  C CD  . GLN A 1 32  ? -7.426  8.109   -12.712 1.00 33.44 ? 32  GLN A CD  1 
ATOM   242  O OE1 . GLN A 1 32  ? -6.680  8.528   -13.577 1.00 36.00 ? 32  GLN A OE1 1 
ATOM   243  N NE2 . GLN A 1 32  ? -8.507  7.514   -13.154 1.00 35.56 ? 32  GLN A NE2 1 
ATOM   244  N N   . LYS A 1 33  ? -8.304  11.758  -8.441  1.00 42.30 ? 33  LYS A N   1 
ATOM   245  C CA  . LYS A 1 33  ? -8.333  13.077  -7.822  1.00 43.27 ? 33  LYS A CA  1 
ATOM   246  C C   . LYS A 1 33  ? -7.378  12.911  -6.689  1.00 41.69 ? 33  LYS A C   1 
ATOM   247  O O   . LYS A 1 33  ? -6.669  13.882  -6.513  1.00 43.39 ? 33  LYS A O   1 
ATOM   248  C CB  . LYS A 1 33  ? -9.704  13.493  -7.278  1.00 44.29 ? 33  LYS A CB  1 
ATOM   249  C CG  . LYS A 1 33  ? -10.584 13.928  -8.439  1.00 48.04 ? 33  LYS A CG  1 
ATOM   250  C CD  . LYS A 1 33  ? -10.078 15.192  -9.180  1.00 51.84 ? 33  LYS A CD  1 
ATOM   251  C CE  . LYS A 1 33  ? -9.543  15.019  -10.639 1.00 55.39 ? 33  LYS A CE  1 
ATOM   252  N NZ  . LYS A 1 33  ? -8.419  14.083  -10.779 1.00 56.97 ? 33  LYS A NZ  1 
ATOM   253  N N   . GLY A 1 34  ? -7.290  11.809  -5.937  1.00 40.38 ? 34  GLY A N   1 
ATOM   254  C CA  . GLY A 1 34  ? -6.199  11.688  -4.981  1.00 40.06 ? 34  GLY A CA  1 
ATOM   255  C C   . GLY A 1 34  ? -6.477  10.824  -3.777  1.00 39.84 ? 34  GLY A C   1 
ATOM   256  O O   . GLY A 1 34  ? -7.588  10.316  -3.720  1.00 40.76 ? 34  GLY A O   1 
ATOM   257  N N   . ILE A 1 35  ? -5.523  10.639  -2.840  1.00 39.43 ? 35  ILE A N   1 
ATOM   258  C CA  . ILE A 1 35  ? -5.721  9.873   -1.637  1.00 39.80 ? 35  ILE A CA  1 
ATOM   259  C C   . ILE A 1 35  ? -5.937  10.909  -0.571  1.00 44.20 ? 35  ILE A C   1 
ATOM   260  O O   . ILE A 1 35  ? -5.408  12.031  -0.646  1.00 45.99 ? 35  ILE A O   1 
ATOM   261  C CB  . ILE A 1 35  ? -4.499  9.033   -1.317  1.00 35.91 ? 35  ILE A CB  1 
ATOM   262  C CG1 . ILE A 1 35  ? -4.473  7.836   -2.202  1.00 34.47 ? 35  ILE A CG1 1 
ATOM   263  C CG2 . ILE A 1 35  ? -4.579  8.429   0.066   1.00 35.15 ? 35  ILE A CG2 1 
ATOM   264  C CD1 . ILE A 1 35  ? -4.177  7.971   -3.685  1.00 32.48 ? 35  ILE A CD1 1 
ATOM   265  N N   . GLN A 1 36  ? -6.806  10.458  0.344   1.00 47.15 ? 36  GLN A N   1 
ATOM   266  C CA  . GLN A 1 36  ? -7.361  11.090  1.569   1.00 50.48 ? 36  GLN A CA  1 
ATOM   267  C C   . GLN A 1 36  ? -8.220  9.964   2.251   1.00 50.44 ? 36  GLN A C   1 
ATOM   268  O O   . GLN A 1 36  ? -8.585  9.008   1.544   1.00 52.00 ? 36  GLN A O   1 
ATOM   269  C CB  . GLN A 1 36  ? -8.210  12.381  1.162   1.00 53.41 ? 36  GLN A CB  1 
ATOM   270  C CG  . GLN A 1 36  ? -9.207  13.088  2.106   1.00 55.35 ? 36  GLN A CG  1 
ATOM   271  C CD  . GLN A 1 36  ? -10.631 12.542  1.967   1.00 58.35 ? 36  GLN A CD  1 
ATOM   272  O OE1 . GLN A 1 36  ? -11.315 12.776  0.965   1.00 60.04 ? 36  GLN A OE1 1 
ATOM   273  N NE2 . GLN A 1 36  ? -11.140 11.814  2.960   1.00 57.27 ? 36  GLN A NE2 1 
ATOM   274  N N   . LYS A 1 37  ? -8.612  9.883   3.537   1.00 48.06 ? 37  LYS A N   1 
ATOM   275  C CA  . LYS A 1 37  ? -9.232  8.662   4.046   1.00 45.82 ? 37  LYS A CA  1 
ATOM   276  C C   . LYS A 1 37  ? -10.722 8.405   3.812   1.00 47.98 ? 37  LYS A C   1 
ATOM   277  O O   . LYS A 1 37  ? -11.490 9.382   3.672   1.00 49.63 ? 37  LYS A O   1 
ATOM   278  C CB  . LYS A 1 37  ? -8.905  8.630   5.498   1.00 43.08 ? 37  LYS A CB  1 
ATOM   279  C CG  . LYS A 1 37  ? -9.527  7.522   6.295   1.00 43.26 ? 37  LYS A CG  1 
ATOM   280  C CD  . LYS A 1 37  ? -9.078  7.480   7.696   1.00 45.89 ? 37  LYS A CD  1 
ATOM   281  C CE  . LYS A 1 37  ? -9.438  8.759   8.411   1.00 50.96 ? 37  LYS A CE  1 
ATOM   282  N NZ  . LYS A 1 37  ? -8.532  9.876   8.135   1.00 54.26 ? 37  LYS A NZ  1 
ATOM   283  N N   . PRO A 1 38  ? -11.189 7.131   3.741   1.00 47.39 ? 38  PRO A N   1 
ATOM   284  C CA  . PRO A 1 38  ? -12.581 6.757   3.890   1.00 48.30 ? 38  PRO A CA  1 
ATOM   285  C C   . PRO A 1 38  ? -13.159 7.152   5.233   1.00 50.50 ? 38  PRO A C   1 
ATOM   286  O O   . PRO A 1 38  ? -12.521 7.089   6.286   1.00 52.45 ? 38  PRO A O   1 
ATOM   287  C CB  . PRO A 1 38  ? -12.623 5.255   3.679   1.00 47.10 ? 38  PRO A CB  1 
ATOM   288  C CG  . PRO A 1 38  ? -11.576 5.112   2.619   1.00 45.36 ? 38  PRO A CG  1 
ATOM   289  C CD  . PRO A 1 38  ? -10.478 5.999   3.175   1.00 44.52 ? 38  PRO A CD  1 
ATOM   290  N N   . LYS A 1 39  ? -14.407 7.584   5.142   1.00 51.58 ? 39  LYS A N   1 
ATOM   291  C CA  . LYS A 1 39  ? -15.269 7.872   6.284   1.00 51.02 ? 39  LYS A CA  1 
ATOM   292  C C   . LYS A 1 39  ? -16.013 6.554   6.577   1.00 51.86 ? 39  LYS A C   1 
ATOM   293  O O   . LYS A 1 39  ? -16.250 6.212   7.722   1.00 52.62 ? 39  LYS A O   1 
ATOM   294  C CB  . LYS A 1 39  ? -16.295 8.980   5.944   1.00 50.12 ? 39  LYS A CB  1 
ATOM   295  C CG  . LYS A 1 39  ? -15.914 9.928   4.775   1.00 50.51 ? 39  LYS A CG  1 
ATOM   296  C CD  . LYS A 1 39  ? -16.578 11.331  4.841   1.00 52.51 ? 39  LYS A CD  1 
ATOM   297  C CE  . LYS A 1 39  ? -15.821 12.435  5.629   1.00 52.82 ? 39  LYS A CE  1 
ATOM   298  N NZ  . LYS A 1 39  ? -16.714 13.263  6.443   1.00 52.28 ? 39  LYS A NZ  1 
ATOM   299  N N   . SER A 1 40  ? -16.403 5.723   5.616   1.00 51.70 ? 40  SER A N   1 
ATOM   300  C CA  . SER A 1 40  ? -17.107 4.488   5.852   1.00 52.87 ? 40  SER A CA  1 
ATOM   301  C C   . SER A 1 40  ? -16.244 3.410   6.569   1.00 51.75 ? 40  SER A C   1 
ATOM   302  O O   . SER A 1 40  ? -15.620 2.544   5.943   1.00 51.67 ? 40  SER A O   1 
ATOM   303  C CB  . SER A 1 40  ? -17.598 4.072   4.450   1.00 55.36 ? 40  SER A CB  1 
ATOM   304  O OG  . SER A 1 40  ? -16.481 4.117   3.526   1.00 58.57 ? 40  SER A OG  1 
ATOM   305  N N   . GLY A 1 41  ? -16.093 3.513   7.886   1.00 51.74 ? 41  GLY A N   1 
ATOM   306  C CA  . GLY A 1 41  ? -15.490 2.535   8.800   1.00 51.44 ? 41  GLY A CA  1 
ATOM   307  C C   . GLY A 1 41  ? -14.154 1.895   8.483   1.00 51.96 ? 41  GLY A C   1 
ATOM   308  O O   . GLY A 1 41  ? -13.237 2.229   9.216   1.00 53.19 ? 41  GLY A O   1 
ATOM   309  N N   . THR A 1 42  ? -13.924 1.060   7.448   1.00 51.14 ? 42  THR A N   1 
ATOM   310  C CA  . THR A 1 42  ? -12.637 0.347   7.297   1.00 49.74 ? 42  THR A CA  1 
ATOM   311  C C   . THR A 1 42  ? -11.309 1.083   7.241   1.00 45.78 ? 42  THR A C   1 
ATOM   312  O O   . THR A 1 42  ? -10.400 0.702   7.958   1.00 43.97 ? 42  THR A O   1 
ATOM   313  C CB  . THR A 1 42  ? -12.722 -0.607  6.041   1.00 52.68 ? 42  THR A CB  1 
ATOM   314  O OG1 . THR A 1 42  ? -12.449 -1.891  6.632   1.00 54.02 ? 42  THR A OG1 1 
ATOM   315  C CG2 . THR A 1 42  ? -11.766 -0.319  4.808   1.00 55.43 ? 42  THR A CG2 1 
ATOM   316  N N   . GLN A 1 43  ? -11.099 2.016   6.325   1.00 42.65 ? 43  GLN A N   1 
ATOM   317  C CA  . GLN A 1 43  ? -9.848  2.732   6.274   1.00 41.25 ? 43  GLN A CA  1 
ATOM   318  C C   . GLN A 1 43  ? -8.521  1.947   6.351   1.00 40.00 ? 43  GLN A C   1 
ATOM   319  O O   . GLN A 1 43  ? -7.511  2.415   6.929   1.00 39.10 ? 43  GLN A O   1 
ATOM   320  C CB  . GLN A 1 43  ? -9.884  3.787   7.373   1.00 41.81 ? 43  GLN A CB  1 
ATOM   321  C CG  . GLN A 1 43  ? -11.181 4.578   7.356   1.00 40.61 ? 43  GLN A CG  1 
ATOM   322  C CD  . GLN A 1 43  ? -11.494 5.052   8.737   1.00 41.28 ? 43  GLN A CD  1 
ATOM   323  O OE1 . GLN A 1 43  ? -11.065 4.470   9.735   1.00 43.36 ? 43  GLN A OE1 1 
ATOM   324  N NE2 . GLN A 1 43  ? -12.227 6.142   8.835   1.00 40.84 ? 43  GLN A NE2 1 
ATOM   325  N N   . GLY A 1 44  ? -8.533  0.716   5.818   1.00 36.94 ? 44  GLY A N   1 
ATOM   326  C CA  . GLY A 1 44  ? -7.282  0.034   5.609   1.00 34.04 ? 44  GLY A CA  1 
ATOM   327  C C   . GLY A 1 44  ? -7.238  -1.379  6.129   1.00 33.09 ? 44  GLY A C   1 
ATOM   328  O O   . GLY A 1 44  ? -6.919  -2.328  5.378   1.00 31.80 ? 44  GLY A O   1 
ATOM   329  N N   . ASN A 1 45  ? -7.563  -1.487  7.415   1.00 32.48 ? 45  ASN A N   1 
ATOM   330  C CA  . ASN A 1 45  ? -7.510  -2.770  8.104   1.00 34.95 ? 45  ASN A CA  1 
ATOM   331  C C   . ASN A 1 45  ? -8.471  -2.816  9.285   1.00 36.39 ? 45  ASN A C   1 
ATOM   332  O O   . ASN A 1 45  ? -8.934  -1.762  9.734   1.00 37.19 ? 45  ASN A O   1 
ATOM   333  C CB  . ASN A 1 45  ? -6.067  -3.029  8.539   1.00 34.80 ? 45  ASN A CB  1 
ATOM   334  C CG  . ASN A 1 45  ? -5.945  -4.253  9.398   1.00 34.72 ? 45  ASN A CG  1 
ATOM   335  O OD1 . ASN A 1 45  ? -6.344  -4.211  10.547  1.00 34.72 ? 45  ASN A OD1 1 
ATOM   336  N ND2 . ASN A 1 45  ? -5.480  -5.381  8.924   1.00 35.96 ? 45  ASN A ND2 1 
ATOM   337  N N   . TYR A 1 46  ? -8.880  -4.017  9.702   1.00 38.15 ? 46  TYR A N   1 
ATOM   338  C CA  . TYR A 1 46  ? -9.786  -4.161  10.827  1.00 41.42 ? 46  TYR A CA  1 
ATOM   339  C C   . TYR A 1 46  ? -9.220  -3.615  12.157  1.00 43.54 ? 46  TYR A C   1 
ATOM   340  O O   . TYR A 1 46  ? -9.788  -2.748  12.836  1.00 43.94 ? 46  TYR A O   1 
ATOM   341  C CB  . TYR A 1 46  ? -10.161 -5.681  10.862  1.00 41.96 ? 46  TYR A CB  1 
ATOM   342  C CG  . TYR A 1 46  ? -11.428 -6.033  10.051  1.00 43.25 ? 46  TYR A CG  1 
ATOM   343  C CD1 . TYR A 1 46  ? -12.002 -4.998  9.316   1.00 45.91 ? 46  TYR A CD1 1 
ATOM   344  C CD2 . TYR A 1 46  ? -12.076 -7.266  10.059  1.00 41.09 ? 46  TYR A CD2 1 
ATOM   345  C CE1 . TYR A 1 46  ? -13.182 -5.137  8.613   1.00 44.48 ? 46  TYR A CE1 1 
ATOM   346  C CE2 . TYR A 1 46  ? -13.274 -7.423  9.363   1.00 42.82 ? 46  TYR A CE2 1 
ATOM   347  C CZ  . TYR A 1 46  ? -13.818 -6.337  8.651   1.00 44.15 ? 46  TYR A CZ  1 
ATOM   348  O OH  . TYR A 1 46  ? -15.068 -6.311  8.053   1.00 45.91 ? 46  TYR A OH  1 
ATOM   349  N N   . ASP A 1 47  ? -8.022  -4.051  12.509  1.00 43.82 ? 47  ASP A N   1 
ATOM   350  C CA  . ASP A 1 47  ? -7.323  -3.646  13.688  1.00 43.98 ? 47  ASP A CA  1 
ATOM   351  C C   . ASP A 1 47  ? -6.730  -2.246  13.514  1.00 45.81 ? 47  ASP A C   1 
ATOM   352  O O   . ASP A 1 47  ? -5.958  -1.942  12.594  1.00 47.22 ? 47  ASP A O   1 
ATOM   353  C CB  . ASP A 1 47  ? -6.324  -4.736  13.852  1.00 44.52 ? 47  ASP A CB  1 
ATOM   354  C CG  . ASP A 1 47  ? -5.306  -4.602  14.958  1.00 48.10 ? 47  ASP A CG  1 
ATOM   355  O OD1 . ASP A 1 47  ? -5.535  -3.810  15.870  1.00 50.01 ? 47  ASP A OD1 1 
ATOM   356  O OD2 . ASP A 1 47  ? -4.287  -5.304  14.910  1.00 48.00 ? 47  ASP A OD2 1 
ATOM   357  N N   . ASP A 1 48  ? -6.988  -1.377  14.503  1.00 46.17 ? 48  ASP A N   1 
ATOM   358  C CA  . ASP A 1 48  ? -6.584  0.061   14.556  1.00 43.41 ? 48  ASP A CA  1 
ATOM   359  C C   . ASP A 1 48  ? -5.134  0.365   14.313  1.00 41.68 ? 48  ASP A C   1 
ATOM   360  O O   . ASP A 1 48  ? -4.784  1.357   13.703  1.00 42.28 ? 48  ASP A O   1 
ATOM   361  C CB  . ASP A 1 48  ? -6.882  0.772   15.941  1.00 44.37 ? 48  ASP A CB  1 
ATOM   362  C CG  . ASP A 1 48  ? -8.325  1.195   16.306  1.00 41.05 ? 48  ASP A CG  1 
ATOM   363  O OD1 . ASP A 1 48  ? -9.031  0.370   16.915  1.00 36.80 ? 48  ASP A OD1 1 
ATOM   364  O OD2 . ASP A 1 48  ? -8.689  2.349   16.006  1.00 38.32 ? 48  ASP A OD2 1 
ATOM   365  N N   . ASP A 1 49  ? -4.274  -0.444  14.894  1.00 40.21 ? 49  ASP A N   1 
ATOM   366  C CA  . ASP A 1 49  ? -2.850  -0.364  14.722  1.00 38.50 ? 49  ASP A CA  1 
ATOM   367  C C   . ASP A 1 49  ? -2.492  -0.269  13.264  1.00 37.41 ? 49  ASP A C   1 
ATOM   368  O O   . ASP A 1 49  ? -1.699  0.580   12.885  1.00 36.41 ? 49  ASP A O   1 
ATOM   369  C CB  . ASP A 1 49  ? -2.210  -1.614  15.354  1.00 42.13 ? 49  ASP A CB  1 
ATOM   370  C CG  . ASP A 1 49  ? -2.149  -1.569  16.898  1.00 48.60 ? 49  ASP A CG  1 
ATOM   371  O OD1 . ASP A 1 49  ? -1.762  -0.494  17.387  1.00 54.21 ? 49  ASP A OD1 1 
ATOM   372  O OD2 . ASP A 1 49  ? -2.466  -2.554  17.610  1.00 47.30 ? 49  ASP A OD2 1 
ATOM   373  N N   . TRP A 1 50  ? -3.180  -1.029  12.429  1.00 37.48 ? 50  TRP A N   1 
ATOM   374  C CA  . TRP A 1 50  ? -2.842  -1.152  11.030  1.00 36.51 ? 50  TRP A CA  1 
ATOM   375  C C   . TRP A 1 50  ? -3.708  -0.420  9.976   1.00 35.45 ? 50  TRP A C   1 
ATOM   376  O O   . TRP A 1 50  ? -3.681  -0.754  8.767   1.00 35.20 ? 50  TRP A O   1 
ATOM   377  C CB  . TRP A 1 50  ? -2.804  -2.634  10.789  1.00 37.18 ? 50  TRP A CB  1 
ATOM   378  C CG  . TRP A 1 50  ? -1.840  -3.382  11.685  1.00 37.95 ? 50  TRP A CG  1 
ATOM   379  C CD1 . TRP A 1 50  ? -2.299  -4.066  12.765  1.00 39.24 ? 50  TRP A CD1 1 
ATOM   380  C CD2 . TRP A 1 50  ? -0.494  -3.546  11.508  1.00 38.65 ? 50  TRP A CD2 1 
ATOM   381  N NE1 . TRP A 1 50  ? -1.270  -4.704  13.285  1.00 40.99 ? 50  TRP A NE1 1 
ATOM   382  C CE2 . TRP A 1 50  ? -0.176  -4.408  12.566  1.00 40.60 ? 50  TRP A CE2 1 
ATOM   383  C CE3 . TRP A 1 50  ? 0.489   -3.110  10.628  1.00 35.97 ? 50  TRP A CE3 1 
ATOM   384  C CZ2 . TRP A 1 50  ? 1.128   -4.845  12.759  1.00 41.71 ? 50  TRP A CZ2 1 
ATOM   385  C CZ3 . TRP A 1 50  ? 1.790   -3.545  10.820  1.00 34.92 ? 50  TRP A CZ3 1 
ATOM   386  C CH2 . TRP A 1 50  ? 2.116   -4.402  11.869  1.00 39.20 ? 50  TRP A CH2 1 
ATOM   387  N N   . LYS A 1 51  ? -4.471  0.600   10.335  1.00 32.10 ? 51  LYS A N   1 
ATOM   388  C CA  . LYS A 1 51  ? -5.226  1.254   9.304   1.00 30.81 ? 51  LYS A CA  1 
ATOM   389  C C   . LYS A 1 51  ? -4.277  2.206   8.572   1.00 28.36 ? 51  LYS A C   1 
ATOM   390  O O   . LYS A 1 51  ? -3.447  2.854   9.171   1.00 27.79 ? 51  LYS A O   1 
ATOM   391  C CB  . LYS A 1 51  ? -6.409  1.969   9.977   1.00 34.65 ? 51  LYS A CB  1 
ATOM   392  C CG  . LYS A 1 51  ? -7.759  1.150   10.188  1.00 38.23 ? 51  LYS A CG  1 
ATOM   393  C CD  . LYS A 1 51  ? -9.013  1.901   10.777  1.00 38.39 ? 51  LYS A CD  1 
ATOM   394  C CE  . LYS A 1 51  ? -10.318 1.069   10.980  1.00 39.16 ? 51  LYS A CE  1 
ATOM   395  N NZ  . LYS A 1 51  ? -10.268 -0.038  11.935  1.00 36.90 ? 51  LYS A NZ  1 
ATOM   396  N N   . GLY A 1 52  ? -4.307  2.327   7.272   1.00 26.61 ? 52  GLY A N   1 
ATOM   397  C CA  . GLY A 1 52  ? -3.444  3.200   6.519   1.00 23.82 ? 52  GLY A CA  1 
ATOM   398  C C   . GLY A 1 52  ? -3.723  2.957   5.041   1.00 23.99 ? 52  GLY A C   1 
ATOM   399  O O   . GLY A 1 52  ? -4.610  2.181   4.717   1.00 26.97 ? 52  GLY A O   1 
ATOM   400  N N   . PHE A 1 53  ? -3.053  3.473   4.040   1.00 21.63 ? 53  PHE A N   1 
ATOM   401  C CA  . PHE A 1 53  ? -3.410  3.278   2.660   1.00 20.42 ? 53  PHE A CA  1 
ATOM   402  C C   . PHE A 1 53  ? -2.515  2.152   2.227   1.00 20.23 ? 53  PHE A C   1 
ATOM   403  O O   . PHE A 1 53  ? -1.318  2.303   2.387   1.00 20.29 ? 53  PHE A O   1 
ATOM   404  C CB  . PHE A 1 53  ? -3.116  4.561   1.996   1.00 22.31 ? 53  PHE A CB  1 
ATOM   405  C CG  . PHE A 1 53  ? -3.355  4.570   0.550   1.00 25.13 ? 53  PHE A CG  1 
ATOM   406  C CD1 . PHE A 1 53  ? -2.355  4.153   -0.310  1.00 29.16 ? 53  PHE A CD1 1 
ATOM   407  C CD2 . PHE A 1 53  ? -4.583  4.941   0.093   1.00 26.56 ? 53  PHE A CD2 1 
ATOM   408  C CE1 . PHE A 1 53  ? -2.606  4.098   -1.683  1.00 30.26 ? 53  PHE A CE1 1 
ATOM   409  C CE2 . PHE A 1 53  ? -4.818  4.877   -1.275  1.00 29.75 ? 53  PHE A CE2 1 
ATOM   410  C CZ  . PHE A 1 53  ? -3.846  4.459   -2.175  1.00 29.23 ? 53  PHE A CZ  1 
ATOM   411  N N   . TYR A 1 54  ? -3.010  1.045   1.652   1.00 20.96 ? 54  TYR A N   1 
ATOM   412  C CA  . TYR A 1 54  ? -2.248  -0.148  1.307   1.00 17.58 ? 54  TYR A CA  1 
ATOM   413  C C   . TYR A 1 54  ? -1.961  -0.232  -0.140  1.00 18.67 ? 54  TYR A C   1 
ATOM   414  O O   . TYR A 1 54  ? -2.926  -0.067  -0.926  1.00 17.24 ? 54  TYR A O   1 
ATOM   415  C CB  . TYR A 1 54  ? -2.988  -1.407  1.729   1.00 16.72 ? 54  TYR A CB  1 
ATOM   416  C CG  . TYR A 1 54  ? -2.854  -1.793  3.221   1.00 15.51 ? 54  TYR A CG  1 
ATOM   417  C CD1 . TYR A 1 54  ? -3.361  -0.952  4.219   1.00 13.50 ? 54  TYR A CD1 1 
ATOM   418  C CD2 . TYR A 1 54  ? -2.251  -3.004  3.581   1.00 13.90 ? 54  TYR A CD2 1 
ATOM   419  C CE1 . TYR A 1 54  ? -3.284  -1.265  5.575   1.00 14.69 ? 54  TYR A CE1 1 
ATOM   420  C CE2 . TYR A 1 54  ? -2.188  -3.352  4.957   1.00 19.28 ? 54  TYR A CE2 1 
ATOM   421  C CZ  . TYR A 1 54  ? -2.697  -2.469  5.941   1.00 19.28 ? 54  TYR A CZ  1 
ATOM   422  O OH  . TYR A 1 54  ? -2.572  -2.770  7.287   1.00 22.47 ? 54  TYR A OH  1 
ATOM   423  N N   . SER A 1 55  ? -0.643  -0.420  -0.427  1.00 19.03 ? 55  SER A N   1 
ATOM   424  C CA  . SER A 1 55  ? -0.178  -0.484  -1.818  1.00 20.63 ? 55  SER A CA  1 
ATOM   425  C C   . SER A 1 55  ? 0.847   -1.561  -2.030  1.00 19.48 ? 55  SER A C   1 
ATOM   426  O O   . SER A 1 55  ? 1.180   -2.157  -1.022  1.00 19.82 ? 55  SER A O   1 
ATOM   427  C CB  . SER A 1 55  ? 0.426   0.855   -2.250  1.00 23.44 ? 55  SER A CB  1 
ATOM   428  O OG  . SER A 1 55  ? 1.510   1.346   -1.480  1.00 26.25 ? 55  SER A OG  1 
ATOM   429  N N   . THR A 1 56  ? 1.387   -1.824  -3.217  1.00 19.55 ? 56  THR A N   1 
ATOM   430  C CA  . THR A 1 56  ? 2.355   -2.889  -3.482  1.00 21.58 ? 56  THR A CA  1 
ATOM   431  C C   . THR A 1 56  ? 3.405   -2.644  -4.615  1.00 21.53 ? 56  THR A C   1 
ATOM   432  O O   . THR A 1 56  ? 3.318   -1.785  -5.483  1.00 22.50 ? 56  THR A O   1 
ATOM   433  C CB  . THR A 1 56  ? 1.545   -4.166  -3.786  1.00 23.79 ? 56  THR A CB  1 
ATOM   434  O OG1 . THR A 1 56  ? 2.520   -5.198  -3.875  1.00 24.80 ? 56  THR A OG1 1 
ATOM   435  C CG2 . THR A 1 56  ? 0.737   -4.137  -5.074  1.00 21.56 ? 56  THR A CG2 1 
ATOM   436  N N   . ASP A 1 57  ? 4.444   -3.415  -4.717  1.00 21.17 ? 57  ASP A N   1 
ATOM   437  C CA  . ASP A 1 57  ? 5.408   -3.278  -5.775  1.00 23.26 ? 57  ASP A CA  1 
ATOM   438  C C   . ASP A 1 57  ? 5.007   -3.770  -7.092  1.00 23.73 ? 57  ASP A C   1 
ATOM   439  O O   . ASP A 1 57  ? 5.549   -3.393  -8.114  1.00 24.61 ? 57  ASP A O   1 
ATOM   440  C CB  . ASP A 1 57  ? 6.714   -4.000  -5.533  1.00 25.74 ? 57  ASP A CB  1 
ATOM   441  C CG  . ASP A 1 57  ? 6.693   -5.429  -5.050  1.00 32.87 ? 57  ASP A CG  1 
ATOM   442  O OD1 . ASP A 1 57  ? 5.891   -5.767  -4.201  1.00 39.10 ? 57  ASP A OD1 1 
ATOM   443  O OD2 . ASP A 1 57  ? 7.509   -6.230  -5.488  1.00 38.21 ? 57  ASP A OD2 1 
ATOM   444  N N   . ASN A 1 58  ? 4.070   -4.673  -7.009  1.00 25.75 ? 58  ASN A N   1 
ATOM   445  C CA  . ASN A 1 58  ? 3.658   -5.527  -8.121  1.00 26.20 ? 58  ASN A CA  1 
ATOM   446  C C   . ASN A 1 58  ? 2.297   -5.151  -8.601  1.00 25.83 ? 58  ASN A C   1 
ATOM   447  O O   . ASN A 1 58  ? 1.329   -5.349  -7.854  1.00 26.10 ? 58  ASN A O   1 
ATOM   448  C CB  . ASN A 1 58  ? 3.664   -6.967  -7.632  1.00 28.54 ? 58  ASN A CB  1 
ATOM   449  C CG  . ASN A 1 58  ? 3.468   -7.947  -8.749  1.00 32.47 ? 58  ASN A CG  1 
ATOM   450  O OD1 . ASN A 1 58  ? 2.878   -7.637  -9.786  1.00 36.15 ? 58  ASN A OD1 1 
ATOM   451  N ND2 . ASN A 1 58  ? 3.926   -9.165  -8.558  1.00 34.33 ? 58  ASN A ND2 1 
ATOM   452  N N   . LYS A 1 59  ? 2.198   -4.639  -9.823  1.00 26.57 ? 59  LYS A N   1 
ATOM   453  C CA  . LYS A 1 59  ? 0.907   -4.161  -10.318 1.00 27.99 ? 59  LYS A CA  1 
ATOM   454  C C   . LYS A 1 59  ? -0.070  -5.317  -10.599 1.00 29.88 ? 59  LYS A C   1 
ATOM   455  O O   . LYS A 1 59  ? -1.264  -5.230  -10.374 1.00 30.85 ? 59  LYS A O   1 
ATOM   456  C CB  . LYS A 1 59  ? 1.167   -3.344  -11.538 1.00 27.72 ? 59  LYS A CB  1 
ATOM   457  C CG  . LYS A 1 59  ? 2.087   -4.066  -12.505 1.00 31.50 ? 59  LYS A CG  1 
ATOM   458  C CD  . LYS A 1 59  ? 2.393   -3.275  -13.751 1.00 36.66 ? 59  LYS A CD  1 
ATOM   459  C CE  . LYS A 1 59  ? 3.638   -3.795  -14.504 1.00 41.17 ? 59  LYS A CE  1 
ATOM   460  N NZ  . LYS A 1 59  ? 4.020   -2.954  -15.642 1.00 43.13 ? 59  LYS A NZ  1 
ATOM   461  N N   . TYR A 1 60  ? 0.456   -6.465  -10.995 1.00 29.87 ? 60  TYR A N   1 
ATOM   462  C CA  . TYR A 1 60  ? -0.298  -7.648  -11.202 1.00 31.41 ? 60  TYR A CA  1 
ATOM   463  C C   . TYR A 1 60  ? -0.886  -7.969  -9.842  1.00 32.35 ? 60  TYR A C   1 
ATOM   464  O O   . TYR A 1 60  ? -2.114  -8.006  -9.714  1.00 33.44 ? 60  TYR A O   1 
ATOM   465  C CB  . TYR A 1 60  ? 0.625   -8.769  -11.668 1.00 32.27 ? 60  TYR A CB  1 
ATOM   466  C CG  . TYR A 1 60  ? 1.345   -8.367  -12.945 1.00 36.38 ? 60  TYR A CG  1 
ATOM   467  C CD1 . TYR A 1 60  ? 0.684   -7.742  -14.007 1.00 36.56 ? 60  TYR A CD1 1 
ATOM   468  C CD2 . TYR A 1 60  ? 2.681   -8.690  -13.104 1.00 38.95 ? 60  TYR A CD2 1 
ATOM   469  C CE1 . TYR A 1 60  ? 1.332   -7.464  -15.206 1.00 37.90 ? 60  TYR A CE1 1 
ATOM   470  C CE2 . TYR A 1 60  ? 3.341   -8.407  -14.311 1.00 39.30 ? 60  TYR A CE2 1 
ATOM   471  C CZ  . TYR A 1 60  ? 2.666   -7.810  -15.362 1.00 38.97 ? 60  TYR A CZ  1 
ATOM   472  O OH  . TYR A 1 60  ? 3.294   -7.683  -16.583 1.00 39.18 ? 60  TYR A OH  1 
ATOM   473  N N   . ASP A 1 61  ? -0.074  -8.109  -8.791  1.00 30.96 ? 61  ASP A N   1 
ATOM   474  C CA  . ASP A 1 61  ? -0.657  -8.405  -7.515  1.00 30.72 ? 61  ASP A CA  1 
ATOM   475  C C   . ASP A 1 61  ? -1.610  -7.294  -7.176  1.00 30.44 ? 61  ASP A C   1 
ATOM   476  O O   . ASP A 1 61  ? -2.669  -7.550  -6.641  1.00 31.47 ? 61  ASP A O   1 
ATOM   477  C CB  . ASP A 1 61  ? 0.437   -8.591  -6.471  1.00 31.14 ? 61  ASP A CB  1 
ATOM   478  C CG  . ASP A 1 61  ? 1.156   -9.924  -6.690  1.00 36.53 ? 61  ASP A CG  1 
ATOM   479  O OD1 . ASP A 1 61  ? 1.174   -10.406 -7.816  1.00 39.55 ? 61  ASP A OD1 1 
ATOM   480  O OD2 . ASP A 1 61  ? 1.714   -10.524 -5.766  1.00 38.92 ? 61  ASP A OD2 1 
ATOM   481  N N   . ALA A 1 62  ? -1.418  -6.090  -7.616  1.00 30.89 ? 62  ALA A N   1 
ATOM   482  C CA  . ALA A 1 62  ? -2.402  -5.090  -7.337  1.00 32.10 ? 62  ALA A CA  1 
ATOM   483  C C   . ALA A 1 62  ? -3.717  -5.359  -8.030  1.00 33.47 ? 62  ALA A C   1 
ATOM   484  O O   . ALA A 1 62  ? -4.791  -5.219  -7.453  1.00 32.80 ? 62  ALA A O   1 
ATOM   485  C CB  . ALA A 1 62  ? -1.950  -3.777  -7.824  1.00 33.25 ? 62  ALA A CB  1 
ATOM   486  N N   . ALA A 1 63  ? -3.659  -5.818  -9.274  1.00 35.82 ? 63  ALA A N   1 
ATOM   487  C CA  . ALA A 1 63  ? -4.833  -5.875  -10.126 1.00 36.18 ? 63  ALA A CA  1 
ATOM   488  C C   . ALA A 1 63  ? -5.962  -6.731  -9.566  1.00 36.80 ? 63  ALA A C   1 
ATOM   489  O O   . ALA A 1 63  ? -7.149  -6.471  -9.807  1.00 37.75 ? 63  ALA A O   1 
ATOM   490  C CB  . ALA A 1 63  ? -4.435  -6.381  -11.541 1.00 34.73 ? 63  ALA A CB  1 
ATOM   491  N N   . GLY A 1 64  ? -5.723  -7.690  -8.686  1.00 36.47 ? 64  GLY A N   1 
ATOM   492  C CA  . GLY A 1 64  ? -6.816  -8.579  -8.239  1.00 34.54 ? 64  GLY A CA  1 
ATOM   493  C C   . GLY A 1 64  ? -7.489  -7.991  -7.048  1.00 32.88 ? 64  GLY A C   1 
ATOM   494  O O   . GLY A 1 64  ? -8.179  -8.634  -6.278  1.00 36.38 ? 64  GLY A O   1 
ATOM   495  N N   . TYR A 1 65  ? -7.149  -6.784  -6.751  1.00 31.49 ? 65  TYR A N   1 
ATOM   496  C CA  . TYR A 1 65  ? -7.844  -6.126  -5.712  1.00 31.14 ? 65  TYR A CA  1 
ATOM   497  C C   . TYR A 1 65  ? -8.770  -5.321  -6.537  1.00 32.29 ? 65  TYR A C   1 
ATOM   498  O O   . TYR A 1 65  ? -9.551  -4.695  -5.866  1.00 34.43 ? 65  TYR A O   1 
ATOM   499  C CB  . TYR A 1 65  ? -7.002  -5.148  -4.957  1.00 29.33 ? 65  TYR A CB  1 
ATOM   500  C CG  . TYR A 1 65  ? -6.238  -5.713  -3.793  1.00 28.82 ? 65  TYR A CG  1 
ATOM   501  C CD1 . TYR A 1 65  ? -5.007  -6.326  -3.985  1.00 27.42 ? 65  TYR A CD1 1 
ATOM   502  C CD2 . TYR A 1 65  ? -6.856  -5.697  -2.539  1.00 30.92 ? 65  TYR A CD2 1 
ATOM   503  C CE1 . TYR A 1 65  ? -4.391  -6.958  -2.912  1.00 28.71 ? 65  TYR A CE1 1 
ATOM   504  C CE2 . TYR A 1 65  ? -6.251  -6.327  -1.460  1.00 31.38 ? 65  TYR A CE2 1 
ATOM   505  C CZ  . TYR A 1 65  ? -5.023  -6.959  -1.661  1.00 32.54 ? 65  TYR A CZ  1 
ATOM   506  O OH  . TYR A 1 65  ? -4.453  -7.633  -0.587  1.00 37.68 ? 65  TYR A OH  1 
ATOM   507  N N   . SER A 1 66  ? -8.819  -5.223  -7.870  1.00 32.79 ? 66  SER A N   1 
ATOM   508  C CA  . SER A 1 66  ? -9.681  -4.237  -8.505  1.00 34.48 ? 66  SER A CA  1 
ATOM   509  C C   . SER A 1 66  ? -11.030 -4.830  -8.743  1.00 37.75 ? 66  SER A C   1 
ATOM   510  O O   . SER A 1 66  ? -11.752 -4.303  -9.590  1.00 40.49 ? 66  SER A O   1 
ATOM   511  C CB  . SER A 1 66  ? -9.175  -3.817  -9.847  1.00 33.30 ? 66  SER A CB  1 
ATOM   512  O OG  . SER A 1 66  ? -9.084  -4.936  -10.718 1.00 33.10 ? 66  SER A OG  1 
ATOM   513  N N   . VAL A 1 67  ? -11.428 -5.846  -7.989  1.00 38.46 ? 67  VAL A N   1 
ATOM   514  C CA  . VAL A 1 67  ? -12.560 -6.620  -8.380  1.00 40.21 ? 67  VAL A CA  1 
ATOM   515  C C   . VAL A 1 67  ? -13.582 -6.610  -7.274  1.00 43.88 ? 67  VAL A C   1 
ATOM   516  O O   . VAL A 1 67  ? -13.277 -6.259  -6.145  1.00 43.77 ? 67  VAL A O   1 
ATOM   517  C CB  . VAL A 1 67  ? -11.979 -8.012  -8.725  1.00 37.32 ? 67  VAL A CB  1 
ATOM   518  C CG1 . VAL A 1 67  ? -12.990 -9.119  -8.728  1.00 36.94 ? 67  VAL A CG1 1 
ATOM   519  C CG2 . VAL A 1 67  ? -11.504 -7.950  -10.153 1.00 35.54 ? 67  VAL A CG2 1 
ATOM   520  N N   . ASP A 1 68  ? -14.780 -7.042  -7.684  1.00 47.82 ? 68  ASP A N   1 
ATOM   521  C CA  . ASP A 1 68  ? -15.956 -7.291  -6.870  1.00 51.70 ? 68  ASP A CA  1 
ATOM   522  C C   . ASP A 1 68  ? -16.325 -6.226  -5.826  1.00 54.42 ? 68  ASP A C   1 
ATOM   523  O O   . ASP A 1 68  ? -16.375 -5.043  -6.192  1.00 55.14 ? 68  ASP A O   1 
ATOM   524  C CB  . ASP A 1 68  ? -15.757 -8.810  -6.335  1.00 50.63 ? 68  ASP A CB  1 
ATOM   525  C CG  . ASP A 1 68  ? -15.251 -9.395  -4.992  1.00 50.19 ? 68  ASP A CG  1 
ATOM   526  O OD1 . ASP A 1 68  ? -15.158 -8.726  -3.963  1.00 47.54 ? 68  ASP A OD1 1 
ATOM   527  O OD2 . ASP A 1 68  ? -14.999 -10.611 -4.967  1.00 51.35 ? 68  ASP A OD2 1 
ATOM   528  N N   . ASN A 1 69  ? -16.744 -6.688  -4.637  1.00 57.18 ? 69  ASN A N   1 
ATOM   529  C CA  . ASN A 1 69  ? -17.132 -5.952  -3.426  1.00 60.38 ? 69  ASN A CA  1 
ATOM   530  C C   . ASN A 1 69  ? -18.613 -5.590  -3.580  1.00 61.12 ? 69  ASN A C   1 
ATOM   531  O O   . ASN A 1 69  ? -19.099 -4.554  -4.058  1.00 62.11 ? 69  ASN A O   1 
ATOM   532  C CB  . ASN A 1 69  ? -16.222 -4.678  -3.196  1.00 62.19 ? 69  ASN A CB  1 
ATOM   533  C CG  . ASN A 1 69  ? -15.754 -4.523  -1.724  1.00 64.36 ? 69  ASN A CG  1 
ATOM   534  O OD1 . ASN A 1 69  ? -16.298 -5.183  -0.830  1.00 67.49 ? 69  ASN A OD1 1 
ATOM   535  N ND2 . ASN A 1 69  ? -14.746 -3.743  -1.323  1.00 60.27 ? 69  ASN A ND2 1 
ATOM   536  N N   . GLU A 1 70  ? -19.332 -6.613  -3.095  1.00 61.29 ? 70  GLU A N   1 
ATOM   537  C CA  . GLU A 1 70  ? -20.764 -6.717  -3.336  1.00 60.55 ? 70  GLU A CA  1 
ATOM   538  C C   . GLU A 1 70  ? -21.065 -6.701  -4.844  1.00 59.36 ? 70  GLU A C   1 
ATOM   539  O O   . GLU A 1 70  ? -21.181 -5.672  -5.511  1.00 59.16 ? 70  GLU A O   1 
ATOM   540  C CB  . GLU A 1 70  ? -21.511 -5.581  -2.652  1.00 62.54 ? 70  GLU A CB  1 
ATOM   541  C CG  . GLU A 1 70  ? -21.890 -5.914  -1.203  1.00 64.49 ? 70  GLU A CG  1 
ATOM   542  C CD  . GLU A 1 70  ? -22.897 -4.936  -0.578  1.00 65.69 ? 70  GLU A CD  1 
ATOM   543  O OE1 . GLU A 1 70  ? -23.628 -4.220  -1.288  1.00 65.01 ? 70  GLU A OE1 1 
ATOM   544  O OE2 . GLU A 1 70  ? -22.932 -4.897  0.655   1.00 67.29 ? 70  GLU A OE2 1 
ATOM   545  N N   . ASN A 1 71  ? -21.022 -7.994  -5.239  1.00 57.86 ? 71  ASN A N   1 
ATOM   546  C CA  . ASN A 1 71  ? -21.284 -8.730  -6.504  1.00 55.54 ? 71  ASN A CA  1 
ATOM   547  C C   . ASN A 1 71  ? -20.205 -9.094  -7.522  1.00 53.36 ? 71  ASN A C   1 
ATOM   548  O O   . ASN A 1 71  ? -19.972 -8.501  -8.571  1.00 53.38 ? 71  ASN A O   1 
ATOM   549  C CB  . ASN A 1 71  ? -22.476 -8.085  -7.322  1.00 55.70 ? 71  ASN A CB  1 
ATOM   550  C CG  . ASN A 1 71  ? -23.790 -8.835  -7.023  1.00 55.39 ? 71  ASN A CG  1 
ATOM   551  O OD1 . ASN A 1 71  ? -23.776 -10.032 -6.698  1.00 55.72 ? 71  ASN A OD1 1 
ATOM   552  N ND2 . ASN A 1 71  ? -24.968 -8.219  -7.058  1.00 54.16 ? 71  ASN A ND2 1 
ATOM   553  N N   . PRO A 1 72  ? -19.585 -10.260 -7.283  1.00 53.86 ? 72  PRO A N   1 
ATOM   554  C CA  . PRO A 1 72  ? -18.561 -10.887 -8.181  1.00 54.46 ? 72  PRO A CA  1 
ATOM   555  C C   . PRO A 1 72  ? -19.079 -11.460 -9.527  1.00 54.58 ? 72  PRO A C   1 
ATOM   556  O O   . PRO A 1 72  ? -18.319 -11.897 -10.429 1.00 54.25 ? 72  PRO A O   1 
ATOM   557  C CB  . PRO A 1 72  ? -17.910 -11.973 -7.311  1.00 54.70 ? 72  PRO A CB  1 
ATOM   558  C CG  . PRO A 1 72  ? -18.522 -11.771 -5.896  1.00 53.81 ? 72  PRO A CG  1 
ATOM   559  C CD  . PRO A 1 72  ? -19.892 -11.175 -6.167  1.00 52.99 ? 72  PRO A CD  1 
ATOM   560  N N   . LEU A 1 73  ? -20.450 -11.441 -9.526  1.00 53.40 ? 73  LEU A N   1 
ATOM   561  C CA  . LEU A 1 73  ? -21.325 -11.904 -10.579 1.00 49.98 ? 73  LEU A CA  1 
ATOM   562  C C   . LEU A 1 73  ? -21.361 -10.867 -11.662 1.00 49.08 ? 73  LEU A C   1 
ATOM   563  O O   . LEU A 1 73  ? -21.615 -11.211 -12.801 1.00 49.25 ? 73  LEU A O   1 
ATOM   564  C CB  . LEU A 1 73  ? -22.713 -12.190 -9.972  1.00 49.30 ? 73  LEU A CB  1 
ATOM   565  C CG  . LEU A 1 73  ? -23.035 -13.621 -9.390  1.00 49.17 ? 73  LEU A CG  1 
ATOM   566  C CD1 . LEU A 1 73  ? -22.502 -14.679 -10.361 1.00 44.61 ? 73  LEU A CD1 1 
ATOM   567  C CD2 . LEU A 1 73  ? -22.357 -13.886 -8.031  1.00 49.14 ? 73  LEU A CD2 1 
ATOM   568  N N   . SER A 1 74  ? -21.144 -9.590  -11.426 1.00 49.29 ? 74  SER A N   1 
ATOM   569  C CA  . SER A 1 74  ? -20.945 -8.731  -12.563 1.00 50.00 ? 74  SER A CA  1 
ATOM   570  C C   . SER A 1 74  ? -19.477 -8.981  -12.855 1.00 51.23 ? 74  SER A C   1 
ATOM   571  O O   . SER A 1 74  ? -18.672 -8.729  -11.950 1.00 52.13 ? 74  SER A O   1 
ATOM   572  C CB  . SER A 1 74  ? -21.160 -7.291  -12.178 1.00 50.50 ? 74  SER A CB  1 
ATOM   573  O OG  . SER A 1 74  ? -21.217 -7.059  -10.770 1.00 52.03 ? 74  SER A OG  1 
ATOM   574  N N   . GLY A 1 75  ? -19.004 -9.515  -13.970 1.00 51.05 ? 75  GLY A N   1 
ATOM   575  C CA  . GLY A 1 75  ? -17.566 -9.554  -14.166 1.00 51.18 ? 75  GLY A CA  1 
ATOM   576  C C   . GLY A 1 75  ? -16.904 -8.162  -14.385 1.00 51.34 ? 75  GLY A C   1 
ATOM   577  O O   . GLY A 1 75  ? -16.080 -8.040  -15.298 1.00 51.37 ? 75  GLY A O   1 
ATOM   578  N N   . LYS A 1 76  ? -17.120 -7.057  -13.656 1.00 50.81 ? 76  LYS A N   1 
ATOM   579  C CA  . LYS A 1 76  ? -16.396 -5.800  -13.949 1.00 51.51 ? 76  LYS A CA  1 
ATOM   580  C C   . LYS A 1 76  ? -15.000 -5.679  -13.324 1.00 51.16 ? 76  LYS A C   1 
ATOM   581  O O   . LYS A 1 76  ? -14.456 -6.730  -12.995 1.00 52.18 ? 76  LYS A O   1 
ATOM   582  C CB  . LYS A 1 76  ? -17.268 -4.583  -13.517 1.00 53.41 ? 76  LYS A CB  1 
ATOM   583  C CG  . LYS A 1 76  ? -18.516 -4.731  -12.616 1.00 54.53 ? 76  LYS A CG  1 
ATOM   584  C CD  . LYS A 1 76  ? -19.360 -3.472  -12.997 1.00 56.33 ? 76  LYS A CD  1 
ATOM   585  C CE  . LYS A 1 76  ? -20.828 -3.366  -12.471 1.00 56.51 ? 76  LYS A CE  1 
ATOM   586  N NZ  . LYS A 1 76  ? -21.594 -2.260  -13.069 1.00 53.50 ? 76  LYS A NZ  1 
ATOM   587  N N   . ALA A 1 77  ? -14.317 -4.531  -13.167 1.00 49.82 ? 77  ALA A N   1 
ATOM   588  C CA  . ALA A 1 77  ? -13.090 -4.361  -12.368 1.00 46.37 ? 77  ALA A CA  1 
ATOM   589  C C   . ALA A 1 77  ? -12.685 -2.906  -12.557 1.00 45.45 ? 77  ALA A C   1 
ATOM   590  O O   . ALA A 1 77  ? -12.975 -2.398  -13.631 1.00 46.41 ? 77  ALA A O   1 
ATOM   591  C CB  . ALA A 1 77  ? -11.947 -5.217  -12.865 1.00 46.06 ? 77  ALA A CB  1 
ATOM   592  N N   . GLY A 1 78  ? -12.059 -2.113  -11.691 1.00 44.23 ? 78  GLY A N   1 
ATOM   593  C CA  . GLY A 1 78  ? -11.855 -0.689  -11.967 1.00 41.65 ? 78  GLY A CA  1 
ATOM   594  C C   . GLY A 1 78  ? -10.624 -0.484  -12.774 1.00 40.32 ? 78  GLY A C   1 
ATOM   595  O O   . GLY A 1 78  ? -10.683 -0.132  -13.925 1.00 40.37 ? 78  GLY A O   1 
ATOM   596  N N   . GLY A 1 79  ? -9.487  -0.771  -12.182 1.00 40.24 ? 79  GLY A N   1 
ATOM   597  C CA  . GLY A 1 79  ? -8.174  -0.628  -12.775 1.00 38.86 ? 79  GLY A CA  1 
ATOM   598  C C   . GLY A 1 79  ? -7.058  -0.685  -11.694 1.00 39.27 ? 79  GLY A C   1 
ATOM   599  O O   . GLY A 1 79  ? -7.310  -1.214  -10.593 1.00 39.35 ? 79  GLY A O   1 
ATOM   600  N N   . VAL A 1 80  ? -5.846  -0.095  -11.935 1.00 37.22 ? 80  VAL A N   1 
ATOM   601  C CA  . VAL A 1 80  ? -4.682  -0.138  -11.054 1.00 34.49 ? 80  VAL A CA  1 
ATOM   602  C C   . VAL A 1 80  ? -4.145  1.261   -11.107 1.00 33.41 ? 80  VAL A C   1 
ATOM   603  O O   . VAL A 1 80  ? -4.197  1.805   -12.195 1.00 35.01 ? 80  VAL A O   1 
ATOM   604  C CB  . VAL A 1 80  ? -3.623  -1.093  -11.608 1.00 34.60 ? 80  VAL A CB  1 
ATOM   605  C CG1 . VAL A 1 80  ? -2.278  -0.942  -10.894 1.00 34.26 ? 80  VAL A CG1 1 
ATOM   606  C CG2 . VAL A 1 80  ? -4.142  -2.510  -11.455 1.00 34.27 ? 80  VAL A CG2 1 
ATOM   607  N N   . VAL A 1 81  ? -3.634  1.899   -10.074 1.00 32.19 ? 81  VAL A N   1 
ATOM   608  C CA  . VAL A 1 81  ? -2.991  3.182   -10.228 1.00 31.04 ? 81  VAL A CA  1 
ATOM   609  C C   . VAL A 1 81  ? -1.555  3.002   -9.740  1.00 31.74 ? 81  VAL A C   1 
ATOM   610  O O   . VAL A 1 81  ? -1.261  2.073   -8.978  1.00 30.02 ? 81  VAL A O   1 
ATOM   611  C CB  . VAL A 1 81  ? -3.659  4.294   -9.383  1.00 29.62 ? 81  VAL A CB  1 
ATOM   612  C CG1 . VAL A 1 81  ? -5.033  4.612   -9.890  1.00 30.25 ? 81  VAL A CG1 1 
ATOM   613  C CG2 . VAL A 1 81  ? -3.888  3.856   -7.989  1.00 29.23 ? 81  VAL A CG2 1 
ATOM   614  N N   . LYS A 1 82  ? -0.645  3.830   -10.254 1.00 32.11 ? 82  LYS A N   1 
ATOM   615  C CA  . LYS A 1 82  ? 0.724   3.980   -9.733  1.00 33.84 ? 82  LYS A CA  1 
ATOM   616  C C   . LYS A 1 82  ? 0.632   5.266   -8.919  1.00 32.86 ? 82  LYS A C   1 
ATOM   617  O O   . LYS A 1 82  ? 0.295   6.321   -9.444  1.00 33.86 ? 82  LYS A O   1 
ATOM   618  C CB  . LYS A 1 82  ? 1.768   4.212   -10.832 1.00 36.62 ? 82  LYS A CB  1 
ATOM   619  C CG  . LYS A 1 82  ? 3.275   4.088   -10.553 1.00 36.85 ? 82  LYS A CG  1 
ATOM   620  C CD  . LYS A 1 82  ? 4.057   4.125   -11.909 1.00 39.86 ? 82  LYS A CD  1 
ATOM   621  C CE  . LYS A 1 82  ? 5.596   3.787   -11.890 1.00 42.53 ? 82  LYS A CE  1 
ATOM   622  N NZ  . LYS A 1 82  ? 6.325   3.874   -13.171 1.00 41.42 ? 82  LYS A NZ  1 
ATOM   623  N N   . VAL A 1 83  ? 0.793   5.199   -7.621  1.00 32.69 ? 83  VAL A N   1 
ATOM   624  C CA  . VAL A 1 83  ? 0.765   6.355   -6.747  1.00 33.46 ? 83  VAL A CA  1 
ATOM   625  C C   . VAL A 1 83  ? 2.242   6.678   -6.509  1.00 34.04 ? 83  VAL A C   1 
ATOM   626  O O   . VAL A 1 83  ? 3.079   5.755   -6.530  1.00 33.50 ? 83  VAL A O   1 
ATOM   627  C CB  . VAL A 1 83  ? 0.036   6.048   -5.390  1.00 33.37 ? 83  VAL A CB  1 
ATOM   628  C CG1 . VAL A 1 83  ? -1.417  6.146   -5.668  1.00 33.11 ? 83  VAL A CG1 1 
ATOM   629  C CG2 . VAL A 1 83  ? 0.258   4.632   -4.827  1.00 32.01 ? 83  VAL A CG2 1 
ATOM   630  N N   . THR A 1 84  ? 2.615   7.954   -6.346  1.00 35.15 ? 84  THR A N   1 
ATOM   631  C CA  . THR A 1 84  ? 4.019   8.323   -6.226  1.00 36.40 ? 84  THR A CA  1 
ATOM   632  C C   . THR A 1 84  ? 4.183   9.523   -5.329  1.00 36.49 ? 84  THR A C   1 
ATOM   633  O O   . THR A 1 84  ? 3.437   10.495  -5.412  1.00 36.94 ? 84  THR A O   1 
ATOM   634  C CB  . THR A 1 84  ? 4.630   8.540   -7.681  1.00 36.67 ? 84  THR A CB  1 
ATOM   635  O OG1 . THR A 1 84  ? 5.957   9.027   -7.521  1.00 38.03 ? 84  THR A OG1 1 
ATOM   636  C CG2 . THR A 1 84  ? 3.846   9.456   -8.555  1.00 39.22 ? 84  THR A CG2 1 
ATOM   637  N N   . TYR A 1 85  ? 5.112   9.294   -4.396  1.00 36.90 ? 85  TYR A N   1 
ATOM   638  C CA  . TYR A 1 85  ? 5.464   10.177  -3.297  1.00 36.32 ? 85  TYR A CA  1 
ATOM   639  C C   . TYR A 1 85  ? 6.533   11.184  -3.706  1.00 37.10 ? 85  TYR A C   1 
ATOM   640  O O   . TYR A 1 85  ? 7.587   10.778  -4.220  1.00 36.78 ? 85  TYR A O   1 
ATOM   641  C CB  . TYR A 1 85  ? 5.997   9.351   -2.173  1.00 32.40 ? 85  TYR A CB  1 
ATOM   642  C CG  . TYR A 1 85  ? 5.068   8.899   -1.078  1.00 29.26 ? 85  TYR A CG  1 
ATOM   643  C CD1 . TYR A 1 85  ? 4.233   9.815   -0.402  1.00 28.81 ? 85  TYR A CD1 1 
ATOM   644  C CD2 . TYR A 1 85  ? 5.143   7.557   -0.683  1.00 25.14 ? 85  TYR A CD2 1 
ATOM   645  C CE1 . TYR A 1 85  ? 3.478   9.350   0.695   1.00 26.16 ? 85  TYR A CE1 1 
ATOM   646  C CE2 . TYR A 1 85  ? 4.391   7.117   0.406   1.00 24.57 ? 85  TYR A CE2 1 
ATOM   647  C CZ  . TYR A 1 85  ? 3.563   8.006   1.100   1.00 24.76 ? 85  TYR A CZ  1 
ATOM   648  O OH  . TYR A 1 85  ? 2.878   7.572   2.240   1.00 24.46 ? 85  TYR A OH  1 
ATOM   649  N N   . PRO A 1 86  ? 6.378   12.491  -3.503  1.00 37.95 ? 86  PRO A N   1 
ATOM   650  C CA  . PRO A 1 86  ? 7.202   13.470  -4.197  1.00 36.73 ? 86  PRO A CA  1 
ATOM   651  C C   . PRO A 1 86  ? 8.586   13.472  -3.554  1.00 37.07 ? 86  PRO A C   1 
ATOM   652  O O   . PRO A 1 86  ? 8.720   13.897  -2.420  1.00 36.65 ? 86  PRO A O   1 
ATOM   653  C CB  . PRO A 1 86  ? 6.389   14.749  -4.040  1.00 35.98 ? 86  PRO A CB  1 
ATOM   654  C CG  . PRO A 1 86  ? 5.035   14.367  -3.420  1.00 36.20 ? 86  PRO A CG  1 
ATOM   655  C CD  . PRO A 1 86  ? 5.396   13.123  -2.616  1.00 36.98 ? 86  PRO A CD  1 
ATOM   656  N N   . GLY A 1 87  ? 9.656   12.925  -4.103  1.00 38.22 ? 87  GLY A N   1 
ATOM   657  C CA  . GLY A 1 87  ? 10.934  13.140  -3.475  1.00 36.80 ? 87  GLY A CA  1 
ATOM   658  C C   . GLY A 1 87  ? 11.479  12.048  -2.599  1.00 35.70 ? 87  GLY A C   1 
ATOM   659  O O   . GLY A 1 87  ? 11.797  10.996  -3.119  1.00 38.28 ? 87  GLY A O   1 
ATOM   660  N N   . LEU A 1 88  ? 11.547  12.164  -1.291  1.00 32.05 ? 88  LEU A N   1 
ATOM   661  C CA  . LEU A 1 88  ? 12.370  11.314  -0.466  1.00 26.84 ? 88  LEU A CA  1 
ATOM   662  C C   . LEU A 1 88  ? 11.692  10.595  0.698   1.00 25.68 ? 88  LEU A C   1 
ATOM   663  O O   . LEU A 1 88  ? 11.499  11.055  1.829   1.00 24.06 ? 88  LEU A O   1 
ATOM   664  C CB  . LEU A 1 88  ? 13.415  12.223  -0.014  1.00 26.54 ? 88  LEU A CB  1 
ATOM   665  C CG  . LEU A 1 88  ? 14.880  12.059  -0.104  1.00 26.44 ? 88  LEU A CG  1 
ATOM   666  C CD1 . LEU A 1 88  ? 15.494  12.042  -1.485  1.00 22.13 ? 88  LEU A CD1 1 
ATOM   667  C CD2 . LEU A 1 88  ? 15.307  13.252  0.739   1.00 24.54 ? 88  LEU A CD2 1 
ATOM   668  N N   . THR A 1 89  ? 11.512  9.331   0.433   1.00 25.78 ? 89  THR A N   1 
ATOM   669  C CA  . THR A 1 89  ? 10.798  8.451   1.324   1.00 24.68 ? 89  THR A CA  1 
ATOM   670  C C   . THR A 1 89  ? 11.580  7.206   1.754   1.00 25.27 ? 89  THR A C   1 
ATOM   671  O O   . THR A 1 89  ? 12.263  6.574   0.917   1.00 27.03 ? 89  THR A O   1 
ATOM   672  C CB  . THR A 1 89  ? 9.565   8.171   0.515   1.00 26.09 ? 89  THR A CB  1 
ATOM   673  O OG1 . THR A 1 89  ? 9.097   9.430   -0.031  1.00 26.95 ? 89  THR A OG1 1 
ATOM   674  C CG2 . THR A 1 89  ? 8.571   7.444   1.349   1.00 24.81 ? 89  THR A CG2 1 
ATOM   675  N N   . LYS A 1 90  ? 11.533  6.847   3.030   1.00 21.87 ? 90  LYS A N   1 
ATOM   676  C CA  . LYS A 1 90  ? 12.227  5.675   3.547   1.00 20.29 ? 90  LYS A CA  1 
ATOM   677  C C   . LYS A 1 90  ? 11.195  4.585   3.474   1.00 22.28 ? 90  LYS A C   1 
ATOM   678  O O   . LYS A 1 90  ? 10.034  4.918   3.259   1.00 24.57 ? 90  LYS A O   1 
ATOM   679  C CB  . LYS A 1 90  ? 12.595  5.932   4.960   1.00 21.41 ? 90  LYS A CB  1 
ATOM   680  C CG  . LYS A 1 90  ? 13.102  4.873   5.918   1.00 20.50 ? 90  LYS A CG  1 
ATOM   681  C CD  . LYS A 1 90  ? 14.601  4.633   5.882   1.00 17.82 ? 90  LYS A CD  1 
ATOM   682  C CE  . LYS A 1 90  ? 14.877  3.723   7.049   1.00 15.95 ? 90  LYS A CE  1 
ATOM   683  N NZ  . LYS A 1 90  ? 16.256  3.339   7.008   1.00 17.87 ? 90  LYS A NZ  1 
ATOM   684  N N   . VAL A 1 91  ? 11.500  3.325   3.693   1.00 19.05 ? 91  VAL A N   1 
ATOM   685  C CA  . VAL A 1 91  ? 10.572  2.224   3.558   1.00 16.41 ? 91  VAL A CA  1 
ATOM   686  C C   . VAL A 1 91  ? 11.243  1.382   4.606   1.00 18.70 ? 91  VAL A C   1 
ATOM   687  O O   . VAL A 1 91  ? 12.443  1.087   4.492   1.00 19.25 ? 91  VAL A O   1 
ATOM   688  C CB  . VAL A 1 91  ? 10.749  1.701   2.177   1.00 18.24 ? 91  VAL A CB  1 
ATOM   689  C CG1 . VAL A 1 91  ? 10.519  0.222   2.196   1.00 20.21 ? 91  VAL A CG1 1 
ATOM   690  C CG2 . VAL A 1 91  ? 9.751   2.277   1.214   1.00 16.46 ? 91  VAL A CG2 1 
ATOM   691  N N   . LEU A 1 92  ? 10.506  1.070   5.644   1.00 17.49 ? 92  LEU A N   1 
ATOM   692  C CA  . LEU A 1 92  ? 11.097  0.522   6.816   1.00 16.30 ? 92  LEU A CA  1 
ATOM   693  C C   . LEU A 1 92  ? 10.452  -0.828  6.632   1.00 20.86 ? 92  LEU A C   1 
ATOM   694  O O   . LEU A 1 92  ? 9.245   -0.981  6.420   1.00 23.37 ? 92  LEU A O   1 
ATOM   695  C CB  . LEU A 1 92  ? 10.585  1.371   7.958   1.00 15.57 ? 92  LEU A CB  1 
ATOM   696  C CG  . LEU A 1 92  ? 11.303  1.688   9.302   1.00 18.54 ? 92  LEU A CG  1 
ATOM   697  C CD1 . LEU A 1 92  ? 10.411  2.298   10.393  1.00 14.88 ? 92  LEU A CD1 1 
ATOM   698  C CD2 . LEU A 1 92  ? 11.557  0.409   9.989   1.00 17.59 ? 92  LEU A CD2 1 
ATOM   699  N N   . ALA A 1 93  ? 11.282  -1.839  6.503   1.00 21.93 ? 93  ALA A N   1 
ATOM   700  C CA  . ALA A 1 93  ? 10.824  -3.181  6.279   1.00 21.58 ? 93  ALA A CA  1 
ATOM   701  C C   . ALA A 1 93  ? 10.836  -3.797  7.650   1.00 22.89 ? 93  ALA A C   1 
ATOM   702  O O   . ALA A 1 93  ? 11.858  -3.826  8.342   1.00 21.06 ? 93  ALA A O   1 
ATOM   703  C CB  . ALA A 1 93  ? 11.791  -3.883  5.430   1.00 19.59 ? 93  ALA A CB  1 
ATOM   704  N N   . LEU A 1 94  ? 9.649   -4.218  8.047   1.00 25.03 ? 94  LEU A N   1 
ATOM   705  C CA  . LEU A 1 94  ? 9.424   -4.853  9.331   1.00 26.38 ? 94  LEU A CA  1 
ATOM   706  C C   . LEU A 1 94  ? 9.718   -6.334  9.129   1.00 30.33 ? 94  LEU A C   1 
ATOM   707  O O   . LEU A 1 94  ? 9.466   -6.948  8.088   1.00 28.96 ? 94  LEU A O   1 
ATOM   708  C CB  . LEU A 1 94  ? 7.998   -4.723  9.785   1.00 23.68 ? 94  LEU A CB  1 
ATOM   709  C CG  . LEU A 1 94  ? 7.502   -3.343  9.674   1.00 21.70 ? 94  LEU A CG  1 
ATOM   710  C CD1 . LEU A 1 94  ? 6.061   -3.361  9.980   1.00 24.61 ? 94  LEU A CD1 1 
ATOM   711  C CD2 . LEU A 1 94  ? 8.194   -2.435  10.609  1.00 20.37 ? 94  LEU A CD2 1 
ATOM   712  N N   . LYS A 1 95  ? 10.302  -6.901  10.172  1.00 33.65 ? 95  LYS A N   1 
ATOM   713  C CA  . LYS A 1 95  ? 10.759  -8.273  10.164  1.00 38.68 ? 95  LYS A CA  1 
ATOM   714  C C   . LYS A 1 95  ? 9.806   -9.097  11.050  1.00 41.59 ? 95  LYS A C   1 
ATOM   715  O O   . LYS A 1 95  ? 9.956   -10.323 11.176  1.00 43.28 ? 95  LYS A O   1 
ATOM   716  C CB  . LYS A 1 95  ? 12.230  -8.271  10.687  1.00 40.35 ? 95  LYS A CB  1 
ATOM   717  C CG  . LYS A 1 95  ? 12.982  -9.565  10.391  1.00 42.86 ? 95  LYS A CG  1 
ATOM   718  C CD  . LYS A 1 95  ? 14.347  -9.672  11.098  1.00 45.98 ? 95  LYS A CD  1 
ATOM   719  C CE  . LYS A 1 95  ? 14.855  -11.131 10.828  1.00 50.12 ? 95  LYS A CE  1 
ATOM   720  N NZ  . LYS A 1 95  ? 15.976  -11.578 11.655  1.00 49.89 ? 95  LYS A NZ  1 
ATOM   721  N N   . VAL A 1 96  ? 8.764   -8.382  11.552  1.00 43.99 ? 96  VAL A N   1 
ATOM   722  C CA  . VAL A 1 96  ? 7.780   -8.742  12.580  1.00 43.81 ? 96  VAL A CA  1 
ATOM   723  C C   . VAL A 1 96  ? 6.454   -8.121  12.145  1.00 44.05 ? 96  VAL A C   1 
ATOM   724  O O   . VAL A 1 96  ? 6.393   -6.893  12.167  1.00 43.38 ? 96  VAL A O   1 
ATOM   725  C CB  . VAL A 1 96  ? 8.345   -8.128  13.915  1.00 44.24 ? 96  VAL A CB  1 
ATOM   726  C CG1 . VAL A 1 96  ? 7.269   -7.844  14.921  1.00 45.23 ? 96  VAL A CG1 1 
ATOM   727  C CG2 . VAL A 1 96  ? 9.337   -9.098  14.550  1.00 42.57 ? 96  VAL A CG2 1 
ATOM   728  N N   . ASP A 1 97  ? 5.408   -8.846  11.722  1.00 45.71 ? 97  ASP A N   1 
ATOM   729  C CA  . ASP A 1 97  ? 4.069   -8.252  11.420  1.00 47.67 ? 97  ASP A CA  1 
ATOM   730  C C   . ASP A 1 97  ? 3.140   -8.273  12.656  1.00 47.15 ? 97  ASP A C   1 
ATOM   731  O O   . ASP A 1 97  ? 2.071   -8.879  12.733  1.00 48.21 ? 97  ASP A O   1 
ATOM   732  C CB  . ASP A 1 97  ? 3.390   -9.009  10.222  1.00 47.08 ? 97  ASP A CB  1 
ATOM   733  C CG  . ASP A 1 97  ? 2.892   -10.429 10.491  1.00 51.25 ? 97  ASP A CG  1 
ATOM   734  O OD1 . ASP A 1 97  ? 3.682   -11.343 10.744  1.00 55.55 ? 97  ASP A OD1 1 
ATOM   735  O OD2 . ASP A 1 97  ? 1.681   -10.628 10.466  1.00 51.75 ? 97  ASP A OD2 1 
ATOM   736  N N   . ASN A 1 98  ? 3.560   -7.625  13.721  1.00 47.18 ? 98  ASN A N   1 
ATOM   737  C CA  . ASN A 1 98  ? 2.812   -7.676  14.945  1.00 46.88 ? 98  ASN A CA  1 
ATOM   738  C C   . ASN A 1 98  ? 3.200   -6.464  15.747  1.00 46.22 ? 98  ASN A C   1 
ATOM   739  O O   . ASN A 1 98  ? 4.281   -6.254  16.308  1.00 44.53 ? 98  ASN A O   1 
ATOM   740  C CB  . ASN A 1 98  ? 3.147   -8.967  15.650  1.00 48.97 ? 98  ASN A CB  1 
ATOM   741  C CG  . ASN A 1 98  ? 3.352   -8.843  17.160  1.00 54.48 ? 98  ASN A CG  1 
ATOM   742  O OD1 . ASN A 1 98  ? 2.699   -8.095  17.913  1.00 54.76 ? 98  ASN A OD1 1 
ATOM   743  N ND2 . ASN A 1 98  ? 4.364   -9.562  17.628  1.00 57.81 ? 98  ASN A ND2 1 
ATOM   744  N N   . ALA A 1 99  ? 2.143   -5.707  15.848  1.00 47.35 ? 99  ALA A N   1 
ATOM   745  C CA  . ALA A 1 99  ? 2.211   -4.427  16.516  1.00 49.50 ? 99  ALA A CA  1 
ATOM   746  C C   . ALA A 1 99  ? 2.649   -4.232  17.976  1.00 50.86 ? 99  ALA A C   1 
ATOM   747  O O   . ALA A 1 99  ? 3.346   -3.240  18.180  1.00 51.74 ? 99  ALA A O   1 
ATOM   748  C CB  . ALA A 1 99  ? 0.862   -3.811  16.321  1.00 50.40 ? 99  ALA A CB  1 
ATOM   749  N N   . GLU A 1 100 ? 2.371   -4.985  19.055  1.00 50.84 ? 100 GLU A N   1 
ATOM   750  C CA  . GLU A 1 100 ? 2.923   -4.576  20.351  1.00 51.21 ? 100 GLU A CA  1 
ATOM   751  C C   . GLU A 1 100 ? 4.409   -4.979  20.325  1.00 49.89 ? 100 GLU A C   1 
ATOM   752  O O   . GLU A 1 100 ? 5.253   -4.275  20.891  1.00 50.54 ? 100 GLU A O   1 
ATOM   753  C CB  . GLU A 1 100 ? 2.154   -5.258  21.531  1.00 54.58 ? 100 GLU A CB  1 
ATOM   754  C CG  . GLU A 1 100 ? 2.506   -4.740  22.971  1.00 57.19 ? 100 GLU A CG  1 
ATOM   755  C CD  . GLU A 1 100 ? 1.612   -5.190  24.156  1.00 59.95 ? 100 GLU A CD  1 
ATOM   756  O OE1 . GLU A 1 100 ? 0.499   -4.653  24.276  1.00 59.84 ? 100 GLU A OE1 1 
ATOM   757  O OE2 . GLU A 1 100 ? 2.027   -6.043  24.967  1.00 60.93 ? 100 GLU A OE2 1 
ATOM   758  N N   . THR A 1 101 ? 4.836   -6.044  19.630  1.00 47.51 ? 101 THR A N   1 
ATOM   759  C CA  . THR A 1 101 ? 6.242   -6.321  19.614  1.00 44.80 ? 101 THR A CA  1 
ATOM   760  C C   . THR A 1 101 ? 6.841   -5.292  18.706  1.00 44.68 ? 101 THR A C   1 
ATOM   761  O O   . THR A 1 101 ? 7.993   -4.929  18.945  1.00 47.17 ? 101 THR A O   1 
ATOM   762  C CB  . THR A 1 101 ? 6.478   -7.681  19.100  1.00 45.21 ? 101 THR A CB  1 
ATOM   763  O OG1 . THR A 1 101 ? 5.875   -8.503  20.104  1.00 47.13 ? 101 THR A OG1 1 
ATOM   764  C CG2 . THR A 1 101 ? 7.942   -8.029  18.843  1.00 44.46 ? 101 THR A CG2 1 
ATOM   765  N N   . ILE A 1 102 ? 6.131   -4.760  17.712  1.00 41.88 ? 102 ILE A N   1 
ATOM   766  C CA  . ILE A 1 102 ? 6.743   -3.708  16.943  1.00 38.70 ? 102 ILE A CA  1 
ATOM   767  C C   . ILE A 1 102 ? 6.821   -2.549  17.909  1.00 38.21 ? 102 ILE A C   1 
ATOM   768  O O   . ILE A 1 102 ? 7.942   -2.192  18.270  1.00 37.74 ? 102 ILE A O   1 
ATOM   769  C CB  . ILE A 1 102 ? 5.882   -3.462  15.684  1.00 37.66 ? 102 ILE A CB  1 
ATOM   770  C CG1 . ILE A 1 102 ? 6.146   -4.577  14.693  1.00 35.93 ? 102 ILE A CG1 1 
ATOM   771  C CG2 . ILE A 1 102 ? 6.286   -2.225  14.948  1.00 37.58 ? 102 ILE A CG2 1 
ATOM   772  C CD1 . ILE A 1 102 ? 5.111   -4.566  13.598  1.00 36.94 ? 102 ILE A CD1 1 
ATOM   773  N N   . LYS A 1 103 ? 5.782   -2.029  18.533  1.00 39.43 ? 103 LYS A N   1 
ATOM   774  C CA  . LYS A 1 103 ? 5.967   -0.862  19.389  1.00 41.87 ? 103 LYS A CA  1 
ATOM   775  C C   . LYS A 1 103 ? 6.953   -1.027  20.531  1.00 43.81 ? 103 LYS A C   1 
ATOM   776  O O   . LYS A 1 103 ? 7.694   -0.079  20.846  1.00 44.42 ? 103 LYS A O   1 
ATOM   777  C CB  . LYS A 1 103 ? 4.677   -0.410  20.002  1.00 39.68 ? 103 LYS A CB  1 
ATOM   778  C CG  . LYS A 1 103 ? 3.673   0.023   18.948  1.00 40.04 ? 103 LYS A CG  1 
ATOM   779  C CD  . LYS A 1 103 ? 2.332   -0.527  19.433  1.00 38.60 ? 103 LYS A CD  1 
ATOM   780  C CE  . LYS A 1 103 ? 1.153   0.060   18.725  1.00 35.28 ? 103 LYS A CE  1 
ATOM   781  N NZ  . LYS A 1 103 ? -0.012  -0.471  19.382  1.00 33.81 ? 103 LYS A NZ  1 
ATOM   782  N N   . LYS A 1 104 ? 7.108   -2.237  21.063  1.00 45.48 ? 104 LYS A N   1 
ATOM   783  C CA  . LYS A 1 104 ? 7.978   -2.351  22.210  1.00 47.98 ? 104 LYS A CA  1 
ATOM   784  C C   . LYS A 1 104 ? 9.422   -2.387  21.791  1.00 49.40 ? 104 LYS A C   1 
ATOM   785  O O   . LYS A 1 104 ? 10.130  -1.549  22.348  1.00 50.43 ? 104 LYS A O   1 
ATOM   786  C CB  . LYS A 1 104 ? 7.701   -3.580  23.011  1.00 50.12 ? 104 LYS A CB  1 
ATOM   787  C CG  . LYS A 1 104 ? 8.196   -3.296  24.413  1.00 53.55 ? 104 LYS A CG  1 
ATOM   788  C CD  . LYS A 1 104 ? 7.027   -3.001  25.395  1.00 56.32 ? 104 LYS A CD  1 
ATOM   789  C CE  . LYS A 1 104 ? 7.560   -2.529  26.781  1.00 57.53 ? 104 LYS A CE  1 
ATOM   790  N NZ  . LYS A 1 104 ? 8.567   -3.410  27.382  1.00 56.09 ? 104 LYS A NZ  1 
ATOM   791  N N   . GLU A 1 105 ? 9.886   -3.224  20.825  1.00 49.75 ? 105 GLU A N   1 
ATOM   792  C CA  . GLU A 1 105 ? 11.298  -3.293  20.389  1.00 49.79 ? 105 GLU A CA  1 
ATOM   793  C C   . GLU A 1 105 ? 11.857  -2.048  19.663  1.00 50.05 ? 105 GLU A C   1 
ATOM   794  O O   . GLU A 1 105 ? 13.057  -1.718  19.745  1.00 50.31 ? 105 GLU A O   1 
ATOM   795  C CB  . GLU A 1 105 ? 11.475  -4.542  19.511  1.00 49.45 ? 105 GLU A CB  1 
ATOM   796  C CG  . GLU A 1 105 ? 11.854  -5.837  20.246  1.00 50.76 ? 105 GLU A CG  1 
ATOM   797  C CD  . GLU A 1 105 ? 13.247  -5.778  20.904  1.00 53.49 ? 105 GLU A CD  1 
ATOM   798  O OE1 . GLU A 1 105 ? 13.351  -5.190  21.986  1.00 54.39 ? 105 GLU A OE1 1 
ATOM   799  O OE2 . GLU A 1 105 ? 14.234  -6.285  20.341  1.00 53.57 ? 105 GLU A OE2 1 
ATOM   800  N N   . LEU A 1 106 ? 10.992  -1.325  18.962  1.00 50.62 ? 106 LEU A N   1 
ATOM   801  C CA  . LEU A 1 106 ? 11.288  0.021   18.463  1.00 50.17 ? 106 LEU A CA  1 
ATOM   802  C C   . LEU A 1 106 ? 11.122  1.108   19.536  1.00 50.82 ? 106 LEU A C   1 
ATOM   803  O O   . LEU A 1 106 ? 11.552  2.250   19.290  1.00 52.05 ? 106 LEU A O   1 
ATOM   804  C CB  . LEU A 1 106 ? 10.364  0.468   17.367  1.00 49.10 ? 106 LEU A CB  1 
ATOM   805  C CG  . LEU A 1 106 ? 10.483  -0.070  15.983  1.00 48.44 ? 106 LEU A CG  1 
ATOM   806  C CD1 . LEU A 1 106 ? 9.642   0.862   15.146  1.00 48.18 ? 106 LEU A CD1 1 
ATOM   807  C CD2 . LEU A 1 106 ? 11.912  -0.115  15.477  1.00 47.43 ? 106 LEU A CD2 1 
ATOM   808  N N   . GLY A 1 107 ? 10.425  0.826   20.667  1.00 50.27 ? 107 GLY A N   1 
ATOM   809  C CA  . GLY A 1 107 ? 10.228  1.781   21.778  1.00 47.80 ? 107 GLY A CA  1 
ATOM   810  C C   . GLY A 1 107 ? 9.228   2.896   21.459  1.00 45.44 ? 107 GLY A C   1 
ATOM   811  O O   . GLY A 1 107 ? 9.456   4.104   21.571  1.00 44.10 ? 107 GLY A O   1 
ATOM   812  N N   . LEU A 1 108 ? 8.023   2.457   21.164  1.00 44.23 ? 108 LEU A N   1 
ATOM   813  C CA  . LEU A 1 108 ? 7.033   3.368   20.639  1.00 43.51 ? 108 LEU A CA  1 
ATOM   814  C C   . LEU A 1 108 ? 6.000   3.242   21.743  1.00 44.15 ? 108 LEU A C   1 
ATOM   815  O O   . LEU A 1 108 ? 6.027   2.279   22.544  1.00 42.99 ? 108 LEU A O   1 
ATOM   816  C CB  . LEU A 1 108 ? 6.644   2.817   19.196  1.00 39.96 ? 108 LEU A CB  1 
ATOM   817  C CG  . LEU A 1 108 ? 6.477   3.658   17.903  1.00 36.39 ? 108 LEU A CG  1 
ATOM   818  C CD1 . LEU A 1 108 ? 7.692   4.409   17.522  1.00 33.30 ? 108 LEU A CD1 1 
ATOM   819  C CD2 . LEU A 1 108 ? 6.308   2.729   16.759  1.00 37.76 ? 108 LEU A CD2 1 
ATOM   820  N N   . SER A 1 109 ? 5.128   4.252   21.826  1.00 44.81 ? 109 SER A N   1 
ATOM   821  C CA  . SER A 1 109 ? 4.151   4.261   22.892  1.00 45.93 ? 109 SER A CA  1 
ATOM   822  C C   . SER A 1 109 ? 3.284   3.070   22.633  1.00 46.15 ? 109 SER A C   1 
ATOM   823  O O   . SER A 1 109 ? 2.632   2.803   21.613  1.00 48.28 ? 109 SER A O   1 
ATOM   824  C CB  . SER A 1 109 ? 3.217   5.496   22.938  1.00 47.61 ? 109 SER A CB  1 
ATOM   825  O OG  . SER A 1 109 ? 2.296   5.587   24.048  1.00 45.98 ? 109 SER A OG  1 
ATOM   826  N N   . LEU A 1 110 ? 3.213   2.504   23.801  1.00 45.05 ? 110 LEU A N   1 
ATOM   827  C CA  . LEU A 1 110 ? 2.668   1.203   23.995  1.00 43.09 ? 110 LEU A CA  1 
ATOM   828  C C   . LEU A 1 110 ? 1.151   1.263   23.810  1.00 40.98 ? 110 LEU A C   1 
ATOM   829  O O   . LEU A 1 110 ? 0.542   0.276   24.132  1.00 41.41 ? 110 LEU A O   1 
ATOM   830  C CB  . LEU A 1 110 ? 3.234   0.800   25.430  1.00 43.55 ? 110 LEU A CB  1 
ATOM   831  C CG  . LEU A 1 110 ? 4.611   1.404   26.040  1.00 45.84 ? 110 LEU A CG  1 
ATOM   832  C CD1 . LEU A 1 110 ? 4.531   1.107   27.519  1.00 47.02 ? 110 LEU A CD1 1 
ATOM   833  C CD2 . LEU A 1 110 ? 5.964   0.855   25.453  1.00 43.79 ? 110 LEU A CD2 1 
ATOM   834  N N   . THR A 1 111 ? 0.449   2.230   23.224  1.00 40.36 ? 111 THR A N   1 
ATOM   835  C CA  . THR A 1 111 ? -1.016  2.299   23.346  1.00 42.11 ? 111 THR A CA  1 
ATOM   836  C C   . THR A 1 111 ? -1.749  3.260   22.395  1.00 43.38 ? 111 THR A C   1 
ATOM   837  O O   . THR A 1 111 ? -2.772  3.935   22.655  1.00 42.32 ? 111 THR A O   1 
ATOM   838  C CB  . THR A 1 111 ? -1.421  2.692   24.790  1.00 42.43 ? 111 THR A CB  1 
ATOM   839  O OG1 . THR A 1 111 ? -0.270  3.321   25.405  1.00 44.55 ? 111 THR A OG1 1 
ATOM   840  C CG2 . THR A 1 111 ? -2.043  1.499   25.520  1.00 39.67 ? 111 THR A CG2 1 
ATOM   841  N N   . GLU A 1 112 ? -1.110  3.332   21.232  1.00 44.55 ? 112 GLU A N   1 
ATOM   842  C CA  . GLU A 1 112 ? -1.552  4.193   20.144  1.00 43.48 ? 112 GLU A CA  1 
ATOM   843  C C   . GLU A 1 112 ? -1.787  3.179   19.037  1.00 41.87 ? 112 GLU A C   1 
ATOM   844  O O   . GLU A 1 112 ? -1.374  2.007   19.150  1.00 43.41 ? 112 GLU A O   1 
ATOM   845  C CB  . GLU A 1 112 ? -0.432  5.171   19.742  1.00 46.91 ? 112 GLU A CB  1 
ATOM   846  C CG  . GLU A 1 112 ? -0.328  6.626   20.290  1.00 50.11 ? 112 GLU A CG  1 
ATOM   847  C CD  . GLU A 1 112 ? 0.328   6.890   21.646  1.00 52.53 ? 112 GLU A CD  1 
ATOM   848  O OE1 . GLU A 1 112 ? 0.150   6.075   22.564  1.00 52.12 ? 112 GLU A OE1 1 
ATOM   849  O OE2 . GLU A 1 112 ? 1.001   7.930   21.777  1.00 53.94 ? 112 GLU A OE2 1 
ATOM   850  N N   . PRO A 1 113 ? -2.441  3.497   17.935  1.00 38.91 ? 113 PRO A N   1 
ATOM   851  C CA  . PRO A 1 113 ? -2.250  2.710   16.742  1.00 36.29 ? 113 PRO A CA  1 
ATOM   852  C C   . PRO A 1 113 ? -0.820  2.952   16.304  1.00 34.64 ? 113 PRO A C   1 
ATOM   853  O O   . PRO A 1 113 ? -0.326  4.090   16.280  1.00 34.30 ? 113 PRO A O   1 
ATOM   854  C CB  . PRO A 1 113 ? -3.295  3.242   15.834  1.00 36.20 ? 113 PRO A CB  1 
ATOM   855  C CG  . PRO A 1 113 ? -4.360  3.575   16.844  1.00 36.03 ? 113 PRO A CG  1 
ATOM   856  C CD  . PRO A 1 113 ? -3.608  4.346   17.863  1.00 36.68 ? 113 PRO A CD  1 
ATOM   857  N N   . LEU A 1 114 ? -0.082  1.903   16.057  1.00 32.89 ? 114 LEU A N   1 
ATOM   858  C CA  . LEU A 1 114 ? 1.220   2.048   15.426  1.00 32.64 ? 114 LEU A CA  1 
ATOM   859  C C   . LEU A 1 114 ? 1.034   2.830   14.118  1.00 34.74 ? 114 LEU A C   1 
ATOM   860  O O   . LEU A 1 114 ? 1.798   3.789   13.953  1.00 38.01 ? 114 LEU A O   1 
ATOM   861  C CB  . LEU A 1 114 ? 1.815   0.697   15.128  1.00 28.72 ? 114 LEU A CB  1 
ATOM   862  C CG  . LEU A 1 114 ? 2.835   0.440   14.078  1.00 26.96 ? 114 LEU A CG  1 
ATOM   863  C CD1 . LEU A 1 114 ? 4.230   0.938   14.477  1.00 26.68 ? 114 LEU A CD1 1 
ATOM   864  C CD2 . LEU A 1 114 ? 2.862   -1.062  13.895  1.00 24.18 ? 114 LEU A CD2 1 
ATOM   865  N N   . MET A 1 115 ? 0.091   2.688   13.196  1.00 32.82 ? 115 MET A N   1 
ATOM   866  C CA  . MET A 1 115 ? 0.115   3.552   12.041  1.00 31.65 ? 115 MET A CA  1 
ATOM   867  C C   . MET A 1 115 ? -0.167  5.014   12.375  1.00 32.56 ? 115 MET A C   1 
ATOM   868  O O   . MET A 1 115 ? 0.037   5.911   11.542  1.00 30.15 ? 115 MET A O   1 
ATOM   869  C CB  . MET A 1 115 ? -0.863  3.009   11.040  1.00 30.98 ? 115 MET A CB  1 
ATOM   870  C CG  . MET A 1 115 ? -0.395  1.782   10.217  1.00 31.25 ? 115 MET A CG  1 
ATOM   871  S SD  . MET A 1 115 ? 1.313   1.792   9.594   1.00 34.07 ? 115 MET A SD  1 
ATOM   872  C CE  . MET A 1 115 ? 1.272   2.681   8.091   1.00 30.70 ? 115 MET A CE  1 
ATOM   873  N N   . GLU A 1 116 ? -0.574  5.335   13.618  1.00 35.90 ? 116 GLU A N   1 
ATOM   874  C CA  . GLU A 1 116 ? -0.837  6.729   13.997  1.00 38.78 ? 116 GLU A CA  1 
ATOM   875  C C   . GLU A 1 116 ? 0.514   7.345   14.261  1.00 40.39 ? 116 GLU A C   1 
ATOM   876  O O   . GLU A 1 116 ? 0.899   8.422   13.761  1.00 41.00 ? 116 GLU A O   1 
ATOM   877  C CB  . GLU A 1 116 ? -1.621  6.874   15.274  1.00 41.83 ? 116 GLU A CB  1 
ATOM   878  C CG  . GLU A 1 116 ? -2.972  7.604   15.156  1.00 48.98 ? 116 GLU A CG  1 
ATOM   879  C CD  . GLU A 1 116 ? -4.230  6.763   14.839  1.00 55.74 ? 116 GLU A CD  1 
ATOM   880  O OE1 . GLU A 1 116 ? -4.306  6.233   13.730  1.00 59.75 ? 116 GLU A OE1 1 
ATOM   881  O OE2 . GLU A 1 116 ? -5.141  6.627   15.675  1.00 56.45 ? 116 GLU A OE2 1 
ATOM   882  N N   . GLN A 1 117 ? 1.267   6.578   15.055  1.00 40.99 ? 117 GLN A N   1 
ATOM   883  C CA  . GLN A 1 117 ? 2.657   6.924   15.370  1.00 40.61 ? 117 GLN A CA  1 
ATOM   884  C C   . GLN A 1 117 ? 3.634   6.940   14.175  1.00 39.26 ? 117 GLN A C   1 
ATOM   885  O O   . GLN A 1 117 ? 4.446   7.866   14.106  1.00 40.85 ? 117 GLN A O   1 
ATOM   886  C CB  . GLN A 1 117 ? 3.203   5.973   16.428  1.00 43.57 ? 117 GLN A CB  1 
ATOM   887  C CG  . GLN A 1 117 ? 2.721   6.290   17.842  1.00 45.38 ? 117 GLN A CG  1 
ATOM   888  C CD  . GLN A 1 117 ? 3.468   5.429   18.843  1.00 48.67 ? 117 GLN A CD  1 
ATOM   889  O OE1 . GLN A 1 117 ? 4.357   5.818   19.630  1.00 50.19 ? 117 GLN A OE1 1 
ATOM   890  N NE2 . GLN A 1 117 ? 3.075   4.174   18.789  1.00 47.98 ? 117 GLN A NE2 1 
ATOM   891  N N   . VAL A 1 118 ? 3.624   6.041   13.163  1.00 36.60 ? 118 VAL A N   1 
ATOM   892  C CA  . VAL A 1 118 ? 4.456   6.196   11.963  1.00 32.30 ? 118 VAL A CA  1 
ATOM   893  C C   . VAL A 1 118 ? 4.317   7.662   11.428  1.00 33.82 ? 118 VAL A C   1 
ATOM   894  O O   . VAL A 1 118 ? 5.224   8.234   10.789  1.00 35.06 ? 118 VAL A O   1 
ATOM   895  C CB  . VAL A 1 118 ? 3.997   5.119   10.881  1.00 24.45 ? 118 VAL A CB  1 
ATOM   896  C CG1 . VAL A 1 118 ? 4.419   5.487   9.507   1.00 22.35 ? 118 VAL A CG1 1 
ATOM   897  C CG2 . VAL A 1 118 ? 4.731   3.831   11.028  1.00 19.53 ? 118 VAL A CG2 1 
ATOM   898  N N   . GLY A 1 119 ? 3.202   8.320   11.780  1.00 31.78 ? 119 GLY A N   1 
ATOM   899  C CA  . GLY A 1 119 ? 2.869   9.569   11.152  1.00 33.46 ? 119 GLY A CA  1 
ATOM   900  C C   . GLY A 1 119 ? 3.591   10.765  11.667  1.00 33.29 ? 119 GLY A C   1 
ATOM   901  O O   . GLY A 1 119 ? 3.718   11.742  10.935  1.00 30.97 ? 119 GLY A O   1 
ATOM   902  N N   . THR A 1 120 ? 4.039   10.626  12.899  1.00 34.81 ? 120 THR A N   1 
ATOM   903  C CA  . THR A 1 120 ? 4.594   11.740  13.591  1.00 37.32 ? 120 THR A CA  1 
ATOM   904  C C   . THR A 1 120 ? 5.922   12.253  13.019  1.00 41.07 ? 120 THR A C   1 
ATOM   905  O O   . THR A 1 120 ? 6.719   11.513  12.408  1.00 41.80 ? 120 THR A O   1 
ATOM   906  C CB  . THR A 1 120 ? 4.757   11.354  15.090  1.00 35.93 ? 120 THR A CB  1 
ATOM   907  O OG1 . THR A 1 120 ? 5.464   10.130  15.197  1.00 36.31 ? 120 THR A OG1 1 
ATOM   908  C CG2 . THR A 1 120 ? 3.438   11.188  15.766  1.00 34.56 ? 120 THR A CG2 1 
ATOM   909  N N   . GLU A 1 121 ? 6.143   13.571  13.224  1.00 42.55 ? 121 GLU A N   1 
ATOM   910  C CA  . GLU A 1 121 ? 7.409   14.216  12.951  1.00 42.63 ? 121 GLU A CA  1 
ATOM   911  C C   . GLU A 1 121 ? 8.435   13.398  13.691  1.00 42.46 ? 121 GLU A C   1 
ATOM   912  O O   . GLU A 1 121 ? 9.405   12.929  13.118  1.00 43.21 ? 121 GLU A O   1 
ATOM   913  C CB  . GLU A 1 121 ? 7.369   15.604  13.467  1.00 46.25 ? 121 GLU A CB  1 
ATOM   914  C CG  . GLU A 1 121 ? 6.597   15.795  14.776  1.00 54.67 ? 121 GLU A CG  1 
ATOM   915  C CD  . GLU A 1 121 ? 7.376   16.324  15.985  1.00 60.36 ? 121 GLU A CD  1 
ATOM   916  O OE1 . GLU A 1 121 ? 7.644   17.543  16.050  1.00 59.81 ? 121 GLU A OE1 1 
ATOM   917  O OE2 . GLU A 1 121 ? 7.662   15.497  16.869  1.00 64.43 ? 121 GLU A OE2 1 
ATOM   918  N N   . GLU A 1 122 ? 8.175   13.070  14.940  1.00 41.66 ? 122 GLU A N   1 
ATOM   919  C CA  . GLU A 1 122 ? 9.054   12.198  15.685  1.00 41.60 ? 122 GLU A CA  1 
ATOM   920  C C   . GLU A 1 122 ? 9.300   10.770  15.135  1.00 39.76 ? 122 GLU A C   1 
ATOM   921  O O   . GLU A 1 122 ? 10.290  10.119  15.470  1.00 39.85 ? 122 GLU A O   1 
ATOM   922  C CB  . GLU A 1 122 ? 8.441   12.212  17.052  1.00 45.83 ? 122 GLU A CB  1 
ATOM   923  C CG  . GLU A 1 122 ? 9.250   12.922  18.131  1.00 50.78 ? 122 GLU A CG  1 
ATOM   924  C CD  . GLU A 1 122 ? 10.018  11.936  19.001  1.00 52.99 ? 122 GLU A CD  1 
ATOM   925  O OE1 . GLU A 1 122 ? 9.408   11.353  19.902  1.00 52.66 ? 122 GLU A OE1 1 
ATOM   926  O OE2 . GLU A 1 122 ? 11.220  11.757  18.766  1.00 55.53 ? 122 GLU A OE2 1 
ATOM   927  N N   . PHE A 1 123 ? 8.450   10.151  14.343  1.00 37.71 ? 123 PHE A N   1 
ATOM   928  C CA  . PHE A 1 123 ? 8.790   8.865   13.759  1.00 36.22 ? 123 PHE A CA  1 
ATOM   929  C C   . PHE A 1 123 ? 9.471   9.220   12.429  1.00 36.70 ? 123 PHE A C   1 
ATOM   930  O O   . PHE A 1 123 ? 10.591  8.734   12.243  1.00 37.66 ? 123 PHE A O   1 
ATOM   931  C CB  . PHE A 1 123 ? 7.523   7.991   13.525  1.00 34.66 ? 123 PHE A CB  1 
ATOM   932  C CG  . PHE A 1 123 ? 7.803   6.497   13.304  1.00 30.01 ? 123 PHE A CG  1 
ATOM   933  C CD1 . PHE A 1 123 ? 8.081   5.992   12.038  1.00 28.17 ? 123 PHE A CD1 1 
ATOM   934  C CD2 . PHE A 1 123 ? 7.840   5.631   14.377  1.00 29.48 ? 123 PHE A CD2 1 
ATOM   935  C CE1 . PHE A 1 123 ? 8.391   4.656   11.854  1.00 25.72 ? 123 PHE A CE1 1 
ATOM   936  C CE2 . PHE A 1 123 ? 8.155   4.296   14.192  1.00 26.61 ? 123 PHE A CE2 1 
ATOM   937  C CZ  . PHE A 1 123 ? 8.427   3.818   12.933  1.00 24.19 ? 123 PHE A CZ  1 
ATOM   938  N N   . ILE A 1 124 ? 8.914   10.039  11.492  1.00 36.46 ? 124 ILE A N   1 
ATOM   939  C CA  . ILE A 1 124 ? 9.569   10.408  10.223  1.00 35.63 ? 124 ILE A CA  1 
ATOM   940  C C   . ILE A 1 124 ? 11.046  10.721  10.446  1.00 36.69 ? 124 ILE A C   1 
ATOM   941  O O   . ILE A 1 124 ? 11.926  10.240  9.761   1.00 37.95 ? 124 ILE A O   1 
ATOM   942  C CB  . ILE A 1 124 ? 8.911   11.682  9.545   1.00 32.65 ? 124 ILE A CB  1 
ATOM   943  C CG1 . ILE A 1 124 ? 7.722   11.395  8.617   1.00 28.96 ? 124 ILE A CG1 1 
ATOM   944  C CG2 . ILE A 1 124 ? 9.939   12.283  8.596   1.00 27.06 ? 124 ILE A CG2 1 
ATOM   945  C CD1 . ILE A 1 124 ? 6.466   10.692  9.088   1.00 30.83 ? 124 ILE A CD1 1 
ATOM   946  N N   . LYS A 1 125 ? 11.263  11.575  11.424  1.00 38.61 ? 125 LYS A N   1 
ATOM   947  C CA  . LYS A 1 125 ? 12.550  12.066  11.834  1.00 38.97 ? 125 LYS A CA  1 
ATOM   948  C C   . LYS A 1 125 ? 13.200  10.825  12.339  1.00 39.20 ? 125 LYS A C   1 
ATOM   949  O O   . LYS A 1 125 ? 13.856  10.223  11.506  1.00 42.25 ? 125 LYS A O   1 
ATOM   950  C CB  . LYS A 1 125 ? 12.393  13.110  12.957  1.00 42.19 ? 125 LYS A CB  1 
ATOM   951  C CG  . LYS A 1 125 ? 13.565  13.503  13.908  1.00 47.14 ? 125 LYS A CG  1 
ATOM   952  C CD  . LYS A 1 125 ? 13.037  13.870  15.333  1.00 50.78 ? 125 LYS A CD  1 
ATOM   953  C CE  . LYS A 1 125 ? 12.360  15.257  15.438  1.00 52.71 ? 125 LYS A CE  1 
ATOM   954  N NZ  . LYS A 1 125 ? 13.319  16.276  15.851  1.00 54.20 ? 125 LYS A NZ  1 
ATOM   955  N N   . ARG A 1 126 ? 12.868  10.307  13.524  1.00 37.50 ? 126 ARG A N   1 
ATOM   956  C CA  . ARG A 1 126 ? 13.690  9.332   14.186  1.00 35.49 ? 126 ARG A CA  1 
ATOM   957  C C   . ARG A 1 126 ? 14.061  8.153   13.344  1.00 33.69 ? 126 ARG A C   1 
ATOM   958  O O   . ARG A 1 126 ? 15.204  7.728   13.490  1.00 33.93 ? 126 ARG A O   1 
ATOM   959  C CB  . ARG A 1 126 ? 13.007  8.850   15.470  1.00 39.30 ? 126 ARG A CB  1 
ATOM   960  C CG  . ARG A 1 126 ? 13.917  8.003   16.332  1.00 41.70 ? 126 ARG A CG  1 
ATOM   961  C CD  . ARG A 1 126 ? 13.480  7.787   17.786  1.00 47.90 ? 126 ARG A CD  1 
ATOM   962  N NE  . ARG A 1 126 ? 12.225  7.092   18.112  1.00 51.42 ? 126 ARG A NE  1 
ATOM   963  C CZ  . ARG A 1 126 ? 12.157  6.127   19.091  1.00 55.01 ? 126 ARG A CZ  1 
ATOM   964  N NH1 . ARG A 1 126 ? 13.216  5.687   19.836  1.00 55.89 ? 126 ARG A NH1 1 
ATOM   965  N NH2 . ARG A 1 126 ? 10.948  5.650   19.428  1.00 54.94 ? 126 ARG A NH2 1 
ATOM   966  N N   . PHE A 1 127 ? 13.202  7.660   12.434  1.00 32.98 ? 127 PHE A N   1 
ATOM   967  C CA  . PHE A 1 127 ? 13.480  6.466   11.593  1.00 30.53 ? 127 PHE A CA  1 
ATOM   968  C C   . PHE A 1 127 ? 13.695  6.698   10.085  1.00 28.72 ? 127 PHE A C   1 
ATOM   969  O O   . PHE A 1 127 ? 14.159  5.800   9.378   1.00 28.43 ? 127 PHE A O   1 
ATOM   970  C CB  . PHE A 1 127 ? 12.336  5.479   11.764  1.00 29.64 ? 127 PHE A CB  1 
ATOM   971  C CG  . PHE A 1 127 ? 12.302  4.832   13.107  1.00 28.72 ? 127 PHE A CG  1 
ATOM   972  C CD1 . PHE A 1 127 ? 11.640  5.468   14.143  1.00 29.71 ? 127 PHE A CD1 1 
ATOM   973  C CD2 . PHE A 1 127 ? 13.008  3.646   13.292  1.00 29.21 ? 127 PHE A CD2 1 
ATOM   974  C CE1 . PHE A 1 127 ? 11.708  4.888   15.394  1.00 31.73 ? 127 PHE A CE1 1 
ATOM   975  C CE2 . PHE A 1 127 ? 13.076  3.065   14.553  1.00 32.27 ? 127 PHE A CE2 1 
ATOM   976  C CZ  . PHE A 1 127 ? 12.426  3.691   15.609  1.00 33.35 ? 127 PHE A CZ  1 
ATOM   977  N N   . GLY A 1 128 ? 13.439  7.917   9.603   1.00 27.31 ? 128 GLY A N   1 
ATOM   978  C CA  . GLY A 1 128 ? 13.345  8.184   8.190   1.00 27.88 ? 128 GLY A CA  1 
ATOM   979  C C   . GLY A 1 128 ? 14.641  8.557   7.548   1.00 29.78 ? 128 GLY A C   1 
ATOM   980  O O   . GLY A 1 128 ? 14.646  8.873   6.355   1.00 30.48 ? 128 GLY A O   1 
ATOM   981  N N   . ASP A 1 129 ? 15.750  8.582   8.285   1.00 27.90 ? 129 ASP A N   1 
ATOM   982  C CA  . ASP A 1 129 ? 17.053  8.931   7.699   1.00 26.38 ? 129 ASP A CA  1 
ATOM   983  C C   . ASP A 1 129 ? 17.039  10.089  6.706   1.00 25.25 ? 129 ASP A C   1 
ATOM   984  O O   . ASP A 1 129 ? 17.822  10.168  5.786   1.00 26.07 ? 129 ASP A O   1 
ATOM   985  C CB  . ASP A 1 129 ? 17.687  7.725   7.010   1.00 23.90 ? 129 ASP A CB  1 
ATOM   986  C CG  . ASP A 1 129 ? 19.179  7.513   7.223   1.00 23.06 ? 129 ASP A CG  1 
ATOM   987  O OD1 . ASP A 1 129 ? 19.770  7.805   8.257   1.00 26.59 ? 129 ASP A OD1 1 
ATOM   988  O OD2 . ASP A 1 129 ? 19.790  6.975   6.347   1.00 20.81 ? 129 ASP A OD2 1 
ATOM   989  N N   . GLY A 1 130 ? 16.159  11.042  6.979   1.00 24.66 ? 130 GLY A N   1 
ATOM   990  C CA  . GLY A 1 130 ? 16.107  12.289  6.299   1.00 22.17 ? 130 GLY A CA  1 
ATOM   991  C C   . GLY A 1 130 ? 14.970  12.162  5.363   1.00 23.71 ? 130 GLY A C   1 
ATOM   992  O O   . GLY A 1 130 ? 14.961  12.812  4.310   1.00 24.01 ? 130 GLY A O   1 
ATOM   993  N N   . ALA A 1 131 ? 13.971  11.361  5.698   1.00 23.28 ? 131 ALA A N   1 
ATOM   994  C CA  . ALA A 1 131 ? 13.021  11.200  4.660   1.00 22.68 ? 131 ALA A CA  1 
ATOM   995  C C   . ALA A 1 131 ? 11.914  12.009  5.162   1.00 23.30 ? 131 ALA A C   1 
ATOM   996  O O   . ALA A 1 131 ? 11.811  12.341  6.322   1.00 22.62 ? 131 ALA A O   1 
ATOM   997  C CB  . ALA A 1 131 ? 12.591  9.808   4.523   1.00 23.42 ? 131 ALA A CB  1 
ATOM   998  N N   . SER A 1 132 ? 11.233  12.434  4.118   1.00 26.43 ? 132 SER A N   1 
ATOM   999  C CA  . SER A 1 132 ? 10.016  13.190  4.215   1.00 27.99 ? 132 SER A CA  1 
ATOM   1000 C C   . SER A 1 132 ? 9.022   12.238  4.863   1.00 29.77 ? 132 SER A C   1 
ATOM   1001 O O   . SER A 1 132 ? 8.256   12.646  5.721   1.00 32.49 ? 132 SER A O   1 
ATOM   1002 C CB  . SER A 1 132 ? 9.589   13.613  2.809   1.00 28.43 ? 132 SER A CB  1 
ATOM   1003 O OG  . SER A 1 132 ? 10.286  14.717  2.196   1.00 30.96 ? 132 SER A OG  1 
ATOM   1004 N N   . ARG A 1 133 ? 8.991   10.957  4.558   1.00 29.55 ? 133 ARG A N   1 
ATOM   1005 C CA  . ARG A 1 133 ? 8.102   10.091  5.254   1.00 28.98 ? 133 ARG A CA  1 
ATOM   1006 C C   . ARG A 1 133 ? 8.688   8.710   5.180   1.00 29.00 ? 133 ARG A C   1 
ATOM   1007 O O   . ARG A 1 133 ? 9.600   8.567   4.351   1.00 30.26 ? 133 ARG A O   1 
ATOM   1008 C CB  . ARG A 1 133 ? 6.699   10.115  4.627   1.00 27.97 ? 133 ARG A CB  1 
ATOM   1009 C CG  . ARG A 1 133 ? 6.617   9.762   3.200   1.00 24.59 ? 133 ARG A CG  1 
ATOM   1010 C CD  . ARG A 1 133 ? 6.366   11.124  2.572   1.00 26.83 ? 133 ARG A CD  1 
ATOM   1011 N NE  . ARG A 1 133 ? 7.117   11.192  1.344   1.00 26.51 ? 133 ARG A NE  1 
ATOM   1012 C CZ  . ARG A 1 133 ? 7.272   12.294  0.696   1.00 25.27 ? 133 ARG A CZ  1 
ATOM   1013 N NH1 . ARG A 1 133 ? 6.724   13.410  1.159   1.00 29.04 ? 133 ARG A NH1 1 
ATOM   1014 N NH2 . ARG A 1 133 ? 7.989   12.246  -0.410  1.00 24.48 ? 133 ARG A NH2 1 
ATOM   1015 N N   . VAL A 1 134 ? 8.142   7.796   6.052   1.00 28.20 ? 134 VAL A N   1 
ATOM   1016 C CA  . VAL A 1 134 ? 8.374   6.346   6.231   1.00 26.15 ? 134 VAL A CA  1 
ATOM   1017 C C   . VAL A 1 134 ? 7.029   5.694   5.875   1.00 26.82 ? 134 VAL A C   1 
ATOM   1018 O O   . VAL A 1 134 ? 5.956   6.150   6.317   1.00 27.97 ? 134 VAL A O   1 
ATOM   1019 C CB  . VAL A 1 134 ? 8.669   5.942   7.705   1.00 22.20 ? 134 VAL A CB  1 
ATOM   1020 C CG1 . VAL A 1 134 ? 8.800   4.446   7.883   1.00 21.54 ? 134 VAL A CG1 1 
ATOM   1021 C CG2 . VAL A 1 134 ? 9.979   6.445   8.131   1.00 19.90 ? 134 VAL A CG2 1 
ATOM   1022 N N   . VAL A 1 135 ? 7.147   4.569   5.138   1.00 27.16 ? 135 VAL A N   1 
ATOM   1023 C CA  . VAL A 1 135 ? 6.071   3.658   4.663   1.00 23.28 ? 135 VAL A CA  1 
ATOM   1024 C C   . VAL A 1 135 ? 6.507   2.365   5.342   1.00 22.15 ? 135 VAL A C   1 
ATOM   1025 O O   . VAL A 1 135 ? 7.716   2.116   5.279   1.00 23.43 ? 135 VAL A O   1 
ATOM   1026 C CB  . VAL A 1 135 ? 6.215   3.558   3.174   1.00 18.39 ? 135 VAL A CB  1 
ATOM   1027 C CG1 . VAL A 1 135 ? 5.229   2.786   2.422   1.00 18.18 ? 135 VAL A CG1 1 
ATOM   1028 C CG2 . VAL A 1 135 ? 5.894   4.920   2.709   1.00 22.60 ? 135 VAL A CG2 1 
ATOM   1029 N N   . LEU A 1 136 ? 5.694   1.566   6.031   1.00 19.37 ? 136 LEU A N   1 
ATOM   1030 C CA  . LEU A 1 136 ? 6.147   0.293   6.552   1.00 20.03 ? 136 LEU A CA  1 
ATOM   1031 C C   . LEU A 1 136 ? 6.160   -0.713  5.445   1.00 20.99 ? 136 LEU A C   1 
ATOM   1032 O O   . LEU A 1 136 ? 5.508   -0.445  4.448   1.00 21.90 ? 136 LEU A O   1 
ATOM   1033 C CB  . LEU A 1 136 ? 5.230   -0.348  7.508   1.00 19.84 ? 136 LEU A CB  1 
ATOM   1034 C CG  . LEU A 1 136 ? 4.874   0.389   8.708   1.00 18.08 ? 136 LEU A CG  1 
ATOM   1035 C CD1 . LEU A 1 136 ? 3.974   -0.350  9.699   1.00 12.51 ? 136 LEU A CD1 1 
ATOM   1036 C CD2 . LEU A 1 136 ? 6.260   0.685   9.278   1.00 20.41 ? 136 LEU A CD2 1 
ATOM   1037 N N   . SER A 1 137 ? 6.669   -1.928  5.601   1.00 24.11 ? 137 SER A N   1 
ATOM   1038 C CA  . SER A 1 137 ? 6.665   -2.907  4.515   1.00 27.56 ? 137 SER A CA  1 
ATOM   1039 C C   . SER A 1 137 ? 6.695   -4.271  5.171   1.00 30.03 ? 137 SER A C   1 
ATOM   1040 O O   . SER A 1 137 ? 7.406   -4.464  6.154   1.00 33.05 ? 137 SER A O   1 
ATOM   1041 C CB  . SER A 1 137 ? 7.929   -2.720  3.626   1.00 28.72 ? 137 SER A CB  1 
ATOM   1042 O OG  . SER A 1 137 ? 8.089   -3.578  2.490   1.00 29.28 ? 137 SER A OG  1 
ATOM   1043 N N   . LEU A 1 138 ? 5.866   -5.174  4.710   1.00 32.81 ? 138 LEU A N   1 
ATOM   1044 C CA  . LEU A 1 138 ? 5.810   -6.575  5.084   1.00 37.15 ? 138 LEU A CA  1 
ATOM   1045 C C   . LEU A 1 138 ? 5.531   -7.248  3.723   1.00 40.52 ? 138 LEU A C   1 
ATOM   1046 O O   . LEU A 1 138 ? 5.065   -6.569  2.778   1.00 41.10 ? 138 LEU A O   1 
ATOM   1047 C CB  . LEU A 1 138 ? 4.639   -6.923  5.969   1.00 38.25 ? 138 LEU A CB  1 
ATOM   1048 C CG  . LEU A 1 138 ? 4.240   -5.988  7.082   1.00 41.31 ? 138 LEU A CG  1 
ATOM   1049 C CD1 . LEU A 1 138 ? 2.730   -6.124  7.286   1.00 42.95 ? 138 LEU A CD1 1 
ATOM   1050 C CD2 . LEU A 1 138 ? 5.068   -6.257  8.310   1.00 38.53 ? 138 LEU A CD2 1 
ATOM   1051 N N   . PRO A 1 139 ? 5.795   -8.546  3.456   1.00 42.78 ? 139 PRO A N   1 
ATOM   1052 C CA  . PRO A 1 139 ? 5.558   -9.121  2.145   1.00 43.40 ? 139 PRO A CA  1 
ATOM   1053 C C   . PRO A 1 139 ? 4.068   -9.217  1.888   1.00 43.76 ? 139 PRO A C   1 
ATOM   1054 O O   . PRO A 1 139 ? 3.183   -8.884  2.689   1.00 44.41 ? 139 PRO A O   1 
ATOM   1055 C CB  . PRO A 1 139 ? 6.251   -10.465 2.161   1.00 43.06 ? 139 PRO A CB  1 
ATOM   1056 C CG  . PRO A 1 139 ? 7.242   -10.305 3.286   1.00 43.31 ? 139 PRO A CG  1 
ATOM   1057 C CD  . PRO A 1 139 ? 6.407   -9.553  4.329   1.00 42.77 ? 139 PRO A CD  1 
ATOM   1058 N N   . PHE A 1 140 ? 3.873   -9.698  0.678   1.00 44.64 ? 140 PHE A N   1 
ATOM   1059 C CA  . PHE A 1 140 ? 2.549   -9.711  0.133   1.00 45.05 ? 140 PHE A CA  1 
ATOM   1060 C C   . PHE A 1 140 ? 1.535   -10.701 0.695   1.00 44.99 ? 140 PHE A C   1 
ATOM   1061 O O   . PHE A 1 140 ? 0.362   -10.370 0.962   1.00 45.47 ? 140 PHE A O   1 
ATOM   1062 C CB  . PHE A 1 140 ? 2.677   -9.901  -1.385  1.00 41.99 ? 140 PHE A CB  1 
ATOM   1063 C CG  . PHE A 1 140 ? 1.372   -9.486  -2.011  1.00 40.30 ? 140 PHE A CG  1 
ATOM   1064 C CD1 . PHE A 1 140 ? 0.989   -8.153  -1.957  1.00 37.74 ? 140 PHE A CD1 1 
ATOM   1065 C CD2 . PHE A 1 140 ? 0.543   -10.443 -2.580  1.00 42.39 ? 140 PHE A CD2 1 
ATOM   1066 C CE1 . PHE A 1 140 ? -0.227  -7.763  -2.468  1.00 38.88 ? 140 PHE A CE1 1 
ATOM   1067 C CE2 . PHE A 1 140 ? -0.690  -10.047 -3.099  1.00 43.73 ? 140 PHE A CE2 1 
ATOM   1068 C CZ  . PHE A 1 140 ? -1.068  -8.704  -3.040  1.00 42.23 ? 140 PHE A CZ  1 
ATOM   1069 N N   . ALA A 1 141 ? 2.057   -11.922 0.682   1.00 43.91 ? 141 ALA A N   1 
ATOM   1070 C CA  . ALA A 1 141 ? 1.273   -13.102 0.900   1.00 44.67 ? 141 ALA A CA  1 
ATOM   1071 C C   . ALA A 1 141 ? 2.287   -14.226 0.886   1.00 45.35 ? 141 ALA A C   1 
ATOM   1072 O O   . ALA A 1 141 ? 3.316   -14.086 0.233   1.00 45.86 ? 141 ALA A O   1 
ATOM   1073 C CB  . ALA A 1 141 ? 0.277   -13.336 -0.265  1.00 45.08 ? 141 ALA A CB  1 
ATOM   1074 N N   . GLU A 1 142 ? 1.976   -15.336 1.546   1.00 45.80 ? 142 GLU A N   1 
ATOM   1075 C CA  . GLU A 1 142 ? 2.835   -16.486 1.675   1.00 46.80 ? 142 GLU A CA  1 
ATOM   1076 C C   . GLU A 1 142 ? 3.505   -16.919 0.392   1.00 47.02 ? 142 GLU A C   1 
ATOM   1077 O O   . GLU A 1 142 ? 2.909   -16.968 -0.685  1.00 47.06 ? 142 GLU A O   1 
ATOM   1078 C CB  . GLU A 1 142 ? 2.017   -17.624 2.224   1.00 49.71 ? 142 GLU A CB  1 
ATOM   1079 C CG  . GLU A 1 142 ? 1.557   -17.331 3.639   1.00 52.20 ? 142 GLU A CG  1 
ATOM   1080 C CD  . GLU A 1 142 ? 2.667   -17.295 4.694   1.00 54.21 ? 142 GLU A CD  1 
ATOM   1081 O OE1 . GLU A 1 142 ? 3.254   -18.362 4.947   1.00 56.79 ? 142 GLU A OE1 1 
ATOM   1082 O OE2 . GLU A 1 142 ? 2.919   -16.220 5.274   1.00 51.54 ? 142 GLU A OE2 1 
ATOM   1083 N N   . GLY A 1 143 ? 4.821   -17.012 0.549   1.00 47.30 ? 143 GLY A N   1 
ATOM   1084 C CA  . GLY A 1 143 ? 5.710   -17.470 -0.490  1.00 46.50 ? 143 GLY A CA  1 
ATOM   1085 C C   . GLY A 1 143 ? 5.814   -16.560 -1.686  1.00 47.64 ? 143 GLY A C   1 
ATOM   1086 O O   . GLY A 1 143 ? 6.592   -16.952 -2.555  1.00 48.25 ? 143 GLY A O   1 
ATOM   1087 N N   . SER A 1 144 ? 5.125   -15.397 -1.769  1.00 49.54 ? 144 SER A N   1 
ATOM   1088 C CA  . SER A 1 144 ? 5.133   -14.444 -2.907  1.00 50.06 ? 144 SER A CA  1 
ATOM   1089 C C   . SER A 1 144 ? 6.351   -13.494 -2.963  1.00 49.63 ? 144 SER A C   1 
ATOM   1090 O O   . SER A 1 144 ? 6.677   -12.881 -1.931  1.00 50.81 ? 144 SER A O   1 
ATOM   1091 C CB  . SER A 1 144 ? 3.847   -13.587 -2.871  1.00 50.71 ? 144 SER A CB  1 
ATOM   1092 O OG  . SER A 1 144 ? 3.791   -12.600 -3.920  1.00 53.00 ? 144 SER A OG  1 
ATOM   1093 N N   . SER A 1 145 ? 7.044   -13.244 -4.107  1.00 46.73 ? 145 SER A N   1 
ATOM   1094 C CA  . SER A 1 145 ? 8.204   -12.368 -4.083  1.00 41.48 ? 145 SER A CA  1 
ATOM   1095 C C   . SER A 1 145 ? 7.847   -10.911 -4.035  1.00 39.88 ? 145 SER A C   1 
ATOM   1096 O O   . SER A 1 145 ? 8.773   -10.125 -4.188  1.00 40.80 ? 145 SER A O   1 
ATOM   1097 C CB  . SER A 1 145 ? 9.082   -12.630 -5.284  1.00 39.30 ? 145 SER A CB  1 
ATOM   1098 O OG  . SER A 1 145 ? 8.397   -13.021 -6.454  1.00 39.74 ? 145 SER A OG  1 
ATOM   1099 N N   . SER A 1 146 ? 6.587   -10.486 -3.770  1.00 39.10 ? 146 SER A N   1 
ATOM   1100 C CA  . SER A 1 146 ? 6.179   -9.055  -3.795  1.00 35.73 ? 146 SER A CA  1 
ATOM   1101 C C   . SER A 1 146 ? 6.103   -8.506  -2.384  1.00 34.08 ? 146 SER A C   1 
ATOM   1102 O O   . SER A 1 146 ? 5.947   -9.348  -1.499  1.00 37.12 ? 146 SER A O   1 
ATOM   1103 C CB  . SER A 1 146 ? 4.827   -8.910  -4.408  1.00 33.36 ? 146 SER A CB  1 
ATOM   1104 O OG  . SER A 1 146 ? 4.696   -9.782  -5.519  1.00 33.99 ? 146 SER A OG  1 
ATOM   1105 N N   . VAL A 1 147 ? 6.304   -7.232  -2.060  1.00 30.64 ? 147 VAL A N   1 
ATOM   1106 C CA  . VAL A 1 147 ? 6.076   -6.683  -0.722  1.00 27.98 ? 147 VAL A CA  1 
ATOM   1107 C C   . VAL A 1 147 ? 4.805   -5.859  -0.706  1.00 26.58 ? 147 VAL A C   1 
ATOM   1108 O O   . VAL A 1 147 ? 4.256   -5.555  -1.772  1.00 26.72 ? 147 VAL A O   1 
ATOM   1109 C CB  . VAL A 1 147 ? 7.199   -5.758  -0.258  1.00 29.34 ? 147 VAL A CB  1 
ATOM   1110 C CG1 . VAL A 1 147 ? 8.459   -6.538  0.147   1.00 31.47 ? 147 VAL A CG1 1 
ATOM   1111 C CG2 . VAL A 1 147 ? 7.461   -4.781  -1.378  1.00 27.63 ? 147 VAL A CG2 1 
ATOM   1112 N N   . GLU A 1 148 ? 4.331   -5.429  0.448   1.00 23.64 ? 148 GLU A N   1 
ATOM   1113 C CA  . GLU A 1 148 ? 3.094   -4.736  0.602   1.00 20.33 ? 148 GLU A CA  1 
ATOM   1114 C C   . GLU A 1 148 ? 3.521   -3.460  1.309   1.00 16.56 ? 148 GLU A C   1 
ATOM   1115 O O   . GLU A 1 148 ? 4.412   -3.500  2.113   1.00 16.53 ? 148 GLU A O   1 
ATOM   1116 C CB  . GLU A 1 148 ? 2.212   -5.700  1.390   1.00 23.08 ? 148 GLU A CB  1 
ATOM   1117 C CG  . GLU A 1 148 ? 1.412   -5.121  2.582   1.00 31.59 ? 148 GLU A CG  1 
ATOM   1118 C CD  . GLU A 1 148 ? 0.602   -6.075  3.514   1.00 36.63 ? 148 GLU A CD  1 
ATOM   1119 O OE1 . GLU A 1 148 ? 1.093   -6.585  4.535   1.00 38.14 ? 148 GLU A OE1 1 
ATOM   1120 O OE2 . GLU A 1 148 ? -0.577  -6.294  3.229   1.00 40.02 ? 148 GLU A OE2 1 
ATOM   1121 N N   . TYR A 1 149 ? 2.971   -2.303  1.104   1.00 16.62 ? 149 TYR A N   1 
ATOM   1122 C CA  . TYR A 1 149 ? 3.497   -1.056  1.650   1.00 20.47 ? 149 TYR A CA  1 
ATOM   1123 C C   . TYR A 1 149 ? 2.383   -0.414  2.484   1.00 18.48 ? 149 TYR A C   1 
ATOM   1124 O O   . TYR A 1 149 ? 1.341   -0.053  1.982   1.00 21.23 ? 149 TYR A O   1 
ATOM   1125 C CB  . TYR A 1 149 ? 3.978   -0.046  0.478   1.00 20.76 ? 149 TYR A CB  1 
ATOM   1126 C CG  . TYR A 1 149 ? 5.165   -0.468  -0.453  1.00 22.89 ? 149 TYR A CG  1 
ATOM   1127 C CD1 . TYR A 1 149 ? 6.459   -0.650  0.038   1.00 26.37 ? 149 TYR A CD1 1 
ATOM   1128 C CD2 . TYR A 1 149 ? 4.978   -0.761  -1.801  1.00 25.68 ? 149 TYR A CD2 1 
ATOM   1129 C CE1 . TYR A 1 149 ? 7.528   -1.110  -0.758  1.00 27.61 ? 149 TYR A CE1 1 
ATOM   1130 C CE2 . TYR A 1 149 ? 6.028   -1.222  -2.614  1.00 28.55 ? 149 TYR A CE2 1 
ATOM   1131 C CZ  . TYR A 1 149 ? 7.312   -1.397  -2.089  1.00 29.27 ? 149 TYR A CZ  1 
ATOM   1132 O OH  . TYR A 1 149 ? 8.386   -1.803  -2.891  1.00 32.39 ? 149 TYR A OH  1 
ATOM   1133 N N   . ILE A 1 150 ? 2.491   -0.228  3.761   1.00 17.27 ? 150 ILE A N   1 
ATOM   1134 C CA  . ILE A 1 150 ? 1.379   0.284   4.528   1.00 17.87 ? 150 ILE A CA  1 
ATOM   1135 C C   . ILE A 1 150 ? 1.755   1.753   4.665   1.00 20.13 ? 150 ILE A C   1 
ATOM   1136 O O   . ILE A 1 150 ? 2.713   2.173   5.337   1.00 21.82 ? 150 ILE A O   1 
ATOM   1137 C CB  . ILE A 1 150 ? 1.338   -0.475  5.906   1.00 14.49 ? 150 ILE A CB  1 
ATOM   1138 C CG1 . ILE A 1 150 ? 1.337   -1.947  5.621   1.00 10.54 ? 150 ILE A CG1 1 
ATOM   1139 C CG2 . ILE A 1 150 ? 0.087   -0.154  6.730   1.00 14.53 ? 150 ILE A CG2 1 
ATOM   1140 C CD1 . ILE A 1 150 ? 2.307   -2.691  6.489   1.00 9.27  ? 150 ILE A CD1 1 
ATOM   1141 N N   . ASN A 1 151 ? 1.029   2.577   3.963   1.00 22.29 ? 151 ASN A N   1 
ATOM   1142 C CA  . ASN A 1 151 ? 1.260   4.015   3.957   1.00 23.29 ? 151 ASN A CA  1 
ATOM   1143 C C   . ASN A 1 151 ? 0.644   4.778   5.127   1.00 24.86 ? 151 ASN A C   1 
ATOM   1144 O O   . ASN A 1 151 ? -0.533  4.511   5.332   1.00 24.20 ? 151 ASN A O   1 
ATOM   1145 C CB  . ASN A 1 151 ? 0.695   4.536   2.666   1.00 22.86 ? 151 ASN A CB  1 
ATOM   1146 C CG  . ASN A 1 151 ? 1.408   3.968   1.462   1.00 23.25 ? 151 ASN A CG  1 
ATOM   1147 O OD1 . ASN A 1 151 ? 2.486   4.460   1.093   1.00 26.56 ? 151 ASN A OD1 1 
ATOM   1148 N ND2 . ASN A 1 151 ? 0.862   2.913   0.866   1.00 19.28 ? 151 ASN A ND2 1 
ATOM   1149 N N   . ASN A 1 152 ? 1.191   5.742   5.933   1.00 28.12 ? 152 ASN A N   1 
ATOM   1150 C CA  . ASN A 1 152 ? 0.403   6.335   7.067   1.00 29.52 ? 152 ASN A CA  1 
ATOM   1151 C C   . ASN A 1 152 ? -0.845  7.030   6.537   1.00 32.71 ? 152 ASN A C   1 
ATOM   1152 O O   . ASN A 1 152 ? -0.746  7.344   5.347   1.00 33.39 ? 152 ASN A O   1 
ATOM   1153 C CB  . ASN A 1 152 ? 1.241   7.367   7.913   1.00 27.82 ? 152 ASN A CB  1 
ATOM   1154 C CG  . ASN A 1 152 ? 0.469   8.387   8.781   1.00 27.31 ? 152 ASN A CG  1 
ATOM   1155 O OD1 . ASN A 1 152 ? 0.215   9.452   8.233   1.00 26.45 ? 152 ASN A OD1 1 
ATOM   1156 N ND2 . ASN A 1 152 ? -0.012  8.273   10.031  1.00 26.00 ? 152 ASN A ND2 1 
ATOM   1157 N N   . TRP A 1 153 ? -2.015  7.272   7.225   1.00 34.37 ? 153 TRP A N   1 
ATOM   1158 C CA  . TRP A 1 153 ? -3.128  7.958   6.557   1.00 34.63 ? 153 TRP A CA  1 
ATOM   1159 C C   . TRP A 1 153 ? -2.960  9.440   6.199   1.00 36.70 ? 153 TRP A C   1 
ATOM   1160 O O   . TRP A 1 153 ? -3.441  9.798   5.094   1.00 39.31 ? 153 TRP A O   1 
ATOM   1161 C CB  . TRP A 1 153 ? -4.458  7.801   7.357   1.00 32.27 ? 153 TRP A CB  1 
ATOM   1162 C CG  . TRP A 1 153 ? -5.371  6.778   6.639   1.00 29.34 ? 153 TRP A CG  1 
ATOM   1163 C CD1 . TRP A 1 153 ? -5.910  5.711   7.323   1.00 28.54 ? 153 TRP A CD1 1 
ATOM   1164 C CD2 . TRP A 1 153 ? -5.707  6.745   5.293   1.00 25.14 ? 153 TRP A CD2 1 
ATOM   1165 N NE1 . TRP A 1 153 ? -6.568  5.019   6.431   1.00 28.81 ? 153 TRP A NE1 1 
ATOM   1166 C CE2 . TRP A 1 153 ? -6.465  5.591   5.227   1.00 23.93 ? 153 TRP A CE2 1 
ATOM   1167 C CE3 . TRP A 1 153 ? -5.480  7.490   4.142   1.00 24.57 ? 153 TRP A CE3 1 
ATOM   1168 C CZ2 . TRP A 1 153 ? -7.007  5.157   4.047   1.00 23.80 ? 153 TRP A CZ2 1 
ATOM   1169 C CZ3 . TRP A 1 153 ? -6.024  7.064   2.936   1.00 22.38 ? 153 TRP A CZ3 1 
ATOM   1170 C CH2 . TRP A 1 153 ? -6.781  5.900   2.894   1.00 24.16 ? 153 TRP A CH2 1 
ATOM   1171 N N   . GLU A 1 154 ? -2.250  10.265  7.008   1.00 34.49 ? 154 GLU A N   1 
ATOM   1172 C CA  . GLU A 1 154 ? -2.074  11.691  6.730   1.00 34.39 ? 154 GLU A CA  1 
ATOM   1173 C C   . GLU A 1 154 ? -0.989  11.988  5.741   1.00 34.36 ? 154 GLU A C   1 
ATOM   1174 O O   . GLU A 1 154 ? -1.215  12.679  4.737   1.00 34.71 ? 154 GLU A O   1 
ATOM   1175 C CB  . GLU A 1 154 ? -1.754  12.437  7.964   1.00 36.59 ? 154 GLU A CB  1 
ATOM   1176 C CG  . GLU A 1 154 ? -2.991  12.418  8.874   1.00 45.32 ? 154 GLU A CG  1 
ATOM   1177 C CD  . GLU A 1 154 ? -3.863  13.683  8.717   1.00 53.24 ? 154 GLU A CD  1 
ATOM   1178 O OE1 . GLU A 1 154 ? -4.777  13.716  7.865   1.00 57.46 ? 154 GLU A OE1 1 
ATOM   1179 O OE2 . GLU A 1 154 ? -3.615  14.644  9.458   1.00 55.21 ? 154 GLU A OE2 1 
ATOM   1180 N N   . GLN A 1 155 ? 0.183   11.350  5.961   1.00 34.21 ? 155 GLN A N   1 
ATOM   1181 C CA  . GLN A 1 155 ? 1.342   11.387  5.044   1.00 31.51 ? 155 GLN A CA  1 
ATOM   1182 C C   . GLN A 1 155 ? 0.973   10.754  3.719   1.00 30.44 ? 155 GLN A C   1 
ATOM   1183 O O   . GLN A 1 155 ? 1.779   10.669  2.822   1.00 31.18 ? 155 GLN A O   1 
ATOM   1184 C CB  . GLN A 1 155 ? 2.526   10.578  5.531   1.00 30.31 ? 155 GLN A CB  1 
ATOM   1185 C CG  . GLN A 1 155 ? 2.997   10.875  6.921   1.00 31.93 ? 155 GLN A CG  1 
ATOM   1186 C CD  . GLN A 1 155 ? 3.330   12.346  7.242   1.00 33.78 ? 155 GLN A CD  1 
ATOM   1187 O OE1 . GLN A 1 155 ? 3.743   13.137  6.397   1.00 34.62 ? 155 GLN A OE1 1 
ATOM   1188 N NE2 . GLN A 1 155 ? 3.201   12.811  8.467   1.00 30.50 ? 155 GLN A NE2 1 
ATOM   1189 N N   . ALA A 1 156 ? -0.201  10.180  3.564   1.00 29.72 ? 156 ALA A N   1 
ATOM   1190 C CA  . ALA A 1 156 ? -0.557  9.492   2.365   1.00 30.61 ? 156 ALA A CA  1 
ATOM   1191 C C   . ALA A 1 156 ? -1.182  10.401  1.327   1.00 33.08 ? 156 ALA A C   1 
ATOM   1192 O O   . ALA A 1 156 ? -1.194  10.108  0.131   1.00 30.85 ? 156 ALA A O   1 
ATOM   1193 C CB  . ALA A 1 156 ? -1.512  8.399   2.752   1.00 27.18 ? 156 ALA A CB  1 
ATOM   1194 N N   . LYS A 1 157 ? -1.665  11.541  1.857   1.00 37.29 ? 157 LYS A N   1 
ATOM   1195 C CA  . LYS A 1 157 ? -2.451  12.541  1.102   1.00 40.96 ? 157 LYS A CA  1 
ATOM   1196 C C   . LYS A 1 157 ? -1.735  13.168  -0.063  1.00 41.64 ? 157 LYS A C   1 
ATOM   1197 O O   . LYS A 1 157 ? -2.257  13.246  -1.186  1.00 44.08 ? 157 LYS A O   1 
ATOM   1198 C CB  . LYS A 1 157 ? -2.930  13.661  2.044   1.00 44.41 ? 157 LYS A CB  1 
ATOM   1199 C CG  . LYS A 1 157 ? -4.327  13.350  2.701   1.00 48.11 ? 157 LYS A CG  1 
ATOM   1200 C CD  . LYS A 1 157 ? -4.609  11.988  3.401   1.00 47.83 ? 157 LYS A CD  1 
ATOM   1201 C CE  . LYS A 1 157 ? -5.792  12.198  4.350   1.00 47.72 ? 157 LYS A CE  1 
ATOM   1202 N NZ  . LYS A 1 157 ? -6.199  10.937  4.914   1.00 48.14 ? 157 LYS A NZ  1 
ATOM   1203 N N   . ALA A 1 158 ? -0.492  13.508  0.322   1.00 39.44 ? 158 ALA A N   1 
ATOM   1204 C CA  . ALA A 1 158 ? 0.562   14.025  -0.529  1.00 36.08 ? 158 ALA A CA  1 
ATOM   1205 C C   . ALA A 1 158 ? 1.131   12.984  -1.462  1.00 33.44 ? 158 ALA A C   1 
ATOM   1206 O O   . ALA A 1 158 ? 2.340   12.881  -1.602  1.00 35.82 ? 158 ALA A O   1 
ATOM   1207 C CB  . ALA A 1 158 ? 1.725   14.542  0.323   1.00 35.85 ? 158 ALA A CB  1 
ATOM   1208 N N   . LEU A 1 159 ? 0.325   12.176  -2.074  1.00 31.48 ? 159 LEU A N   1 
ATOM   1209 C CA  . LEU A 1 159 ? 0.772   11.152  -2.982  1.00 29.68 ? 159 LEU A CA  1 
ATOM   1210 C C   . LEU A 1 159 ? 0.255   11.736  -4.311  1.00 31.12 ? 159 LEU A C   1 
ATOM   1211 O O   . LEU A 1 159 ? -0.649  12.601  -4.296  1.00 30.62 ? 159 LEU A O   1 
ATOM   1212 C CB  . LEU A 1 159 ? 0.061   9.818   -2.640  1.00 24.42 ? 159 LEU A CB  1 
ATOM   1213 C CG  . LEU A 1 159 ? 0.462   8.665   -1.731  1.00 20.86 ? 159 LEU A CG  1 
ATOM   1214 C CD1 . LEU A 1 159 ? -0.595  7.632   -1.757  1.00 19.35 ? 159 LEU A CD1 1 
ATOM   1215 C CD2 . LEU A 1 159 ? 1.478   7.808   -2.350  1.00 21.55 ? 159 LEU A CD2 1 
ATOM   1216 N N   . SER A 1 160 ? 0.742   11.323  -5.490  1.00 30.69 ? 160 SER A N   1 
ATOM   1217 C CA  . SER A 1 160 ? 0.073   11.722  -6.701  1.00 31.11 ? 160 SER A CA  1 
ATOM   1218 C C   . SER A 1 160 ? -0.318  10.448  -7.449  1.00 33.22 ? 160 SER A C   1 
ATOM   1219 O O   . SER A 1 160 ? 0.300   9.420   -7.150  1.00 35.45 ? 160 SER A O   1 
ATOM   1220 C CB  . SER A 1 160 ? 1.019   12.613  -7.431  1.00 29.48 ? 160 SER A CB  1 
ATOM   1221 O OG  . SER A 1 160 ? 2.102   11.814  -7.749  1.00 28.54 ? 160 SER A OG  1 
ATOM   1222 N N   . VAL A 1 161 ? -1.282  10.405  -8.404  1.00 34.22 ? 161 VAL A N   1 
ATOM   1223 C CA  . VAL A 1 161 ? -1.886  9.152   -8.858  1.00 35.03 ? 161 VAL A CA  1 
ATOM   1224 C C   . VAL A 1 161 ? -2.007  9.107   -10.349 1.00 36.78 ? 161 VAL A C   1 
ATOM   1225 O O   . VAL A 1 161 ? -2.648  10.031  -10.822 1.00 38.41 ? 161 VAL A O   1 
ATOM   1226 C CB  . VAL A 1 161 ? -3.304  9.011   -8.285  1.00 34.02 ? 161 VAL A CB  1 
ATOM   1227 C CG1 . VAL A 1 161 ? -3.863  7.683   -8.713  1.00 33.50 ? 161 VAL A CG1 1 
ATOM   1228 C CG2 . VAL A 1 161 ? -3.326  9.113   -6.758  1.00 35.41 ? 161 VAL A CG2 1 
ATOM   1229 N N   . GLU A 1 162 ? -1.462  8.145   -11.087 1.00 37.61 ? 162 GLU A N   1 
ATOM   1230 C CA  . GLU A 1 162 ? -1.720  8.061   -12.509 1.00 40.30 ? 162 GLU A CA  1 
ATOM   1231 C C   . GLU A 1 162 ? -2.371  6.734   -12.813 1.00 39.72 ? 162 GLU A C   1 
ATOM   1232 O O   . GLU A 1 162 ? -2.281  5.771   -12.061 1.00 42.46 ? 162 GLU A O   1 
ATOM   1233 C CB  . GLU A 1 162 ? -0.451  8.168   -13.386 1.00 44.00 ? 162 GLU A CB  1 
ATOM   1234 C CG  . GLU A 1 162 ? -0.569  7.901   -14.954 1.00 49.35 ? 162 GLU A CG  1 
ATOM   1235 C CD  . GLU A 1 162 ? -1.491  8.786   -15.856 1.00 55.07 ? 162 GLU A CD  1 
ATOM   1236 O OE1 . GLU A 1 162 ? -1.088  9.883   -16.267 1.00 57.13 ? 162 GLU A OE1 1 
ATOM   1237 O OE2 . GLU A 1 162 ? -2.614  8.385   -16.201 1.00 56.43 ? 162 GLU A OE2 1 
ATOM   1238 N N   . LEU A 1 163 ? -3.116  6.618   -13.877 1.00 38.48 ? 163 LEU A N   1 
ATOM   1239 C CA  . LEU A 1 163 ? -3.749  5.391   -14.198 1.00 37.54 ? 163 LEU A CA  1 
ATOM   1240 C C   . LEU A 1 163 ? -2.768  4.325   -14.668 1.00 38.87 ? 163 LEU A C   1 
ATOM   1241 O O   . LEU A 1 163 ? -2.174  4.551   -15.719 1.00 40.45 ? 163 LEU A O   1 
ATOM   1242 C CB  . LEU A 1 163 ? -4.737  5.754   -15.225 1.00 35.68 ? 163 LEU A CB  1 
ATOM   1243 C CG  . LEU A 1 163 ? -6.123  5.516   -14.780 1.00 37.00 ? 163 LEU A CG  1 
ATOM   1244 C CD1 . LEU A 1 163 ? -7.046  6.225   -15.761 1.00 37.03 ? 163 LEU A CD1 1 
ATOM   1245 C CD2 . LEU A 1 163 ? -6.352  3.999   -14.617 1.00 36.99 ? 163 LEU A CD2 1 
ATOM   1246 N N   . GLU A 1 164 ? -2.469  3.211   -13.973 1.00 38.91 ? 164 GLU A N   1 
ATOM   1247 C CA  . GLU A 1 164 ? -1.690  2.148   -14.593 1.00 37.97 ? 164 GLU A CA  1 
ATOM   1248 C C   . GLU A 1 164 ? -2.545  1.378   -15.598 1.00 38.53 ? 164 GLU A C   1 
ATOM   1249 O O   . GLU A 1 164 ? -2.035  1.203   -16.696 1.00 40.44 ? 164 GLU A O   1 
ATOM   1250 C CB  . GLU A 1 164 ? -1.182  1.152   -13.604 1.00 38.15 ? 164 GLU A CB  1 
ATOM   1251 C CG  . GLU A 1 164 ? 0.303   1.449   -13.485 1.00 40.73 ? 164 GLU A CG  1 
ATOM   1252 C CD  . GLU A 1 164 ? 1.214   1.143   -14.689 1.00 42.41 ? 164 GLU A CD  1 
ATOM   1253 O OE1 . GLU A 1 164 ? 1.032   0.078   -15.316 1.00 43.82 ? 164 GLU A OE1 1 
ATOM   1254 O OE2 . GLU A 1 164 ? 2.119   1.958   -14.969 1.00 43.25 ? 164 GLU A OE2 1 
ATOM   1255 N N   . ILE A 1 165 ? -3.791  0.878   -15.349 1.00 38.14 ? 165 ILE A N   1 
ATOM   1256 C CA  . ILE A 1 165 ? -4.726  0.257   -16.330 1.00 33.71 ? 165 ILE A CA  1 
ATOM   1257 C C   . ILE A 1 165 ? -6.122  0.449   -15.758 1.00 33.69 ? 165 ILE A C   1 
ATOM   1258 O O   . ILE A 1 165 ? -6.246  0.811   -14.590 1.00 32.47 ? 165 ILE A O   1 
ATOM   1259 C CB  . ILE A 1 165 ? -4.464  -1.237  -16.550 1.00 28.60 ? 165 ILE A CB  1 
ATOM   1260 C CG1 . ILE A 1 165 ? -5.299  -1.805  -17.649 1.00 27.28 ? 165 ILE A CG1 1 
ATOM   1261 C CG2 . ILE A 1 165 ? -4.721  -1.942  -15.276 1.00 29.03 ? 165 ILE A CG2 1 
ATOM   1262 C CD1 . ILE A 1 165 ? -4.810  -3.221  -18.028 1.00 28.92 ? 165 ILE A CD1 1 
ATOM   1263 N N   . ASN A 1 166 ? -7.159  0.265   -16.577 1.00 35.90 ? 166 ASN A N   1 
ATOM   1264 C CA  . ASN A 1 166 ? -8.553  0.521   -16.219 1.00 38.08 ? 166 ASN A CA  1 
ATOM   1265 C C   . ASN A 1 166 ? -9.592  -0.396  -16.881 1.00 39.67 ? 166 ASN A C   1 
ATOM   1266 O O   . ASN A 1 166 ? -10.103 -0.190  -17.987 1.00 39.71 ? 166 ASN A O   1 
ATOM   1267 C CB  . ASN A 1 166 ? -8.835  1.962   -16.552 1.00 37.59 ? 166 ASN A CB  1 
ATOM   1268 C CG  . ASN A 1 166 ? -10.282 2.332   -16.434 1.00 37.79 ? 166 ASN A CG  1 
ATOM   1269 O OD1 . ASN A 1 166 ? -11.036 1.764   -15.646 1.00 33.78 ? 166 ASN A OD1 1 
ATOM   1270 N ND2 . ASN A 1 166 ? -10.649 3.300   -17.274 1.00 38.94 ? 166 ASN A ND2 1 
ATOM   1271 N N   . PHE A 1 167 ? -9.923  -1.397  -16.076 1.00 41.39 ? 167 PHE A N   1 
ATOM   1272 C CA  . PHE A 1 167 ? -10.813 -2.425  -16.496 1.00 41.90 ? 167 PHE A CA  1 
ATOM   1273 C C   . PHE A 1 167 ? -12.220 -1.918  -16.311 1.00 44.08 ? 167 PHE A C   1 
ATOM   1274 O O   . PHE A 1 167 ? -13.151 -2.658  -16.680 1.00 46.45 ? 167 PHE A O   1 
ATOM   1275 C CB  . PHE A 1 167 ? -10.639 -3.637  -15.655 1.00 41.21 ? 167 PHE A CB  1 
ATOM   1276 C CG  . PHE A 1 167 ? -9.230  -4.103  -15.320 1.00 41.56 ? 167 PHE A CG  1 
ATOM   1277 C CD1 . PHE A 1 167 ? -8.447  -4.801  -16.257 1.00 39.61 ? 167 PHE A CD1 1 
ATOM   1278 C CD2 . PHE A 1 167 ? -8.724  -3.887  -14.035 1.00 41.43 ? 167 PHE A CD2 1 
ATOM   1279 C CE1 . PHE A 1 167 ? -7.177  -5.284  -15.920 1.00 36.03 ? 167 PHE A CE1 1 
ATOM   1280 C CE2 . PHE A 1 167 ? -7.449  -4.379  -13.698 1.00 40.29 ? 167 PHE A CE2 1 
ATOM   1281 C CZ  . PHE A 1 167 ? -6.675  -5.076  -14.638 1.00 37.00 ? 167 PHE A CZ  1 
ATOM   1282 N N   . GLU A 1 168 ? -12.452 -0.718  -15.746 1.00 44.75 ? 168 GLU A N   1 
ATOM   1283 C CA  . GLU A 1 168 ? -13.799 -0.213  -15.477 1.00 45.72 ? 168 GLU A CA  1 
ATOM   1284 C C   . GLU A 1 168 ? -14.608 0.082   -16.735 1.00 47.68 ? 168 GLU A C   1 
ATOM   1285 O O   . GLU A 1 168 ? -15.838 0.195   -16.674 1.00 49.29 ? 168 GLU A O   1 
ATOM   1286 C CB  . GLU A 1 168 ? -13.667 1.023   -14.600 1.00 44.01 ? 168 GLU A CB  1 
ATOM   1287 C CG  . GLU A 1 168 ? -14.892 1.849   -14.261 1.00 43.23 ? 168 GLU A CG  1 
ATOM   1288 C CD  . GLU A 1 168 ? -14.642 2.698   -13.036 1.00 44.31 ? 168 GLU A CD  1 
ATOM   1289 O OE1 . GLU A 1 168 ? -14.157 2.152   -12.054 1.00 46.61 ? 168 GLU A OE1 1 
ATOM   1290 O OE2 . GLU A 1 168 ? -14.950 3.888   -13.027 1.00 45.73 ? 168 GLU A OE2 1 
ATOM   1291 N N   . THR A 1 169 ? -13.990 0.220   -17.913 1.00 49.20 ? 169 THR A N   1 
ATOM   1292 C CA  . THR A 1 169 ? -14.766 0.400   -19.113 1.00 50.21 ? 169 THR A CA  1 
ATOM   1293 C C   . THR A 1 169 ? -15.347 -0.910  -19.582 1.00 51.94 ? 169 THR A C   1 
ATOM   1294 O O   . THR A 1 169 ? -16.497 -0.907  -20.056 1.00 54.51 ? 169 THR A O   1 
ATOM   1295 C CB  . THR A 1 169 ? -13.994 0.973   -20.321 1.00 49.92 ? 169 THR A CB  1 
ATOM   1296 O OG1 . THR A 1 169 ? -12.594 0.693   -20.322 1.00 48.18 ? 169 THR A OG1 1 
ATOM   1297 C CG2 . THR A 1 169 ? -14.362 2.435   -20.321 1.00 51.45 ? 169 THR A CG2 1 
ATOM   1298 N N   . ARG A 1 170 ? -14.687 -2.064  -19.398 1.00 51.76 ? 170 ARG A N   1 
ATOM   1299 C CA  . ARG A 1 170 ? -15.239 -3.285  -19.992 1.00 51.17 ? 170 ARG A CA  1 
ATOM   1300 C C   . ARG A 1 170 ? -16.455 -3.873  -19.235 1.00 50.07 ? 170 ARG A C   1 
ATOM   1301 O O   . ARG A 1 170 ? -16.842 -5.020  -19.525 1.00 50.00 ? 170 ARG A O   1 
ATOM   1302 C CB  . ARG A 1 170 ? -14.084 -4.421  -20.186 1.00 52.19 ? 170 ARG A CB  1 
ATOM   1303 C CG  . ARG A 1 170 ? -12.951 -4.184  -21.291 1.00 49.80 ? 170 ARG A CG  1 
ATOM   1304 C CD  . ARG A 1 170 ? -11.926 -5.292  -21.793 1.00 46.45 ? 170 ARG A CD  1 
ATOM   1305 N NE  . ARG A 1 170 ? -11.053 -4.692  -22.816 1.00 45.74 ? 170 ARG A NE  1 
ATOM   1306 C CZ  . ARG A 1 170 ? -9.818  -4.120  -22.593 1.00 44.21 ? 170 ARG A CZ  1 
ATOM   1307 N NH1 . ARG A 1 170 ? -9.183  -4.066  -21.391 1.00 42.66 ? 170 ARG A NH1 1 
ATOM   1308 N NH2 . ARG A 1 170 ? -9.293  -3.332  -23.559 1.00 41.58 ? 170 ARG A NH2 1 
ATOM   1309 N N   . GLY A 1 171 ? -17.134 -3.069  -18.382 1.00 47.62 ? 171 GLY A N   1 
ATOM   1310 C CA  . GLY A 1 171 ? -18.273 -3.452  -17.570 1.00 47.47 ? 171 GLY A CA  1 
ATOM   1311 C C   . GLY A 1 171 ? -18.355 -4.956  -17.280 1.00 49.16 ? 171 GLY A C   1 
ATOM   1312 O O   . GLY A 1 171 ? -17.664 -5.503  -16.431 1.00 47.84 ? 171 GLY A O   1 
ATOM   1313 N N   . LYS A 1 172 ? -19.095 -5.696  -18.090 1.00 49.52 ? 172 LYS A N   1 
ATOM   1314 C CA  . LYS A 1 172 ? -19.283 -7.094  -17.849 1.00 47.99 ? 172 LYS A CA  1 
ATOM   1315 C C   . LYS A 1 172 ? -17.956 -7.835  -17.986 1.00 47.13 ? 172 LYS A C   1 
ATOM   1316 O O   . LYS A 1 172 ? -17.739 -8.783  -17.234 1.00 45.62 ? 172 LYS A O   1 
ATOM   1317 C CB  . LYS A 1 172 ? -20.337 -7.569  -18.843 1.00 47.41 ? 172 LYS A CB  1 
ATOM   1318 N N   . ARG A 1 173 ? -17.070 -7.452  -18.908 1.00 45.42 ? 173 ARG A N   1 
ATOM   1319 C CA  . ARG A 1 173 ? -15.835 -8.171  -19.170 1.00 44.51 ? 173 ARG A CA  1 
ATOM   1320 C C   . ARG A 1 173 ? -14.632 -7.778  -18.348 1.00 43.31 ? 173 ARG A C   1 
ATOM   1321 O O   . ARG A 1 173 ? -13.543 -8.318  -18.615 1.00 43.49 ? 173 ARG A O   1 
ATOM   1322 C CB  . ARG A 1 173 ? -15.470 -8.016  -20.642 1.00 46.74 ? 173 ARG A CB  1 
ATOM   1323 C CG  . ARG A 1 173 ? -14.537 -9.084  -21.336 1.00 50.46 ? 173 ARG A CG  1 
ATOM   1324 C CD  . ARG A 1 173 ? -13.956 -8.552  -22.688 1.00 53.09 ? 173 ARG A CD  1 
ATOM   1325 N NE  . ARG A 1 173 ? -15.047 -7.904  -23.453 1.00 53.33 ? 173 ARG A NE  1 
ATOM   1326 C CZ  . ARG A 1 173 ? -14.974 -6.724  -24.108 1.00 52.73 ? 173 ARG A CZ  1 
ATOM   1327 N NH1 . ARG A 1 173 ? -13.852 -5.965  -24.162 1.00 51.37 ? 173 ARG A NH1 1 
ATOM   1328 N NH2 . ARG A 1 173 ? -16.106 -6.292  -24.686 1.00 52.27 ? 173 ARG A NH2 1 
ATOM   1329 N N   . GLY A 1 174 ? -14.769 -6.907  -17.351 1.00 42.86 ? 174 GLY A N   1 
ATOM   1330 C CA  . GLY A 1 174 ? -13.635 -6.395  -16.594 1.00 42.94 ? 174 GLY A CA  1 
ATOM   1331 C C   . GLY A 1 174 ? -12.775 -7.506  -15.965 1.00 43.96 ? 174 GLY A C   1 
ATOM   1332 O O   . GLY A 1 174 ? -11.590 -7.641  -16.309 1.00 45.66 ? 174 GLY A O   1 
ATOM   1333 N N   . GLN A 1 175 ? -13.329 -8.336  -15.068 1.00 41.93 ? 175 GLN A N   1 
ATOM   1334 C CA  . GLN A 1 175 ? -12.673 -9.436  -14.358 1.00 40.35 ? 175 GLN A CA  1 
ATOM   1335 C C   . GLN A 1 175 ? -12.029 -10.531 -15.197 1.00 41.13 ? 175 GLN A C   1 
ATOM   1336 O O   . GLN A 1 175 ? -11.107 -11.269 -14.839 1.00 41.88 ? 175 GLN A O   1 
ATOM   1337 C CB  . GLN A 1 175 ? -13.617 -10.174 -13.506 1.00 38.47 ? 175 GLN A CB  1 
ATOM   1338 C CG  . GLN A 1 175 ? -14.184 -9.526  -12.293 1.00 37.64 ? 175 GLN A CG  1 
ATOM   1339 C CD  . GLN A 1 175 ? -15.246 -10.407 -11.673 1.00 38.96 ? 175 GLN A CD  1 
ATOM   1340 O OE1 . GLN A 1 175 ? -15.134 -11.642 -11.591 1.00 37.46 ? 175 GLN A OE1 1 
ATOM   1341 N NE2 . GLN A 1 175 ? -16.316 -9.747  -11.257 1.00 39.41 ? 175 GLN A NE2 1 
ATOM   1342 N N   . ASP A 1 176 ? -12.601 -10.712 -16.356 1.00 41.59 ? 176 ASP A N   1 
ATOM   1343 C CA  . ASP A 1 176 ? -12.143 -11.734 -17.270 1.00 41.39 ? 176 ASP A CA  1 
ATOM   1344 C C   . ASP A 1 176 ? -10.925 -10.979 -17.745 1.00 38.41 ? 176 ASP A C   1 
ATOM   1345 O O   . ASP A 1 176 ? -9.886  -11.275 -17.172 1.00 37.87 ? 176 ASP A O   1 
ATOM   1346 C CB  . ASP A 1 176 ? -13.162 -11.998 -18.443 1.00 44.64 ? 176 ASP A CB  1 
ATOM   1347 C CG  . ASP A 1 176 ? -14.664 -12.351 -18.198 1.00 44.28 ? 176 ASP A CG  1 
ATOM   1348 O OD1 . ASP A 1 176 ? -15.320 -11.857 -17.244 1.00 43.32 ? 176 ASP A OD1 1 
ATOM   1349 O OD2 . ASP A 1 176 ? -15.183 -13.102 -19.050 1.00 45.43 ? 176 ASP A OD2 1 
ATOM   1350 N N   . ALA A 1 177 ? -11.073 -9.950  -18.575 1.00 35.51 ? 177 ALA A N   1 
ATOM   1351 C CA  . ALA A 1 177 ? -9.962  -9.166  -19.050 1.00 35.55 ? 177 ALA A CA  1 
ATOM   1352 C C   . ALA A 1 177 ? -8.794  -9.015  -18.092 1.00 36.51 ? 177 ALA A C   1 
ATOM   1353 O O   . ALA A 1 177 ? -7.641  -9.210  -18.519 1.00 39.87 ? 177 ALA A O   1 
ATOM   1354 C CB  . ALA A 1 177 ? -10.430 -7.786  -19.404 1.00 34.80 ? 177 ALA A CB  1 
ATOM   1355 N N   . MET A 1 178 ? -9.016  -8.752  -16.798 1.00 35.72 ? 178 MET A N   1 
ATOM   1356 C CA  . MET A 1 178 ? -7.986  -8.718  -15.737 1.00 35.22 ? 178 MET A CA  1 
ATOM   1357 C C   . MET A 1 178 ? -7.020  -9.962  -15.622 1.00 36.45 ? 178 MET A C   1 
ATOM   1358 O O   . MET A 1 178 ? -5.813  -9.934  -15.305 1.00 35.80 ? 178 MET A O   1 
ATOM   1359 C CB  . MET A 1 178 ? -8.795  -8.480  -14.496 1.00 33.57 ? 178 MET A CB  1 
ATOM   1360 C CG  . MET A 1 178 ? -7.997  -8.551  -13.244 1.00 35.93 ? 178 MET A CG  1 
ATOM   1361 S SD  . MET A 1 178 ? -9.116  -8.561  -11.830 1.00 40.67 ? 178 MET A SD  1 
ATOM   1362 C CE  . MET A 1 178 ? -8.415  -10.074 -11.267 1.00 36.12 ? 178 MET A CE  1 
ATOM   1363 N N   . TYR A 1 179 ? -7.522  -11.149 -15.899 1.00 37.41 ? 179 TYR A N   1 
ATOM   1364 C CA  . TYR A 1 179 ? -6.736  -12.365 -15.909 1.00 39.09 ? 179 TYR A CA  1 
ATOM   1365 C C   . TYR A 1 179 ? -5.686  -12.392 -16.956 1.00 39.51 ? 179 TYR A C   1 
ATOM   1366 O O   . TYR A 1 179 ? -4.583  -12.897 -16.802 1.00 40.99 ? 179 TYR A O   1 
ATOM   1367 C CB  . TYR A 1 179 ? -7.668  -13.544 -16.099 1.00 38.46 ? 179 TYR A CB  1 
ATOM   1368 C CG  . TYR A 1 179 ? -8.371  -13.682 -14.788 1.00 37.40 ? 179 TYR A CG  1 
ATOM   1369 C CD1 . TYR A 1 179 ? -7.608  -13.665 -13.624 1.00 36.84 ? 179 TYR A CD1 1 
ATOM   1370 C CD2 . TYR A 1 179 ? -9.740  -13.792 -14.750 1.00 36.98 ? 179 TYR A CD2 1 
ATOM   1371 C CE1 . TYR A 1 179 ? -8.223  -13.764 -12.391 1.00 37.76 ? 179 TYR A CE1 1 
ATOM   1372 C CE2 . TYR A 1 179 ? -10.355 -13.885 -13.508 1.00 37.39 ? 179 TYR A CE2 1 
ATOM   1373 C CZ  . TYR A 1 179 ? -9.599  -13.875 -12.338 1.00 38.10 ? 179 TYR A CZ  1 
ATOM   1374 O OH  . TYR A 1 179 ? -10.194 -14.017 -11.089 1.00 41.00 ? 179 TYR A OH  1 
ATOM   1375 N N   . GLU A 1 180 ? -6.099  -11.830 -18.049 1.00 40.34 ? 180 GLU A N   1 
ATOM   1376 C CA  . GLU A 1 180 ? -5.261  -11.712 -19.212 1.00 43.05 ? 180 GLU A CA  1 
ATOM   1377 C C   . GLU A 1 180 ? -4.084  -10.822 -18.806 1.00 42.13 ? 180 GLU A C   1 
ATOM   1378 O O   . GLU A 1 180 ? -2.906  -11.142 -18.964 1.00 40.65 ? 180 GLU A O   1 
ATOM   1379 C CB  . GLU A 1 180 ? -6.179  -11.132 -20.272 1.00 46.90 ? 180 GLU A CB  1 
ATOM   1380 C CG  . GLU A 1 180 ? -5.631  -10.795 -21.647 1.00 53.79 ? 180 GLU A CG  1 
ATOM   1381 C CD  . GLU A 1 180 ? -6.685  -9.973  -22.365 1.00 57.90 ? 180 GLU A CD  1 
ATOM   1382 O OE1 . GLU A 1 180 ? -7.610  -10.564 -22.970 1.00 57.67 ? 180 GLU A OE1 1 
ATOM   1383 O OE2 . GLU A 1 180 ? -6.565  -8.740  -22.256 1.00 59.31 ? 180 GLU A OE2 1 
ATOM   1384 N N   . TYR A 1 181 ? -4.458  -9.739  -18.135 1.00 41.79 ? 181 TYR A N   1 
ATOM   1385 C CA  . TYR A 1 181 ? -3.483  -8.823  -17.617 1.00 42.48 ? 181 TYR A CA  1 
ATOM   1386 C C   . TYR A 1 181 ? -2.546  -9.545  -16.682 1.00 42.73 ? 181 TYR A C   1 
ATOM   1387 O O   . TYR A 1 181 ? -1.341  -9.504  -16.873 1.00 42.72 ? 181 TYR A O   1 
ATOM   1388 C CB  . TYR A 1 181 ? -4.156  -7.702  -16.853 1.00 42.74 ? 181 TYR A CB  1 
ATOM   1389 C CG  . TYR A 1 181 ? -3.209  -6.626  -16.327 1.00 42.86 ? 181 TYR A CG  1 
ATOM   1390 C CD1 . TYR A 1 181 ? -2.567  -5.797  -17.247 1.00 42.58 ? 181 TYR A CD1 1 
ATOM   1391 C CD2 . TYR A 1 181 ? -3.055  -6.442  -14.937 1.00 42.45 ? 181 TYR A CD2 1 
ATOM   1392 C CE1 . TYR A 1 181 ? -1.775  -4.771  -16.795 1.00 43.69 ? 181 TYR A CE1 1 
ATOM   1393 C CE2 . TYR A 1 181 ? -2.269  -5.400  -14.473 1.00 42.10 ? 181 TYR A CE2 1 
ATOM   1394 C CZ  . TYR A 1 181 ? -1.655  -4.587  -15.423 1.00 44.29 ? 181 TYR A CZ  1 
ATOM   1395 O OH  . TYR A 1 181 ? -0.945  -3.501  -15.004 1.00 47.98 ? 181 TYR A OH  1 
ATOM   1396 N N   . MET A 1 182 ? -3.073  -10.235 -15.678 1.00 44.09 ? 182 MET A N   1 
ATOM   1397 C CA  . MET A 1 182 ? -2.239  -10.925 -14.704 1.00 43.44 ? 182 MET A CA  1 
ATOM   1398 C C   . MET A 1 182 ? -1.482  -12.070 -15.309 1.00 42.74 ? 182 MET A C   1 
ATOM   1399 O O   . MET A 1 182 ? -0.605  -12.618 -14.657 1.00 43.81 ? 182 MET A O   1 
ATOM   1400 C CB  . MET A 1 182 ? -3.059  -11.474 -13.575 1.00 43.95 ? 182 MET A CB  1 
ATOM   1401 C CG  . MET A 1 182 ? -3.580  -10.514 -12.529 1.00 42.80 ? 182 MET A CG  1 
ATOM   1402 S SD  . MET A 1 182 ? -4.654  -11.596 -11.549 1.00 43.91 ? 182 MET A SD  1 
ATOM   1403 C CE  . MET A 1 182 ? -3.344  -12.443 -10.709 1.00 40.83 ? 182 MET A CE  1 
ATOM   1404 N N   . ALA A 1 183 ? -1.784  -12.428 -16.548 1.00 43.75 ? 183 ALA A N   1 
ATOM   1405 C CA  . ALA A 1 183 ? -1.047  -13.436 -17.274 1.00 43.17 ? 183 ALA A CA  1 
ATOM   1406 C C   . ALA A 1 183 ? 0.129   -12.812 -18.011 1.00 44.01 ? 183 ALA A C   1 
ATOM   1407 O O   . ALA A 1 183 ? 0.875   -13.550 -18.663 1.00 44.98 ? 183 ALA A O   1 
ATOM   1408 C CB  . ALA A 1 183 ? -1.960  -14.090 -18.261 1.00 42.32 ? 183 ALA A CB  1 
ATOM   1409 N N   . GLN A 1 184 ? 0.389   -11.486 -17.963 1.00 43.37 ? 184 GLN A N   1 
ATOM   1410 C CA  . GLN A 1 184 ? 1.597   -10.878 -18.519 1.00 42.35 ? 184 GLN A CA  1 
ATOM   1411 C C   . GLN A 1 184 ? 2.770   -11.178 -17.613 1.00 42.65 ? 184 GLN A C   1 
ATOM   1412 O O   . GLN A 1 184 ? 3.862   -11.144 -18.120 1.00 43.42 ? 184 GLN A O   1 
ATOM   1413 C CB  . GLN A 1 184 ? 1.545   -9.365  -18.613 1.00 43.09 ? 184 GLN A CB  1 
ATOM   1414 C CG  . GLN A 1 184 ? 0.509   -8.838  -19.576 1.00 46.48 ? 184 GLN A CG  1 
ATOM   1415 C CD  . GLN A 1 184 ? 0.425   -7.320  -19.742 1.00 50.71 ? 184 GLN A CD  1 
ATOM   1416 O OE1 . GLN A 1 184 ? 0.985   -6.466  -19.029 1.00 53.41 ? 184 GLN A OE1 1 
ATOM   1417 N NE2 . GLN A 1 184 ? -0.326  -6.963  -20.783 1.00 52.55 ? 184 GLN A NE2 1 
ATOM   1418 N N   . ALA A 1 185 ? 2.739   -11.534 -16.322 1.00 42.79 ? 185 ALA A N   1 
ATOM   1419 C CA  . ALA A 1 185 ? 3.946   -11.763 -15.509 1.00 43.20 ? 185 ALA A CA  1 
ATOM   1420 C C   . ALA A 1 185 ? 4.807   -12.919 -15.930 1.00 44.00 ? 185 ALA A C   1 
ATOM   1421 O O   . ALA A 1 185 ? 5.988   -12.836 -16.224 1.00 45.00 ? 185 ALA A O   1 
ATOM   1422 C CB  . ALA A 1 185 ? 3.614   -12.035 -14.058 1.00 43.29 ? 185 ALA A CB  1 
ATOM   1423 N N   . CYS A 1 186 ? 4.155   -14.030 -16.086 1.00 45.65 ? 186 CYS A N   1 
ATOM   1424 C CA  . CYS A 1 186 ? 4.780   -15.258 -16.523 1.00 48.53 ? 186 CYS A CA  1 
ATOM   1425 C C   . CYS A 1 186 ? 5.389   -15.092 -17.920 1.00 48.32 ? 186 CYS A C   1 
ATOM   1426 O O   . CYS A 1 186 ? 6.176   -15.908 -18.411 1.00 47.29 ? 186 CYS A O   1 
ATOM   1427 C CB  . CYS A 1 186 ? 3.673   -16.313 -16.490 1.00 51.72 ? 186 CYS A CB  1 
ATOM   1428 S SG  . CYS A 1 186 ? 2.570   -16.116 -15.048 1.00 58.94 ? 186 CYS A SG  1 
ATOM   1429 N N   . ALA A 1 187 ? 4.919   -13.992 -18.528 1.00 49.65 ? 187 ALA A N   1 
ATOM   1430 C CA  . ALA A 1 187 ? 5.234   -13.522 -19.857 1.00 50.60 ? 187 ALA A CA  1 
ATOM   1431 C C   . ALA A 1 187 ? 5.763   -12.084 -19.885 1.00 50.63 ? 187 ALA A C   1 
ATOM   1432 O O   . ALA A 1 187 ? 5.623   -11.382 -20.908 1.00 52.62 ? 187 ALA A O   1 
ATOM   1433 C CB  . ALA A 1 187 ? 3.968   -13.594 -20.700 1.00 51.22 ? 187 ALA A CB  1 
ATOM   1434 N N   . GLY A 1 188 ? 6.374   -11.623 -18.783 1.00 49.30 ? 188 GLY A N   1 
ATOM   1435 C CA  . GLY A 1 188 ? 6.783   -10.242 -18.728 1.00 46.52 ? 188 GLY A CA  1 
ATOM   1436 C C   . GLY A 1 188 ? 6.985   -9.777  -17.321 1.00 45.89 ? 188 GLY A C   1 
ATOM   1437 O O   . GLY A 1 188 ? 6.475   -8.825  -16.696 1.00 45.04 ? 188 GLY A O   1 
ATOM   1438 N N   . ASN A 1 189 ? 7.843   -10.663 -16.917 1.00 46.40 ? 189 ASN A N   1 
ATOM   1439 C CA  . ASN A 1 189 ? 8.635   -10.393 -15.757 1.00 50.29 ? 189 ASN A CA  1 
ATOM   1440 C C   . ASN A 1 189 ? 10.027  -10.624 -16.390 1.00 53.25 ? 189 ASN A C   1 
ATOM   1441 O O   . ASN A 1 189 ? 10.985  -10.820 -15.615 1.00 53.64 ? 189 ASN A O   1 
ATOM   1442 C CB  . ASN A 1 189 ? 8.357   -11.419 -14.634 1.00 49.09 ? 189 ASN A CB  1 
ATOM   1443 N N   . ARG A 1 190 ? 10.173  -10.514 -17.765 1.00 54.28 ? 190 ARG A N   1 
ATOM   1444 C CA  . ARG A 1 190 ? 11.312  -10.986 -18.588 1.00 49.91 ? 190 ARG A CA  1 
ATOM   1445 C C   . ARG A 1 190 ? 11.376  -10.360 -20.017 1.00 51.87 ? 190 ARG A C   1 
ATOM   1446 O O   . ARG A 1 190 ? 10.304  -10.132 -20.627 1.00 49.36 ? 190 ARG A O   1 
ATOM   1447 C CB  . ARG A 1 190 ? 11.216  -12.577 -18.660 1.00 47.39 ? 190 ARG A CB  1 
ATOM   1448 C CG  . ARG A 1 190 ? 9.795   -13.208 -18.627 1.00 42.83 ? 190 ARG A CG  1 
ATOM   1449 C CD  . ARG A 1 190 ? 9.707   -14.741 -18.457 1.00 43.80 ? 190 ARG A CD  1 
ATOM   1450 N NE  . ARG A 1 190 ? 10.405  -15.320 -17.296 1.00 45.56 ? 190 ARG A NE  1 
ATOM   1451 C CZ  . ARG A 1 190 ? 11.170  -16.432 -17.424 1.00 46.21 ? 190 ARG A CZ  1 
ATOM   1452 N NH1 . ARG A 1 190 ? 11.313  -17.045 -18.627 1.00 45.35 ? 190 ARG A NH1 1 
ATOM   1453 N NH2 . ARG A 1 190 ? 11.827  -16.930 -16.357 1.00 44.75 ? 190 ARG A NH2 1 
ATOM   1454 O OXT . ARG A 1 190 ? 12.493  -10.110 -20.510 1.00 49.90 ? 190 ARG A OXT 1 
HETATM 1455 P PA  . APU B 2 .   ? -11.336 -1.557  -0.379  1.00 38.14 ? 200 APU A PA  1 
HETATM 1456 O O1A . APU B 2 .   ? -12.284 -2.098  -1.344  1.00 42.90 ? 200 APU A O1A 1 
HETATM 1457 O O2A . APU B 2 .   ? -11.723 -1.415  1.032   1.00 40.05 ? 200 APU A O2A 1 
HETATM 1458 O O5B . APU B 2 .   ? -7.319  1.309   1.171   1.00 51.42 ? 200 APU A O5B 1 
HETATM 1459 C C5B . APU B 2 .   ? -8.486  2.179   1.051   1.00 44.60 ? 200 APU A C5B 1 
HETATM 1460 C C4B . APU B 2 .   ? -9.815  1.500   0.647   1.00 43.30 ? 200 APU A C4B 1 
HETATM 1461 O O4B . APU B 2 .   ? -10.586 2.622   0.174   1.00 41.80 ? 200 APU A O4B 1 
HETATM 1462 C C3B . APU B 2 .   ? -9.719  0.566   -0.575  1.00 42.44 ? 200 APU A C3B 1 
HETATM 1463 O O3B . APU B 2 .   ? -10.887 -0.158  -0.943  1.00 38.11 ? 200 APU A O3B 1 
HETATM 1464 C C2B . APU B 2 .   ? -9.551  1.575   -1.701  1.00 43.93 ? 200 APU A C2B 1 
HETATM 1465 O O2B . APU B 2 .   ? -9.744  0.923   -3.008  1.00 47.89 ? 200 APU A O2B 1 
HETATM 1466 C C1B . APU B 2 .   ? -10.570 2.654   -1.262  1.00 41.42 ? 200 APU A C1B 1 
HETATM 1467 N N9A . APU B 2 .   ? -10.483 4.018   -1.909  1.00 43.00 ? 200 APU A N9A 1 
HETATM 1468 C C8A . APU B 2 .   ? -11.374 4.487   -2.866  1.00 43.53 ? 200 APU A C8A 1 
HETATM 1469 N N7A . APU B 2 .   ? -11.279 5.765   -3.176  1.00 42.58 ? 200 APU A N7A 1 
HETATM 1470 C C5A . APU B 2 .   ? -10.107 6.133   -2.506  1.00 44.08 ? 200 APU A C5A 1 
HETATM 1471 C C6A . APU B 2 .   ? -9.333  7.295   -2.584  1.00 39.10 ? 200 APU A C6A 1 
HETATM 1472 N N6A . APU B 2 .   ? -9.529  8.146   -3.569  1.00 35.91 ? 200 APU A N6A 1 
HETATM 1473 N N1A . APU B 2 .   ? -8.362  7.455   -1.673  1.00 35.54 ? 200 APU A N1A 1 
HETATM 1474 C C2A . APU B 2 .   ? -8.030  6.442   -0.874  1.00 34.65 ? 200 APU A C2A 1 
HETATM 1475 N N3A . APU B 2 .   ? -8.523  5.213   -0.889  1.00 38.18 ? 200 APU A N3A 1 
HETATM 1476 C C4A . APU B 2 .   ? -9.626  5.116   -1.690  1.00 43.26 ? 200 APU A C4A 1 
HETATM 1477 N N1U . APU B 2 .   ? -6.007  -2.854  -0.589  1.00 35.03 ? 200 APU A N1U 1 
HETATM 1478 C C2U . APU B 2 .   ? -4.747  -3.395  -0.577  1.00 34.00 ? 200 APU A C2U 1 
HETATM 1479 O O2U . APU B 2 .   ? -4.257  -4.029  0.387   1.00 32.33 ? 200 APU A O2U 1 
HETATM 1480 N N3U . APU B 2 .   ? -4.049  -3.186  -1.781  1.00 34.47 ? 200 APU A N3U 1 
HETATM 1481 C C4U . APU B 2 .   ? -4.445  -2.421  -2.845  1.00 31.29 ? 200 APU A C4U 1 
HETATM 1482 O O4U . APU B 2 .   ? -3.599  -2.130  -3.668  1.00 31.66 ? 200 APU A O4U 1 
HETATM 1483 C C5U . APU B 2 .   ? -5.816  -2.028  -2.835  1.00 29.42 ? 200 APU A C5U 1 
HETATM 1484 C C6U . APU B 2 .   ? -6.543  -2.252  -1.721  1.00 33.19 ? 200 APU A C6U 1 
HETATM 1485 C C1D . APU B 2 .   ? -6.814  -3.394  0.465   1.00 36.13 ? 200 APU A C1D 1 
HETATM 1486 C C2D . APU B 2 .   ? -7.259  -2.361  1.419   1.00 37.90 ? 200 APU A C2D 1 
HETATM 1487 O O2D . APU B 2 .   ? -6.188  -2.262  2.347   1.00 39.36 ? 200 APU A O2D 1 
HETATM 1488 C C3D . APU B 2 .   ? -8.465  -3.070  2.047   1.00 38.39 ? 200 APU A C3D 1 
HETATM 1489 O O3D . APU B 2 .   ? -8.089  -3.775  3.246   1.00 41.94 ? 200 APU A O3D 1 
HETATM 1490 C C4D . APU B 2 .   ? -8.915  -4.057  0.934   1.00 38.54 ? 200 APU A C4D 1 
HETATM 1491 O O4D . APU B 2 .   ? -7.878  -4.157  -0.050  1.00 33.38 ? 200 APU A O4D 1 
HETATM 1492 O O5D . APU B 2 .   ? -10.167 -2.498  -0.480  1.00 37.15 ? 200 APU A O5D 1 
HETATM 1493 C C5D . APU B 2 .   ? -10.243 -3.711  0.201   1.00 35.36 ? 200 APU A C5D 1 
HETATM 1494 P PU  . APU B 2 .   ? -9.186  -3.943  4.444   1.00 46.74 ? 200 APU A PU  1 
HETATM 1495 O O1X . APU B 2 .   ? -10.501 -4.519  3.787   1.00 49.21 ? 200 APU A O1X 1 
HETATM 1496 O O2X . APU B 2 .   ? -9.651  -2.641  4.981   1.00 42.97 ? 200 APU A O2X 1 
HETATM 1497 O O3X . APU B 2 .   ? -8.722  -5.012  5.368   1.00 49.64 ? 200 APU A O3X 1 
HETATM 1498 O O   . HOH C 3 .   ? 18.432  -3.262  21.456  1.00 40.63 ? 201 HOH A O   1 
HETATM 1499 O O   . HOH C 3 .   ? 21.149  -6.387  22.438  1.00 49.03 ? 202 HOH A O   1 
HETATM 1500 O O   . HOH C 3 .   ? 20.949  -3.410  25.109  1.00 41.68 ? 203 HOH A O   1 
HETATM 1501 O O   . HOH C 3 .   ? 16.513  -4.050  24.643  1.00 49.38 ? 204 HOH A O   1 
HETATM 1502 O O   . HOH C 3 .   ? 10.977  -2.923  -1.791  1.00 33.77 ? 205 HOH A O   1 
HETATM 1503 O O   . HOH C 3 .   ? -3.032  3.078   -19.895 1.00 49.62 ? 206 HOH A O   1 
HETATM 1504 O O   . HOH C 3 .   ? -15.527 -15.083 -21.736 1.00 42.74 ? 207 HOH A O   1 
HETATM 1505 O O   . HOH C 3 .   ? -7.874  18.012  -9.009  1.00 39.05 ? 208 HOH A O   1 
# 
